data_4G4E
#
_entry.id   4G4E
#
_cell.length_a   76.275
_cell.length_b   167.122
_cell.length_c   90.313
_cell.angle_alpha   90.00
_cell.angle_beta   105.86
_cell.angle_gamma   90.00
#
_symmetry.space_group_name_H-M   'P 1 21 1'
#
_entity_poly.entity_id   1
_entity_poly.type   'polypeptide(L)'
_entity_poly.pdbx_seq_one_letter_code
;TTIVSVRRNGHVVIAGDGQATLGNTVMKGNVKKVRRLYNDKVIAGFAGGTADAFTLFELFERKLEMHQGHLVKAAVELAK
DWRTDRMARKLEALLAVADETASLIITGNGDVVQPENDLIAIGSGGPYAQAAARALLENTELSAREIAEKALDIAGDICI
YTNHFHTIEELSYK
;
_entity_poly.pdbx_strand_id   A,B,C,D,E,F,G,H,I,J,K,L
#
# COMPACT_ATOMS: atom_id res chain seq x y z
N THR A 1 -11.76 19.74 14.75
CA THR A 1 -12.38 20.91 15.37
C THR A 1 -13.87 20.98 15.02
N THR A 2 -14.59 21.90 15.65
CA THR A 2 -16.02 22.05 15.38
C THR A 2 -16.51 23.50 15.44
N ILE A 3 -17.17 23.93 14.35
CA ILE A 3 -17.80 25.25 14.29
C ILE A 3 -19.30 25.13 14.08
N VAL A 4 -20.09 25.74 14.95
CA VAL A 4 -21.56 25.65 14.84
C VAL A 4 -22.16 27.03 14.67
N SER A 5 -23.18 27.14 13.81
CA SER A 5 -23.91 28.39 13.68
C SER A 5 -25.41 28.12 13.68
N VAL A 6 -26.13 28.83 14.55
CA VAL A 6 -27.57 28.65 14.69
C VAL A 6 -28.21 30.02 14.57
N ARG A 7 -29.36 30.11 13.88
CA ARG A 7 -30.08 31.37 13.77
C ARG A 7 -31.52 31.18 14.21
N ARG A 8 -31.98 32.01 15.14
CA ARG A 8 -33.33 31.84 15.68
C ARG A 8 -33.80 33.08 16.42
N ASN A 9 -34.97 33.58 16.03
CA ASN A 9 -35.60 34.74 16.66
C ASN A 9 -34.81 36.06 16.63
N GLY A 10 -34.31 36.44 15.46
CA GLY A 10 -33.54 37.66 15.34
C GLY A 10 -32.18 37.57 16.01
N HIS A 11 -31.73 36.36 16.26
CA HIS A 11 -30.38 36.11 16.76
C HIS A 11 -29.63 35.18 15.86
N VAL A 12 -28.31 35.36 15.76
CA VAL A 12 -27.49 34.38 15.08
C VAL A 12 -26.17 34.27 15.83
N VAL A 13 -25.69 33.04 16.04
CA VAL A 13 -24.44 32.87 16.76
C VAL A 13 -23.49 31.97 15.99
N ILE A 14 -22.20 32.10 16.31
CA ILE A 14 -21.23 31.11 15.87
C ILE A 14 -20.39 30.68 17.05
N ALA A 15 -20.26 29.36 17.23
CA ALA A 15 -19.50 28.80 18.33
C ALA A 15 -18.42 27.86 17.78
N GLY A 16 -17.25 27.87 18.42
CA GLY A 16 -16.18 26.98 18.02
C GLY A 16 -15.40 26.49 19.22
N ASP A 17 -14.73 25.34 19.07
CA ASP A 17 -13.91 24.82 20.17
C ASP A 17 -12.55 25.50 20.14
N GLY A 18 -11.58 24.96 20.88
CA GLY A 18 -10.26 25.56 20.96
C GLY A 18 -9.11 24.58 20.73
N GLN A 19 -9.43 23.38 20.26
CA GLN A 19 -8.41 22.34 20.15
C GLN A 19 -7.59 22.42 18.87
N ALA A 20 -6.27 22.36 19.03
CA ALA A 20 -5.34 22.26 17.90
C ALA A 20 -4.58 20.93 18.05
N THR A 21 -4.73 20.04 17.07
CA THR A 21 -4.19 18.70 17.21
C THR A 21 -3.06 18.46 16.23
N LEU A 22 -1.97 17.90 16.73
CA LEU A 22 -0.85 17.51 15.89
C LEU A 22 -0.58 16.03 16.07
N GLY A 23 -0.99 15.22 15.10
CA GLY A 23 -0.87 13.78 15.23
C GLY A 23 -1.97 13.25 16.12
N ASN A 24 -1.59 12.87 17.33
CA ASN A 24 -2.55 12.40 18.31
C ASN A 24 -2.41 13.22 19.58
N THR A 25 -1.66 14.32 19.47
CA THR A 25 -1.36 15.17 20.62
C THR A 25 -2.02 16.54 20.52
N VAL A 26 -2.38 17.10 21.67
CA VAL A 26 -2.92 18.45 21.65
C VAL A 26 -1.82 19.52 21.80
N MET A 27 -1.68 20.32 20.75
CA MET A 27 -0.69 21.38 20.74
C MET A 27 -1.20 22.50 21.63
N LYS A 28 -2.47 22.84 21.45
CA LYS A 28 -3.06 24.00 22.10
C LYS A 28 -4.54 23.72 22.30
N GLY A 29 -5.11 24.22 23.40
CA GLY A 29 -6.50 23.95 23.72
C GLY A 29 -7.39 25.19 23.82
N ASN A 30 -6.83 26.37 23.56
CA ASN A 30 -7.59 27.61 23.71
C ASN A 30 -7.50 28.45 22.46
N VAL A 31 -7.52 27.79 21.30
CA VAL A 31 -7.52 28.52 20.04
C VAL A 31 -8.80 29.31 19.89
N LYS A 32 -8.66 30.57 19.45
CA LYS A 32 -9.81 31.38 19.16
C LYS A 32 -10.22 31.14 17.72
N LYS A 33 -11.35 30.46 17.50
CA LYS A 33 -11.77 30.11 16.16
C LYS A 33 -12.94 30.95 15.67
N VAL A 34 -13.38 31.91 16.50
CA VAL A 34 -14.52 32.73 16.16
C VAL A 34 -14.18 34.19 16.44
N ARG A 35 -14.48 35.05 15.47
CA ARG A 35 -14.21 36.49 15.64
C ARG A 35 -15.32 37.34 15.08
N ARG A 36 -15.24 38.64 15.35
CA ARG A 36 -16.14 39.61 14.75
C ARG A 36 -15.41 40.39 13.68
N LEU A 37 -16.16 40.88 12.69
CA LEU A 37 -15.58 41.66 11.61
C LEU A 37 -16.43 42.89 11.35
N TYR A 38 -15.94 43.71 10.41
CA TYR A 38 -16.68 44.84 9.84
C TYR A 38 -17.46 45.62 10.87
N ASN A 39 -16.75 46.30 11.76
CA ASN A 39 -17.36 47.05 12.84
C ASN A 39 -18.28 46.21 13.71
N ASP A 40 -17.92 44.94 13.87
CA ASP A 40 -18.61 44.04 14.78
C ASP A 40 -20.09 43.83 14.47
N LYS A 41 -20.44 43.78 13.20
CA LYS A 41 -21.79 43.40 12.83
C LYS A 41 -21.73 42.24 11.85
N VAL A 42 -20.55 41.64 11.78
CA VAL A 42 -20.35 40.40 11.05
C VAL A 42 -19.55 39.44 11.93
N ILE A 43 -20.02 38.19 12.03
CA ILE A 43 -19.29 37.20 12.81
C ILE A 43 -18.77 36.08 11.90
N ALA A 44 -17.62 35.52 12.25
CA ALA A 44 -17.03 34.46 11.45
C ALA A 44 -16.28 33.40 12.27
N GLY A 45 -16.37 32.15 11.82
CA GLY A 45 -15.68 31.06 12.46
C GLY A 45 -14.93 30.24 11.42
N PHE A 46 -13.78 29.68 11.79
CA PHE A 46 -12.98 28.94 10.82
C PHE A 46 -12.58 27.57 11.32
N ALA A 47 -12.31 26.68 10.37
CA ALA A 47 -11.84 25.33 10.65
C ALA A 47 -10.68 25.02 9.72
N GLY A 48 -9.54 24.61 10.27
CA GLY A 48 -8.38 24.30 9.47
C GLY A 48 -7.08 24.86 10.03
N GLY A 49 -6.10 25.06 9.16
CA GLY A 49 -4.84 25.67 9.57
C GLY A 49 -5.01 27.14 9.90
N THR A 50 -4.32 27.59 10.95
CA THR A 50 -4.47 28.95 11.43
C THR A 50 -4.07 29.97 10.37
N ALA A 51 -3.15 29.58 9.50
CA ALA A 51 -2.65 30.47 8.46
C ALA A 51 -3.64 30.66 7.34
N ASP A 52 -3.95 29.56 6.66
CA ASP A 52 -4.83 29.58 5.49
C ASP A 52 -6.17 30.24 5.80
N ALA A 53 -6.65 30.02 7.01
CA ALA A 53 -7.92 30.59 7.43
C ALA A 53 -7.77 32.08 7.70
N PHE A 54 -6.60 32.48 8.19
CA PHE A 54 -6.35 33.88 8.49
C PHE A 54 -6.16 34.66 7.21
N THR A 55 -5.66 33.97 6.21
CA THR A 55 -5.60 34.49 4.85
C THR A 55 -7.01 34.84 4.41
N LEU A 56 -7.89 33.85 4.58
CA LEU A 56 -9.29 33.98 4.19
C LEU A 56 -9.99 35.13 4.88
N PHE A 57 -9.64 35.40 6.13
CA PHE A 57 -10.24 36.51 6.88
C PHE A 57 -10.03 37.83 6.17
N GLU A 58 -8.76 38.19 6.04
CA GLU A 58 -8.35 39.43 5.41
C GLU A 58 -8.90 39.48 4.00
N LEU A 59 -8.77 38.37 3.31
CA LEU A 59 -9.23 38.27 1.93
C LEU A 59 -10.73 38.47 1.84
N PHE A 60 -11.43 38.06 2.90
CA PHE A 60 -12.87 38.21 2.99
C PHE A 60 -13.24 39.58 3.55
N GLU A 61 -12.55 40.00 4.60
CA GLU A 61 -12.81 41.28 5.23
C GLU A 61 -12.57 42.40 4.23
N ARG A 62 -11.66 42.14 3.29
CA ARG A 62 -11.36 43.09 2.22
C ARG A 62 -12.59 43.27 1.35
N LYS A 63 -13.09 42.15 0.82
CA LYS A 63 -14.24 42.15 -0.07
C LYS A 63 -15.49 42.75 0.57
N LEU A 64 -15.53 42.75 1.90
CA LEU A 64 -16.66 43.32 2.63
C LEU A 64 -16.71 44.82 2.45
N GLU A 65 -15.56 45.47 2.68
CA GLU A 65 -15.43 46.90 2.45
C GLU A 65 -15.57 47.18 0.97
N MET A 66 -14.83 46.42 0.17
CA MET A 66 -14.85 46.54 -1.29
C MET A 66 -16.26 46.39 -1.86
N HIS A 67 -17.14 45.78 -1.09
CA HIS A 67 -18.52 45.62 -1.51
C HIS A 67 -19.48 46.03 -0.41
N GLN A 68 -19.31 47.25 0.09
CA GLN A 68 -20.37 47.92 0.85
C GLN A 68 -20.63 47.32 2.24
N GLY A 69 -20.30 46.05 2.42
CA GLY A 69 -20.63 45.33 3.64
C GLY A 69 -21.72 44.34 3.32
N HIS A 70 -21.97 44.17 2.03
CA HIS A 70 -22.92 43.18 1.55
C HIS A 70 -22.28 41.81 1.70
N LEU A 71 -22.84 41.01 2.62
CA LEU A 71 -22.29 39.71 2.98
C LEU A 71 -22.19 38.75 1.80
N VAL A 72 -23.31 38.55 1.12
CA VAL A 72 -23.41 37.57 0.06
C VAL A 72 -22.50 37.88 -1.12
N LYS A 73 -22.55 39.13 -1.62
CA LYS A 73 -21.70 39.53 -2.75
C LYS A 73 -20.22 39.42 -2.43
N ALA A 74 -19.82 39.90 -1.24
CA ALA A 74 -18.44 39.83 -0.80
C ALA A 74 -17.93 38.40 -0.81
N ALA A 75 -18.79 37.47 -0.41
CA ALA A 75 -18.43 36.06 -0.43
C ALA A 75 -18.37 35.52 -1.86
N VAL A 76 -19.31 35.92 -2.70
CA VAL A 76 -19.38 35.44 -4.09
C VAL A 76 -18.17 35.91 -4.89
N GLU A 77 -17.80 37.17 -4.68
CA GLU A 77 -16.63 37.74 -5.34
C GLU A 77 -15.39 36.96 -4.94
N LEU A 78 -15.27 36.66 -3.65
CA LEU A 78 -14.15 35.89 -3.14
C LEU A 78 -14.05 34.51 -3.78
N ALA A 79 -15.19 33.94 -4.15
CA ALA A 79 -15.24 32.63 -4.78
C ALA A 79 -14.50 32.60 -6.10
N LYS A 80 -14.40 33.76 -6.73
CA LYS A 80 -13.66 33.88 -7.97
C LYS A 80 -12.15 34.04 -7.73
N ASP A 81 -11.81 34.87 -6.73
CA ASP A 81 -10.42 35.11 -6.33
C ASP A 81 -9.69 33.90 -5.80
N TRP A 82 -10.44 32.85 -5.52
CA TRP A 82 -9.86 31.63 -5.02
C TRP A 82 -10.08 30.55 -6.05
N ARG A 83 -10.36 31.00 -7.25
CA ARG A 83 -10.62 30.09 -8.33
C ARG A 83 -9.84 30.58 -9.53
N ARG A 89 -3.55 28.58 -4.31
CA ARG A 89 -4.83 27.98 -4.67
C ARG A 89 -5.53 27.59 -3.42
N LYS A 90 -5.94 26.33 -3.43
CA LYS A 90 -6.45 25.61 -2.30
C LYS A 90 -5.49 25.63 -1.13
N LEU A 91 -5.77 26.71 -0.67
CA LEU A 91 -6.05 26.96 0.72
C LEU A 91 -6.72 25.78 1.31
N GLU A 92 -6.33 25.31 2.48
CA GLU A 92 -7.27 24.31 2.98
C GLU A 92 -7.81 24.75 4.32
N ALA A 93 -9.00 25.34 4.27
CA ALA A 93 -9.68 25.82 5.45
C ALA A 93 -11.14 25.98 5.09
N LEU A 94 -11.98 26.07 6.11
CA LEU A 94 -13.39 26.34 5.90
C LEU A 94 -13.75 27.56 6.70
N LEU A 95 -14.69 28.34 6.17
CA LEU A 95 -15.07 29.58 6.79
C LEU A 95 -16.58 29.65 7.00
N ALA A 96 -16.99 29.91 8.23
CA ALA A 96 -18.41 30.11 8.51
C ALA A 96 -18.67 31.59 8.74
N VAL A 97 -19.57 32.17 7.96
CA VAL A 97 -19.76 33.60 7.99
C VAL A 97 -21.24 33.92 8.13
N ALA A 98 -21.58 34.88 9.00
CA ALA A 98 -22.99 35.22 9.20
C ALA A 98 -23.18 36.68 9.58
N ASP A 99 -24.31 37.25 9.14
CA ASP A 99 -24.71 38.57 9.59
C ASP A 99 -26.22 38.63 9.87
N GLU A 100 -26.75 39.84 9.88
CA GLU A 100 -28.16 40.08 10.09
C GLU A 100 -29.02 39.45 9.00
N THR A 101 -28.44 39.32 7.81
CA THR A 101 -29.21 38.96 6.63
C THR A 101 -29.11 37.49 6.27
N ALA A 102 -27.89 36.99 6.15
CA ALA A 102 -27.68 35.62 5.72
C ALA A 102 -26.57 34.92 6.49
N SER A 103 -26.38 33.64 6.18
CA SER A 103 -25.32 32.85 6.80
C SER A 103 -24.77 31.94 5.73
N LEU A 104 -23.46 31.87 5.58
CA LEU A 104 -22.87 31.01 4.55
C LEU A 104 -21.59 30.32 4.97
N ILE A 105 -21.22 29.35 4.16
CA ILE A 105 -19.96 28.66 4.31
C ILE A 105 -19.12 28.93 3.09
N ILE A 106 -17.84 29.25 3.29
CA ILE A 106 -16.92 29.48 2.21
C ILE A 106 -15.82 28.44 2.30
N THR A 107 -15.69 27.61 1.27
CA THR A 107 -14.81 26.46 1.34
C THR A 107 -13.49 26.65 0.57
N GLY A 108 -12.64 25.63 0.63
CA GLY A 108 -11.33 25.63 0.02
C GLY A 108 -11.30 25.73 -1.50
N ASN A 109 -12.19 24.99 -2.16
CA ASN A 109 -12.23 25.00 -3.62
C ASN A 109 -12.73 26.34 -4.15
N GLY A 110 -13.34 27.11 -3.27
CA GLY A 110 -13.89 28.40 -3.63
C GLY A 110 -15.39 28.32 -3.80
N ASP A 111 -16.03 27.35 -3.16
CA ASP A 111 -17.48 27.25 -3.20
C ASP A 111 -18.11 28.13 -2.13
N VAL A 112 -19.33 28.58 -2.39
CA VAL A 112 -20.09 29.29 -1.39
C VAL A 112 -21.38 28.54 -1.20
N VAL A 113 -21.66 28.14 0.03
CA VAL A 113 -22.77 27.25 0.29
C VAL A 113 -23.76 27.88 1.28
N GLN A 114 -25.04 27.87 0.91
CA GLN A 114 -26.09 28.31 1.81
C GLN A 114 -26.64 27.08 2.50
N PRO A 115 -26.36 26.93 3.81
CA PRO A 115 -26.90 25.82 4.61
C PRO A 115 -28.43 25.78 4.61
N GLU A 116 -29.01 24.62 4.92
CA GLU A 116 -30.43 24.40 4.75
C GLU A 116 -31.31 25.37 5.54
N ASN A 117 -31.17 25.37 6.85
CA ASN A 117 -31.93 26.30 7.67
C ASN A 117 -31.03 27.28 8.36
N ASP A 118 -30.02 27.75 7.62
CA ASP A 118 -28.98 28.59 8.19
C ASP A 118 -28.30 27.90 9.36
N LEU A 119 -28.37 26.57 9.37
CA LEU A 119 -27.66 25.80 10.37
C LEU A 119 -26.32 25.35 9.80
N ILE A 120 -25.24 25.80 10.42
CA ILE A 120 -23.92 25.46 9.94
C ILE A 120 -23.19 24.58 10.96
N ALA A 121 -22.64 23.48 10.47
CA ALA A 121 -21.85 22.60 11.33
C ALA A 121 -20.69 22.06 10.50
N ILE A 122 -19.51 22.65 10.66
CA ILE A 122 -18.35 22.26 9.86
C ILE A 122 -17.20 21.89 10.78
N GLY A 123 -16.23 21.17 10.24
CA GLY A 123 -15.14 20.63 11.04
C GLY A 123 -15.25 19.12 11.23
N SER A 124 -14.30 18.54 11.94
CA SER A 124 -14.29 17.10 12.12
C SER A 124 -15.50 16.71 12.92
N GLY A 125 -15.87 17.55 13.89
CA GLY A 125 -17.00 17.25 14.74
C GLY A 125 -18.29 17.85 14.26
N GLY A 126 -18.24 18.46 13.09
CA GLY A 126 -19.39 19.07 12.45
C GLY A 126 -20.67 18.25 12.47
N PRO A 127 -20.65 17.02 11.91
CA PRO A 127 -21.87 16.23 11.79
C PRO A 127 -22.55 15.92 13.14
N TYR A 128 -21.75 15.69 14.19
CA TYR A 128 -22.30 15.40 15.50
C TYR A 128 -23.01 16.63 16.04
N ALA A 129 -22.42 17.82 15.85
CA ALA A 129 -23.05 19.04 16.29
C ALA A 129 -24.33 19.29 15.50
N GLN A 130 -24.32 18.89 14.22
CA GLN A 130 -25.48 19.08 13.34
C GLN A 130 -26.66 18.26 13.86
N ALA A 131 -26.35 17.04 14.28
CA ALA A 131 -27.36 16.13 14.79
C ALA A 131 -28.00 16.65 16.08
N ALA A 132 -27.16 17.12 17.01
CA ALA A 132 -27.65 17.69 18.26
C ALA A 132 -28.44 18.98 18.01
N ALA A 133 -27.95 19.82 17.10
CA ALA A 133 -28.56 21.12 16.86
C ALA A 133 -29.92 20.93 16.21
N ARG A 134 -29.95 20.06 15.19
CA ARG A 134 -31.17 19.74 14.48
C ARG A 134 -32.23 19.21 15.45
N ALA A 135 -31.80 18.40 16.40
CA ALA A 135 -32.72 17.85 17.38
C ALA A 135 -33.32 18.98 18.21
N LEU A 136 -32.45 19.81 18.80
CA LEU A 136 -32.86 20.88 19.69
C LEU A 136 -33.75 21.88 18.98
N LEU A 137 -33.40 22.18 17.74
CA LEU A 137 -34.13 23.10 16.91
C LEU A 137 -35.58 22.66 16.75
N GLU A 138 -35.76 21.37 16.44
CA GLU A 138 -37.06 20.84 16.04
C GLU A 138 -37.90 20.36 17.21
N ASN A 139 -37.36 20.40 18.42
CA ASN A 139 -38.04 19.81 19.56
C ASN A 139 -37.95 20.65 20.84
N THR A 140 -37.27 21.80 20.77
CA THR A 140 -37.24 22.68 21.92
C THR A 140 -37.49 24.10 21.52
N GLU A 141 -37.44 24.95 22.53
CA GLU A 141 -37.69 26.33 22.37
C GLU A 141 -36.48 27.10 22.78
N LEU A 142 -35.34 26.43 22.72
CA LEU A 142 -34.11 27.02 23.18
C LEU A 142 -33.65 28.14 22.26
N SER A 143 -32.82 29.02 22.81
CA SER A 143 -32.29 30.12 22.03
C SER A 143 -31.17 29.65 21.12
N ALA A 144 -30.88 30.43 20.09
CA ALA A 144 -29.84 30.10 19.14
C ALA A 144 -28.49 29.94 19.84
N ARG A 145 -28.28 30.67 20.93
CA ARG A 145 -27.04 30.59 21.67
C ARG A 145 -27.01 29.32 22.52
N GLU A 146 -28.14 28.99 23.14
CA GLU A 146 -28.22 27.80 23.96
C GLU A 146 -28.03 26.56 23.09
N ILE A 147 -28.70 26.52 21.93
CA ILE A 147 -28.57 25.38 21.05
C ILE A 147 -27.14 25.18 20.52
N ALA A 148 -26.52 26.25 20.04
CA ALA A 148 -25.15 26.18 19.54
C ALA A 148 -24.16 25.70 20.61
N GLU A 149 -24.32 26.19 21.84
CA GLU A 149 -23.40 25.85 22.91
C GLU A 149 -23.57 24.37 23.27
N LYS A 150 -24.81 23.92 23.38
CA LYS A 150 -25.11 22.57 23.82
C LYS A 150 -24.68 21.57 22.74
N ALA A 151 -24.79 21.97 21.48
CA ALA A 151 -24.41 21.12 20.35
C ALA A 151 -22.89 20.98 20.29
N LEU A 152 -22.18 22.07 20.61
CA LEU A 152 -20.72 22.09 20.64
C LEU A 152 -20.16 21.18 21.75
N ASP A 153 -20.86 21.11 22.88
CA ASP A 153 -20.39 20.29 23.99
C ASP A 153 -20.49 18.83 23.62
N ILE A 154 -21.62 18.47 23.00
CA ILE A 154 -21.87 17.10 22.58
C ILE A 154 -20.84 16.68 21.54
N ALA A 155 -20.53 17.57 20.61
CA ALA A 155 -19.54 17.29 19.58
C ALA A 155 -18.18 17.06 20.22
N GLY A 156 -17.88 17.84 21.27
CA GLY A 156 -16.58 17.75 21.92
C GLY A 156 -16.50 16.45 22.71
N ASP A 157 -17.66 16.00 23.19
CA ASP A 157 -17.78 14.75 23.92
C ASP A 157 -17.55 13.56 23.01
N ILE A 158 -18.00 13.70 21.75
CA ILE A 158 -17.89 12.62 20.79
C ILE A 158 -16.62 12.73 19.93
N CYS A 159 -16.33 13.90 19.38
CA CYS A 159 -15.13 14.04 18.53
C CYS A 159 -13.86 14.08 19.37
N ILE A 160 -12.92 13.23 18.93
CA ILE A 160 -11.62 13.12 19.55
C ILE A 160 -10.84 14.41 19.29
N TYR A 161 -11.20 15.09 18.21
CA TYR A 161 -10.50 16.27 17.73
C TYR A 161 -11.25 17.54 18.05
N THR A 162 -12.18 17.46 18.99
CA THR A 162 -12.90 18.64 19.43
C THR A 162 -12.94 18.68 20.95
N ASN A 163 -12.68 19.87 21.53
CA ASN A 163 -12.66 20.00 22.99
C ASN A 163 -13.81 20.82 23.59
N HIS A 164 -13.63 21.27 24.82
CA HIS A 164 -14.73 21.94 25.50
C HIS A 164 -14.41 23.39 25.81
N PHE A 165 -13.40 23.91 25.13
CA PHE A 165 -13.11 25.33 25.17
C PHE A 165 -14.05 26.02 24.19
N HIS A 166 -14.72 27.07 24.60
CA HIS A 166 -15.69 27.70 23.72
C HIS A 166 -15.34 29.16 23.38
N THR A 167 -15.58 29.54 22.13
CA THR A 167 -15.59 30.95 21.77
C THR A 167 -16.93 31.16 21.07
N ILE A 168 -17.77 32.04 21.63
CA ILE A 168 -19.10 32.27 21.07
C ILE A 168 -19.31 33.75 20.74
N GLU A 169 -19.73 34.03 19.52
CA GLU A 169 -20.11 35.39 19.15
C GLU A 169 -21.57 35.43 18.70
N GLU A 170 -22.33 36.33 19.33
CA GLU A 170 -23.76 36.44 19.08
C GLU A 170 -24.05 37.77 18.40
N LEU A 171 -25.19 37.82 17.70
CA LEU A 171 -25.56 39.01 16.95
C LEU A 171 -27.06 39.23 17.07
N SER A 172 -27.45 40.29 17.77
CA SER A 172 -28.87 40.58 17.92
C SER A 172 -29.32 41.54 16.84
N TYR A 173 -30.48 41.25 16.27
CA TYR A 173 -31.09 42.16 15.32
C TYR A 173 -32.59 42.00 15.39
N LYS A 174 -33.25 42.33 14.30
CA LYS A 174 -34.69 42.36 14.26
C LYS A 174 -35.24 40.98 13.93
N THR B 1 14.14 15.54 18.42
CA THR B 1 14.52 16.89 18.72
C THR B 1 13.55 17.29 19.76
N THR B 2 13.94 18.12 20.67
CA THR B 2 13.00 18.72 21.58
C THR B 2 13.40 20.12 21.79
N ILE B 3 12.49 21.02 21.52
CA ILE B 3 12.63 22.43 21.83
C ILE B 3 11.58 22.84 22.85
N VAL B 4 12.04 23.43 23.96
CA VAL B 4 11.13 23.85 25.02
C VAL B 4 11.21 25.35 25.22
N SER B 5 10.07 25.99 25.48
CA SER B 5 10.08 27.40 25.84
C SER B 5 9.19 27.62 27.04
N VAL B 6 9.74 28.30 28.05
CA VAL B 6 8.99 28.61 29.26
C VAL B 6 9.08 30.11 29.54
N ARG B 7 7.98 30.70 29.99
CA ARG B 7 7.99 32.11 30.35
C ARG B 7 7.49 32.25 31.77
N ARG B 8 8.25 32.96 32.60
CA ARG B 8 7.87 33.11 34.00
C ARG B 8 8.62 34.25 34.68
N ASN B 9 7.88 35.18 35.28
CA ASN B 9 8.45 36.30 36.04
C ASN B 9 9.37 37.24 35.24
N GLY B 10 8.90 37.73 34.09
CA GLY B 10 9.69 38.65 33.29
C GLY B 10 10.91 37.97 32.66
N HIS B 11 10.88 36.65 32.60
CA HIS B 11 11.89 35.87 31.87
C HIS B 11 11.24 34.95 30.88
N VAL B 12 11.95 34.72 29.78
CA VAL B 12 11.52 33.71 28.82
C VAL B 12 12.75 33.01 28.25
N VAL B 13 12.68 31.70 28.11
CA VAL B 13 13.82 30.96 27.61
C VAL B 13 13.41 30.02 26.50
N ILE B 14 14.40 29.59 25.71
CA ILE B 14 14.20 28.51 24.78
C ILE B 14 15.37 27.53 24.94
N ALA B 15 15.05 26.25 25.06
CA ALA B 15 16.07 25.22 25.22
C ALA B 15 15.87 24.15 24.17
N GLY B 16 16.98 23.63 23.66
CA GLY B 16 16.93 22.59 22.65
C GLY B 16 18.07 21.60 22.82
N ASP B 17 17.85 20.35 22.39
CA ASP B 17 18.91 19.36 22.42
C ASP B 17 19.87 19.54 21.23
N GLY B 18 20.70 18.53 20.96
CA GLY B 18 21.70 18.66 19.93
C GLY B 18 21.83 17.43 19.06
N GLN B 19 20.85 16.51 19.19
CA GLN B 19 20.91 15.27 18.41
C GLN B 19 20.38 15.38 17.00
N ALA B 20 21.18 14.89 16.05
CA ALA B 20 20.78 14.78 14.65
C ALA B 20 20.81 13.31 14.28
N THR B 21 19.65 12.79 13.88
CA THR B 21 19.51 11.35 13.70
C THR B 21 19.28 10.99 12.25
N LEU B 22 20.03 10.00 11.77
CA LEU B 22 19.86 9.49 10.41
C LEU B 22 19.58 8.00 10.47
N GLY B 23 18.32 7.64 10.24
CA GLY B 23 17.91 6.26 10.41
C GLY B 23 17.81 5.91 11.89
N ASN B 24 18.78 5.14 12.39
CA ASN B 24 18.85 4.76 13.81
C ASN B 24 20.16 5.21 14.38
N THR B 25 20.89 5.99 13.59
CA THR B 25 22.24 6.38 13.96
C THR B 25 22.35 7.86 14.28
N VAL B 26 23.23 8.23 15.21
CA VAL B 26 23.44 9.65 15.47
C VAL B 26 24.54 10.19 14.58
N MET B 27 24.18 11.16 13.75
CA MET B 27 25.11 11.81 12.87
C MET B 27 25.95 12.77 13.68
N LYS B 28 25.26 13.57 14.50
CA LYS B 28 25.88 14.66 15.24
C LYS B 28 25.15 14.77 16.58
N GLY B 29 25.86 15.15 17.64
CA GLY B 29 25.23 15.30 18.95
C GLY B 29 25.31 16.69 19.55
N ASN B 30 25.88 17.64 18.81
CA ASN B 30 26.07 18.99 19.34
C ASN B 30 25.49 20.06 18.43
N VAL B 31 24.35 19.75 17.82
CA VAL B 31 23.69 20.72 16.95
C VAL B 31 23.18 21.89 17.77
N LYS B 32 23.40 23.09 17.25
CA LYS B 32 22.89 24.29 17.87
C LYS B 32 21.49 24.58 17.34
N LYS B 33 20.48 24.35 18.18
CA LYS B 33 19.10 24.47 17.72
C LYS B 33 18.43 25.72 18.26
N VAL B 34 19.19 26.52 19.01
CA VAL B 34 18.65 27.75 19.59
C VAL B 34 19.59 28.92 19.34
N ARG B 35 19.04 30.03 18.82
CA ARG B 35 19.84 31.23 18.56
C ARG B 35 19.15 32.51 18.99
N ARG B 36 19.90 33.60 18.93
CA ARG B 36 19.35 34.92 19.16
C ARG B 36 19.22 35.64 17.83
N LEU B 37 18.27 36.56 17.76
CA LEU B 37 18.06 37.36 16.56
C LEU B 37 17.88 38.83 16.90
N TYR B 38 17.74 39.65 15.86
CA TYR B 38 17.36 41.05 15.96
C TYR B 38 18.02 41.80 17.11
N ASN B 39 19.33 41.98 17.01
CA ASN B 39 20.11 42.60 18.08
C ASN B 39 19.92 41.93 19.43
N ASP B 40 19.77 40.61 19.39
CA ASP B 40 19.74 39.80 20.60
C ASP B 40 18.64 40.18 21.58
N LYS B 41 17.46 40.49 21.06
CA LYS B 41 16.31 40.68 21.93
C LYS B 41 15.18 39.82 21.43
N VAL B 42 15.53 38.90 20.53
CA VAL B 42 14.62 37.89 20.06
C VAL B 42 15.34 36.54 20.07
N ILE B 43 14.71 35.53 20.65
CA ILE B 43 15.30 34.19 20.68
C ILE B 43 14.46 33.21 19.88
N ALA B 44 15.12 32.24 19.26
CA ALA B 44 14.42 31.28 18.43
C ALA B 44 15.00 29.87 18.51
N GLY B 45 14.15 28.87 18.38
CA GLY B 45 14.61 27.50 18.36
C GLY B 45 13.92 26.76 17.23
N PHE B 46 14.58 25.76 16.65
CA PHE B 46 13.99 25.07 15.51
C PHE B 46 14.04 23.56 15.64
N ALA B 47 13.14 22.89 14.92
CA ALA B 47 13.12 21.44 14.89
C ALA B 47 12.89 21.00 13.44
N GLY B 48 13.75 20.11 12.95
CA GLY B 48 13.64 19.65 11.58
C GLY B 48 14.98 19.64 10.87
N GLY B 49 14.94 19.72 9.54
CA GLY B 49 16.15 19.78 8.74
C GLY B 49 16.87 21.09 8.96
N THR B 50 18.19 21.04 9.02
CA THR B 50 19.01 22.23 9.27
C THR B 50 18.84 23.27 8.18
N ALA B 51 18.54 22.82 6.96
CA ALA B 51 18.38 23.71 5.81
C ALA B 51 17.07 24.47 5.86
N ASP B 52 15.96 23.73 5.80
CA ASP B 52 14.63 24.31 5.77
C ASP B 52 14.40 25.27 6.92
N ALA B 53 14.98 24.96 8.08
CA ALA B 53 14.82 25.77 9.27
C ALA B 53 15.68 27.01 9.15
N PHE B 54 16.83 26.88 8.52
CA PHE B 54 17.71 28.02 8.36
C PHE B 54 17.15 28.99 7.32
N THR B 55 16.41 28.44 6.37
CA THR B 55 15.64 29.22 5.43
C THR B 55 14.66 30.08 6.21
N LEU B 56 13.94 29.43 7.11
CA LEU B 56 12.94 30.09 7.93
C LEU B 56 13.52 31.21 8.79
N PHE B 57 14.76 31.04 9.26
CA PHE B 57 15.41 32.06 10.06
C PHE B 57 15.52 33.37 9.32
N GLU B 58 16.24 33.33 8.21
CA GLU B 58 16.45 34.50 7.36
C GLU B 58 15.13 35.06 6.92
N LEU B 59 14.24 34.16 6.51
CA LEU B 59 12.92 34.53 6.02
C LEU B 59 12.12 35.22 7.11
N PHE B 60 12.39 34.82 8.35
CA PHE B 60 11.73 35.41 9.50
C PHE B 60 12.47 36.64 9.99
N GLU B 61 13.79 36.54 10.07
CA GLU B 61 14.62 37.66 10.52
C GLU B 61 14.43 38.84 9.59
N ARG B 62 14.14 38.54 8.32
CA ARG B 62 13.85 39.56 7.33
C ARG B 62 12.60 40.34 7.72
N LYS B 63 11.51 39.61 7.91
CA LYS B 63 10.21 40.18 8.26
C LYS B 63 10.25 40.97 9.56
N LEU B 64 11.22 40.67 10.42
CA LEU B 64 11.38 41.39 11.67
C LEU B 64 11.81 42.83 11.43
N GLU B 65 12.84 42.99 10.61
CA GLU B 65 13.28 44.32 10.19
C GLU B 65 12.19 44.97 9.36
N MET B 66 11.70 44.21 8.39
CA MET B 66 10.61 44.63 7.51
C MET B 66 9.40 45.14 8.26
N HIS B 67 9.27 44.68 9.50
CA HIS B 67 8.15 45.08 10.33
C HIS B 67 8.61 45.51 11.70
N GLN B 68 9.55 46.46 11.76
CA GLN B 68 9.79 47.23 12.98
C GLN B 68 10.47 46.43 14.10
N GLY B 69 10.32 45.12 14.08
CA GLY B 69 10.78 44.29 15.18
C GLY B 69 9.57 43.81 15.95
N HIS B 70 8.40 44.03 15.36
CA HIS B 70 7.16 43.53 15.91
C HIS B 70 7.08 42.03 15.66
N LEU B 71 7.14 41.27 16.75
CA LEU B 71 7.21 39.82 16.68
C LEU B 71 6.02 39.19 15.99
N VAL B 72 4.83 39.51 16.47
CA VAL B 72 3.60 38.88 16.00
C VAL B 72 3.35 39.15 14.51
N LYS B 73 3.40 40.43 14.11
CA LYS B 73 3.18 40.80 12.71
C LYS B 73 4.18 40.14 11.78
N ALA B 74 5.46 40.19 12.14
CA ALA B 74 6.52 39.58 11.34
C ALA B 74 6.25 38.11 11.10
N ALA B 75 5.71 37.44 12.11
CA ALA B 75 5.34 36.03 11.98
C ALA B 75 4.10 35.84 11.11
N VAL B 76 3.11 36.72 11.29
CA VAL B 76 1.86 36.62 10.54
C VAL B 76 2.07 36.86 9.04
N GLU B 77 2.90 37.85 8.74
CA GLU B 77 3.28 38.16 7.37
C GLU B 77 3.92 36.94 6.73
N LEU B 78 4.84 36.33 7.47
CA LEU B 78 5.55 35.14 6.99
C LEU B 78 4.59 33.99 6.67
N ALA B 79 3.49 33.94 7.41
CA ALA B 79 2.47 32.91 7.20
C ALA B 79 1.87 32.96 5.81
N LYS B 80 1.90 34.15 5.21
CA LYS B 80 1.41 34.32 3.86
C LYS B 80 2.48 33.92 2.83
N ASP B 81 3.73 34.31 3.07
CA ASP B 81 4.87 33.99 2.21
C ASP B 81 5.19 32.51 2.11
N TRP B 82 4.61 31.73 3.00
CA TRP B 82 4.82 30.31 2.99
C TRP B 82 3.52 29.63 2.64
N ARG B 83 2.64 30.43 2.04
CA ARG B 83 1.35 29.92 1.71
C ARG B 83 1.03 30.42 0.31
N ARG B 89 7.80 26.47 -0.43
CA ARG B 89 6.56 25.85 -0.04
C ARG B 89 6.86 24.39 0.26
N LYS B 90 8.11 24.00 -0.02
CA LYS B 90 8.60 22.65 0.17
C LYS B 90 9.48 22.56 1.40
N LEU B 91 9.07 23.19 2.49
CA LEU B 91 9.87 23.11 3.70
C LEU B 91 9.16 22.32 4.79
N GLU B 92 9.94 21.60 5.57
CA GLU B 92 9.42 20.88 6.71
C GLU B 92 10.30 21.14 7.92
N ALA B 93 9.85 22.07 8.74
CA ALA B 93 10.54 22.43 9.95
C ALA B 93 9.56 23.15 10.86
N LEU B 94 9.90 23.22 12.14
CA LEU B 94 9.10 23.97 13.09
C LEU B 94 9.97 25.03 13.72
N LEU B 95 9.35 26.15 14.06
CA LEU B 95 10.10 27.26 14.58
C LEU B 95 9.46 27.77 15.85
N ALA B 96 10.25 27.87 16.91
CA ALA B 96 9.79 28.45 18.15
C ALA B 96 10.41 29.82 18.32
N VAL B 97 9.56 30.82 18.50
CA VAL B 97 10.01 32.21 18.50
C VAL B 97 9.45 32.92 19.71
N ALA B 98 10.30 33.68 20.40
CA ALA B 98 9.84 34.42 21.57
C ALA B 98 10.58 35.74 21.79
N ASP B 99 9.85 36.72 22.33
CA ASP B 99 10.48 37.96 22.78
C ASP B 99 9.90 38.43 24.12
N GLU B 100 10.08 39.72 24.40
CA GLU B 100 9.58 40.34 25.60
C GLU B 100 8.05 40.33 25.67
N THR B 101 7.41 40.29 24.50
CA THR B 101 5.97 40.48 24.44
C THR B 101 5.20 39.17 24.32
N ALA B 102 5.58 38.35 23.35
CA ALA B 102 4.82 37.14 23.06
C ALA B 102 5.74 35.96 22.75
N SER B 103 5.14 34.79 22.56
CA SER B 103 5.86 33.58 22.20
C SER B 103 5.00 32.80 21.21
N LEU B 104 5.57 32.38 20.08
CA LEU B 104 4.76 31.67 19.10
C LEU B 104 5.50 30.52 18.46
N ILE B 105 4.73 29.69 17.76
CA ILE B 105 5.24 28.62 16.95
C ILE B 105 4.89 28.90 15.50
N ILE B 106 5.86 28.69 14.62
CA ILE B 106 5.64 28.87 13.19
C ILE B 106 5.89 27.55 12.50
N THR B 107 4.86 26.99 11.87
CA THR B 107 4.95 25.63 11.34
C THR B 107 5.14 25.58 9.83
N GLY B 108 5.23 24.35 9.32
CA GLY B 108 5.47 24.09 7.92
C GLY B 108 4.39 24.51 6.95
N ASN B 109 3.14 24.30 7.32
CA ASN B 109 2.03 24.66 6.44
C ASN B 109 1.86 26.17 6.35
N GLY B 110 2.52 26.86 7.27
CA GLY B 110 2.46 28.30 7.33
C GLY B 110 1.56 28.78 8.44
N ASP B 111 1.25 27.92 9.41
CA ASP B 111 0.41 28.33 10.54
C ASP B 111 1.23 29.07 11.58
N VAL B 112 0.54 29.92 12.33
CA VAL B 112 1.15 30.59 13.47
C VAL B 112 0.30 30.27 14.69
N VAL B 113 0.93 29.69 15.70
CA VAL B 113 0.21 29.18 16.86
C VAL B 113 0.67 29.82 18.16
N GLN B 114 -0.29 30.34 18.92
CA GLN B 114 0.01 30.90 20.23
C GLN B 114 -0.22 29.83 21.29
N PRO B 115 0.82 29.28 21.87
CA PRO B 115 0.69 28.21 22.89
C PRO B 115 -0.14 28.66 24.10
N GLU B 116 -0.68 27.72 24.85
CA GLU B 116 -1.69 28.01 25.86
C GLU B 116 -1.19 28.98 26.92
N ASN B 117 -0.14 28.63 27.64
CA ASN B 117 0.41 29.55 28.64
C ASN B 117 1.80 30.02 28.24
N ASP B 118 1.98 30.27 26.94
CA ASP B 118 3.30 30.56 26.38
C ASP B 118 4.28 29.43 26.64
N LEU B 119 3.75 28.22 26.88
CA LEU B 119 4.59 27.06 27.04
C LEU B 119 4.70 26.36 25.70
N ILE B 120 5.90 26.28 25.17
CA ILE B 120 6.11 25.65 23.87
C ILE B 120 6.93 24.38 24.03
N ALA B 121 6.46 23.30 23.43
CA ALA B 121 7.20 22.07 23.41
C ALA B 121 6.99 21.41 22.05
N ILE B 122 7.98 21.52 21.19
CA ILE B 122 7.86 20.95 19.84
C ILE B 122 9.02 20.02 19.55
N GLY B 123 8.85 19.15 18.55
CA GLY B 123 9.82 18.14 18.23
C GLY B 123 9.29 16.75 18.57
N SER B 124 10.09 15.73 18.31
CA SER B 124 9.69 14.37 18.58
C SER B 124 9.47 14.21 20.09
N GLY B 125 10.32 14.87 20.89
CA GLY B 125 10.25 14.73 22.34
C GLY B 125 9.43 15.82 22.97
N GLY B 126 8.82 16.64 22.12
CA GLY B 126 7.95 17.72 22.56
C GLY B 126 6.97 17.41 23.67
N PRO B 127 6.07 16.42 23.45
CA PRO B 127 5.01 16.12 24.42
C PRO B 127 5.57 15.72 25.80
N TYR B 128 6.69 15.00 25.84
CA TYR B 128 7.25 14.60 27.12
C TYR B 128 7.74 15.83 27.90
N ALA B 129 8.35 16.78 27.19
CA ALA B 129 8.86 17.98 27.83
C ALA B 129 7.67 18.83 28.28
N GLN B 130 6.57 18.77 27.53
CA GLN B 130 5.37 19.52 27.86
C GLN B 130 4.79 19.03 29.17
N ALA B 131 4.80 17.70 29.35
CA ALA B 131 4.28 17.09 30.56
C ALA B 131 5.13 17.46 31.77
N ALA B 132 6.46 17.37 31.63
CA ALA B 132 7.36 17.74 32.71
C ALA B 132 7.25 19.23 33.05
N ALA B 133 7.20 20.07 32.02
CA ALA B 133 7.13 21.52 32.21
C ALA B 133 5.84 21.91 32.90
N ARG B 134 4.72 21.42 32.36
CA ARG B 134 3.42 21.69 32.94
C ARG B 134 3.36 21.30 34.41
N ALA B 135 4.00 20.19 34.75
CA ALA B 135 4.03 19.71 36.12
C ALA B 135 4.76 20.73 37.00
N LEU B 136 5.99 21.06 36.60
CA LEU B 136 6.85 21.97 37.36
C LEU B 136 6.21 23.35 37.51
N LEU B 137 5.62 23.83 36.42
CA LEU B 137 4.94 25.10 36.40
C LEU B 137 3.87 25.18 37.49
N GLU B 138 3.02 24.16 37.54
CA GLU B 138 1.84 24.19 38.37
C GLU B 138 2.07 23.71 39.79
N ASN B 139 3.31 23.31 40.11
CA ASN B 139 3.60 22.70 41.42
C ASN B 139 4.92 23.12 42.03
N THR B 140 5.66 23.98 41.35
CA THR B 140 6.87 24.51 41.94
C THR B 140 6.96 26.01 41.75
N GLU B 141 8.04 26.57 42.27
CA GLU B 141 8.31 27.99 42.18
C GLU B 141 9.60 28.15 41.43
N LEU B 142 9.91 27.16 40.58
CA LEU B 142 11.14 27.17 39.82
C LEU B 142 11.16 28.27 38.76
N SER B 143 12.36 28.63 38.33
CA SER B 143 12.50 29.67 37.31
C SER B 143 12.24 29.09 35.92
N ALA B 144 11.91 29.97 34.98
CA ALA B 144 11.64 29.57 33.62
C ALA B 144 12.83 28.82 33.01
N ARG B 145 14.03 29.15 33.45
CA ARG B 145 15.22 28.50 32.94
C ARG B 145 15.41 27.13 33.59
N GLU B 146 15.14 27.05 34.89
CA GLU B 146 15.23 25.79 35.59
C GLU B 146 14.20 24.80 35.06
N ILE B 147 12.98 25.26 34.84
CA ILE B 147 11.92 24.39 34.33
C ILE B 147 12.23 23.86 32.92
N ALA B 148 12.64 24.75 32.02
CA ALA B 148 12.94 24.36 30.65
C ALA B 148 14.09 23.39 30.59
N GLU B 149 15.11 23.58 31.42
CA GLU B 149 16.26 22.70 31.42
C GLU B 149 15.90 21.32 31.95
N LYS B 150 15.12 21.28 33.02
CA LYS B 150 14.74 20.04 33.66
C LYS B 150 13.79 19.23 32.79
N ALA B 151 12.94 19.94 32.04
CA ALA B 151 11.98 19.29 31.16
C ALA B 151 12.69 18.70 29.94
N LEU B 152 13.73 19.39 29.47
CA LEU B 152 14.53 18.94 28.35
C LEU B 152 15.30 17.66 28.69
N ASP B 153 15.77 17.53 29.94
CA ASP B 153 16.55 16.37 30.34
C ASP B 153 15.64 15.15 30.35
N ILE B 154 14.44 15.33 30.90
CA ILE B 154 13.46 14.26 30.98
C ILE B 154 13.06 13.81 29.58
N ALA B 155 12.90 14.76 28.68
CA ALA B 155 12.55 14.46 27.31
C ALA B 155 13.68 13.66 26.63
N GLY B 156 14.93 14.01 26.94
CA GLY B 156 16.05 13.32 26.36
C GLY B 156 16.16 11.92 26.93
N ASP B 157 15.74 11.77 28.18
CA ASP B 157 15.78 10.48 28.86
C ASP B 157 14.75 9.54 28.23
N ILE B 158 13.64 10.12 27.80
CA ILE B 158 12.54 9.33 27.27
C ILE B 158 12.58 9.21 25.73
N CYS B 159 12.77 10.32 25.03
CA CYS B 159 12.83 10.26 23.57
C CYS B 159 14.17 9.69 23.05
N ILE B 160 14.01 8.75 22.14
CA ILE B 160 15.12 8.07 21.51
C ILE B 160 15.83 9.06 20.60
N TYR B 161 15.08 10.06 20.18
CA TYR B 161 15.55 11.04 19.22
C TYR B 161 15.92 12.37 19.86
N THR B 162 16.10 12.36 21.18
CA THR B 162 16.53 13.56 21.87
C THR B 162 17.67 13.23 22.83
N ASN B 163 18.69 14.09 22.88
CA ASN B 163 19.86 13.81 23.74
C ASN B 163 19.99 14.77 24.92
N HIS B 164 21.20 14.86 25.47
CA HIS B 164 21.41 15.68 26.67
C HIS B 164 22.38 16.83 26.44
N PHE B 165 22.62 17.14 25.17
CA PHE B 165 23.32 18.36 24.81
C PHE B 165 22.33 19.52 24.86
N HIS B 166 22.69 20.63 25.51
CA HIS B 166 21.72 21.72 25.65
C HIS B 166 22.23 23.01 25.03
N THR B 167 21.31 23.76 24.43
CA THR B 167 21.59 25.14 24.05
C THR B 167 20.43 25.93 24.67
N ILE B 168 20.75 26.89 25.54
CA ILE B 168 19.70 27.65 26.21
C ILE B 168 19.91 29.14 25.99
N GLU B 169 18.87 29.83 25.54
CA GLU B 169 18.92 31.28 25.46
C GLU B 169 17.82 31.91 26.31
N GLU B 170 18.23 32.82 27.18
CA GLU B 170 17.33 33.46 28.13
C GLU B 170 17.14 34.93 27.78
N LEU B 171 16.03 35.51 28.24
CA LEU B 171 15.71 36.89 27.93
C LEU B 171 15.09 37.54 29.15
N SER B 172 15.82 38.47 29.76
CA SER B 172 15.30 39.18 30.91
C SER B 172 14.62 40.47 30.49
N TYR B 173 13.45 40.72 31.09
CA TYR B 173 12.75 41.97 30.85
C TYR B 173 11.96 42.32 32.12
N LYS B 174 10.87 43.05 31.92
CA LYS B 174 10.06 43.54 33.01
C LYS B 174 9.00 42.52 33.41
N THR C 1 18.72 -2.71 20.96
CA THR C 1 19.45 -3.55 21.85
C THR C 1 20.84 -3.80 21.34
N THR C 2 21.74 -4.25 22.19
CA THR C 2 23.07 -4.59 21.75
C THR C 2 23.85 -5.53 22.64
N ILE C 3 24.09 -6.71 22.12
CA ILE C 3 24.85 -7.69 22.88
C ILE C 3 26.18 -7.99 22.20
N VAL C 4 27.29 -7.83 22.93
CA VAL C 4 28.61 -8.12 22.38
C VAL C 4 29.31 -9.24 23.13
N SER C 5 30.00 -10.11 22.39
CA SER C 5 30.83 -11.14 23.04
C SER C 5 32.21 -11.19 22.40
N VAL C 6 33.23 -11.12 23.25
CA VAL C 6 34.60 -11.15 22.76
C VAL C 6 35.37 -12.22 23.53
N ARG C 7 36.22 -12.98 22.83
CA ARG C 7 37.03 -13.99 23.48
C ARG C 7 38.51 -13.76 23.17
N ARG C 8 39.33 -13.68 24.21
CA ARG C 8 40.74 -13.38 24.01
C ARG C 8 41.57 -13.73 25.25
N ASN C 9 42.60 -14.56 25.03
CA ASN C 9 43.57 -14.93 26.09
C ASN C 9 42.99 -15.69 27.28
N GLY C 10 42.17 -16.71 27.02
CA GLY C 10 41.59 -17.47 28.11
C GLY C 10 40.50 -16.72 28.87
N HIS C 11 40.00 -15.66 28.25
CA HIS C 11 38.84 -14.93 28.77
C HIS C 11 37.75 -14.87 27.73
N VAL C 12 36.50 -14.81 28.19
CA VAL C 12 35.38 -14.57 27.29
C VAL C 12 34.36 -13.75 28.04
N VAL C 13 33.84 -12.72 27.40
CA VAL C 13 32.84 -11.87 28.07
C VAL C 13 31.58 -11.72 27.23
N ILE C 14 30.49 -11.33 27.90
CA ILE C 14 29.31 -10.88 27.20
C ILE C 14 28.83 -9.56 27.81
N ALA C 15 28.61 -8.57 26.95
CA ALA C 15 28.17 -7.25 27.39
C ALA C 15 26.86 -6.87 26.69
N GLY C 16 25.96 -6.21 27.41
CA GLY C 16 24.70 -5.79 26.85
C GLY C 16 24.26 -4.46 27.42
N ASP C 17 23.48 -3.69 26.66
CA ASP C 17 22.94 -2.45 27.19
C ASP C 17 21.74 -2.73 28.09
N GLY C 18 20.95 -1.69 28.38
CA GLY C 18 19.79 -1.86 29.24
C GLY C 18 18.55 -1.18 28.76
N GLN C 19 18.57 -0.74 27.49
CA GLN C 19 17.44 -0.01 26.92
C GLN C 19 16.27 -0.90 26.47
N ALA C 20 15.07 -0.54 26.91
CA ALA C 20 13.83 -1.16 26.43
C ALA C 20 12.98 -0.08 25.79
N THR C 21 12.72 -0.25 24.50
CA THR C 21 12.08 0.80 23.73
C THR C 21 10.68 0.41 23.29
N LEU C 22 9.73 1.32 23.50
CA LEU C 22 8.36 1.10 23.04
C LEU C 22 7.97 2.25 22.12
N GLY C 23 7.95 1.99 20.80
CA GLY C 23 7.72 3.02 19.81
C GLY C 23 8.96 3.90 19.65
N ASN C 24 8.90 5.13 20.17
CA ASN C 24 10.07 6.04 20.14
C ASN C 24 10.45 6.41 21.58
N THR C 25 9.85 5.71 22.56
CA THR C 25 10.02 6.11 23.94
C THR C 25 10.76 5.03 24.71
N VAL C 26 11.55 5.45 25.70
CA VAL C 26 12.22 4.48 26.56
C VAL C 26 11.34 4.09 27.75
N MET C 27 10.98 2.82 27.78
CA MET C 27 10.21 2.25 28.87
C MET C 27 11.10 2.07 30.09
N LYS C 28 12.25 1.47 29.86
CA LYS C 28 13.18 1.12 30.93
C LYS C 28 14.62 1.27 30.40
N GLY C 29 15.57 1.65 31.27
CA GLY C 29 16.94 1.86 30.83
C GLY C 29 17.95 0.99 31.55
N ASN C 30 17.49 0.16 32.49
CA ASN C 30 18.41 -0.66 33.27
C ASN C 30 18.05 -2.12 33.17
N VAL C 31 17.62 -2.55 31.98
CA VAL C 31 17.33 -3.97 31.77
C VAL C 31 18.60 -4.82 31.90
N LYS C 32 18.48 -5.94 32.62
CA LYS C 32 19.58 -6.86 32.71
C LYS C 32 19.52 -7.87 31.56
N LYS C 33 20.42 -7.70 30.59
CA LYS C 33 20.37 -8.51 29.39
C LYS C 33 21.46 -9.60 29.39
N VAL C 34 22.24 -9.67 30.47
CA VAL C 34 23.31 -10.65 30.54
C VAL C 34 23.28 -11.35 31.90
N ARG C 35 23.34 -12.69 31.89
CA ARG C 35 23.33 -13.46 33.13
C ARG C 35 24.33 -14.59 33.09
N ARG C 36 24.46 -15.24 34.25
CA ARG C 36 25.25 -16.45 34.36
C ARG C 36 24.33 -17.64 34.53
N LEU C 37 24.79 -18.81 34.09
CA LEU C 37 24.01 -20.03 34.19
C LEU C 37 24.88 -21.17 34.70
N TYR C 38 24.25 -22.31 34.88
CA TYR C 38 24.92 -23.58 35.18
C TYR C 38 26.09 -23.46 36.16
N ASN C 39 25.76 -23.15 37.41
CA ASN C 39 26.78 -22.92 38.43
C ASN C 39 27.82 -21.89 38.03
N ASP C 40 27.37 -20.88 37.31
CA ASP C 40 28.21 -19.73 36.99
C ASP C 40 29.48 -20.07 36.23
N LYS C 41 29.39 -21.01 35.29
CA LYS C 41 30.50 -21.24 34.38
C LYS C 41 29.99 -21.19 32.94
N VAL C 42 28.79 -20.67 32.79
CA VAL C 42 28.21 -20.38 31.48
C VAL C 42 27.58 -18.99 31.54
N ILE C 43 27.89 -18.16 30.55
CA ILE C 43 27.32 -16.82 30.47
C ILE C 43 26.43 -16.66 29.24
N ALA C 44 25.36 -15.87 29.37
CA ALA C 44 24.44 -15.69 28.27
C ALA C 44 23.92 -14.26 28.20
N GLY C 45 23.66 -13.80 26.96
CA GLY C 45 23.03 -12.52 26.74
C GLY C 45 21.89 -12.66 25.75
N PHE C 46 20.85 -11.83 25.89
CA PHE C 46 19.71 -11.92 24.99
C PHE C 46 19.32 -10.59 24.36
N ALA C 47 18.65 -10.68 23.22
CA ALA C 47 18.10 -9.51 22.55
C ALA C 47 16.68 -9.82 22.09
N GLY C 48 15.73 -8.95 22.42
CA GLY C 48 14.33 -9.16 22.06
C GLY C 48 13.37 -8.90 23.20
N GLY C 49 12.19 -9.53 23.14
CA GLY C 49 11.22 -9.44 24.21
C GLY C 49 11.68 -10.16 25.45
N THR C 50 11.42 -9.58 26.62
CA THR C 50 11.87 -10.14 27.88
C THR C 50 11.30 -11.53 28.13
N ALA C 51 10.11 -11.77 27.60
CA ALA C 51 9.42 -13.04 27.81
C ALA C 51 10.03 -14.17 26.99
N ASP C 52 9.97 -14.01 25.67
CA ASP C 52 10.43 -15.02 24.74
C ASP C 52 11.87 -15.43 25.02
N ALA C 53 12.69 -14.46 25.42
CA ALA C 53 14.09 -14.73 25.71
C ALA C 53 14.22 -15.46 27.03
N PHE C 54 13.34 -15.17 27.97
CA PHE C 54 13.38 -15.82 29.27
C PHE C 54 12.91 -17.25 29.16
N THR C 55 12.03 -17.48 28.20
CA THR C 55 11.61 -18.82 27.81
C THR C 55 12.83 -19.59 27.37
N LEU C 56 13.60 -18.97 26.48
CA LEU C 56 14.80 -19.56 25.92
C LEU C 56 15.83 -19.90 26.98
N PHE C 57 15.91 -19.08 28.03
CA PHE C 57 16.85 -19.33 29.11
C PHE C 57 16.60 -20.69 29.76
N GLU C 58 15.43 -20.83 30.35
CA GLU C 58 15.01 -22.05 31.01
C GLU C 58 15.08 -23.20 30.05
N LEU C 59 14.60 -22.98 28.83
CA LEU C 59 14.59 -24.01 27.80
C LEU C 59 16.01 -24.44 27.44
N PHE C 60 16.95 -23.50 27.58
CA PHE C 60 18.34 -23.76 27.31
C PHE C 60 19.04 -24.31 28.56
N GLU C 61 18.79 -23.67 29.70
CA GLU C 61 19.40 -24.09 30.95
C GLU C 61 18.99 -25.52 31.26
N ARG C 62 17.81 -25.90 30.79
CA ARG C 62 17.31 -27.26 30.95
C ARG C 62 18.21 -28.23 30.20
N LYS C 63 18.39 -27.97 28.91
CA LYS C 63 19.19 -28.79 28.03
C LYS C 63 20.65 -28.90 28.49
N LEU C 64 21.11 -27.92 29.26
CA LEU C 64 22.46 -27.93 29.78
C LEU C 64 22.64 -29.06 30.79
N GLU C 65 21.71 -29.13 31.74
CA GLU C 65 21.69 -30.21 32.71
C GLU C 65 21.40 -31.52 32.01
N MET C 66 20.36 -31.50 31.17
CA MET C 66 19.94 -32.67 30.39
C MET C 66 21.07 -33.20 29.51
N HIS C 67 22.07 -32.37 29.27
CA HIS C 67 23.22 -32.78 28.49
C HIS C 67 24.52 -32.40 29.16
N GLN C 68 24.68 -32.80 30.43
CA GLN C 68 25.99 -32.85 31.06
C GLN C 68 26.59 -31.47 31.34
N GLY C 69 26.17 -30.44 30.60
CA GLY C 69 26.77 -29.13 30.72
C GLY C 69 27.56 -28.86 29.46
N HIS C 70 27.38 -29.75 28.48
CA HIS C 70 27.99 -29.62 27.17
C HIS C 70 27.27 -28.50 26.42
N LEU C 71 27.99 -27.40 26.20
CA LEU C 71 27.43 -26.20 25.62
C LEU C 71 26.87 -26.40 24.24
N VAL C 72 27.72 -26.93 23.35
CA VAL C 72 27.36 -27.08 21.95
C VAL C 72 26.16 -28.01 21.91
N LYS C 73 26.24 -29.23 22.55
CA LYS C 73 25.14 -30.26 22.84
C LYS C 73 23.73 -29.73 23.13
N ALA C 74 23.73 -28.95 24.15
CA ALA C 74 22.55 -28.43 24.74
C ALA C 74 21.95 -27.45 23.74
N ALA C 75 22.76 -26.73 22.95
CA ALA C 75 22.25 -25.73 22.01
C ALA C 75 21.67 -26.40 20.75
N VAL C 76 22.33 -27.44 20.24
CA VAL C 76 21.86 -28.14 19.04
C VAL C 76 20.57 -28.90 19.31
N GLU C 77 20.46 -29.50 20.50
CA GLU C 77 19.25 -30.20 20.89
C GLU C 77 18.09 -29.22 20.91
N LEU C 78 18.34 -28.05 21.47
CA LEU C 78 17.34 -26.99 21.55
C LEU C 78 16.87 -26.54 20.16
N ALA C 79 17.76 -26.64 19.18
CA ALA C 79 17.45 -26.26 17.81
C ALA C 79 16.33 -27.11 17.23
N LYS C 80 16.18 -28.32 17.75
CA LYS C 80 15.12 -29.21 17.32
C LYS C 80 13.82 -28.88 18.04
N ASP C 81 13.90 -28.63 19.34
CA ASP C 81 12.75 -28.29 20.18
C ASP C 81 12.07 -26.98 19.80
N TRP C 82 12.73 -26.20 18.97
CA TRP C 82 12.18 -24.94 18.52
C TRP C 82 11.92 -25.04 17.05
N ARG C 83 11.88 -26.27 16.57
CA ARG C 83 11.67 -26.51 15.18
C ARG C 83 10.63 -27.60 15.06
N ARG C 89 6.41 -23.15 18.26
CA ARG C 89 6.50 -21.70 18.22
C ARG C 89 7.39 -21.23 17.10
N LYS C 90 7.90 -20.01 17.21
CA LYS C 90 8.92 -19.51 16.32
C LYS C 90 9.25 -18.10 16.77
N LEU C 91 9.16 -17.90 18.06
CA LEU C 91 9.02 -16.57 18.59
C LEU C 91 10.32 -15.81 18.80
N GLU C 92 10.22 -14.49 18.81
CA GLU C 92 11.31 -13.61 18.43
C GLU C 92 12.29 -13.14 19.49
N ALA C 93 13.45 -13.81 19.59
CA ALA C 93 14.52 -13.35 20.44
C ALA C 93 15.81 -13.96 19.93
N LEU C 94 16.92 -13.37 20.34
CA LEU C 94 18.22 -13.91 20.00
C LEU C 94 18.96 -14.20 21.28
N LEU C 95 19.80 -15.22 21.25
CA LEU C 95 20.50 -15.64 22.44
C LEU C 95 21.98 -15.78 22.17
N ALA C 96 22.80 -15.11 22.98
CA ALA C 96 24.24 -15.25 22.87
C ALA C 96 24.74 -16.08 24.05
N VAL C 97 25.43 -17.18 23.74
CA VAL C 97 25.81 -18.14 24.75
C VAL C 97 27.30 -18.47 24.63
N ALA C 98 28.01 -18.53 25.75
CA ALA C 98 29.44 -18.82 25.73
C ALA C 98 29.91 -19.51 27.01
N ASP C 99 30.92 -20.37 26.85
CA ASP C 99 31.60 -20.95 28.00
C ASP C 99 33.10 -21.03 27.73
N GLU C 100 33.77 -21.87 28.50
CA GLU C 100 35.21 -22.08 28.38
C GLU C 100 35.60 -22.62 27.01
N THR C 101 34.68 -23.35 26.37
CA THR C 101 35.00 -24.11 25.16
C THR C 101 34.58 -23.44 23.86
N ALA C 102 33.34 -22.96 23.79
CA ALA C 102 32.81 -22.38 22.57
C ALA C 102 31.92 -21.17 22.85
N SER C 103 31.47 -20.53 21.77
CA SER C 103 30.59 -19.37 21.85
C SER C 103 29.61 -19.48 20.68
N LEU C 104 28.31 -19.37 20.95
CA LEU C 104 27.35 -19.48 19.86
C LEU C 104 26.17 -18.53 19.98
N ILE C 105 25.45 -18.44 18.86
CA ILE C 105 24.22 -17.68 18.81
C ILE C 105 23.07 -18.64 18.55
N ILE C 106 21.98 -18.46 19.29
CA ILE C 106 20.78 -19.27 19.11
C ILE C 106 19.65 -18.36 18.72
N THR C 107 19.10 -18.57 17.52
CA THR C 107 18.15 -17.63 16.97
C THR C 107 16.72 -18.13 17.04
N GLY C 108 15.80 -17.29 16.54
CA GLY C 108 14.38 -17.54 16.58
C GLY C 108 13.88 -18.71 15.75
N ASN C 109 14.41 -18.86 14.55
CA ASN C 109 13.97 -19.95 13.70
C ASN C 109 14.48 -21.30 14.20
N GLY C 110 15.42 -21.25 15.12
CA GLY C 110 16.00 -22.43 15.70
C GLY C 110 17.34 -22.76 15.09
N ASP C 111 18.03 -21.74 14.59
CA ASP C 111 19.38 -21.95 14.05
C ASP C 111 20.39 -21.82 15.18
N VAL C 112 21.52 -22.48 15.00
CA VAL C 112 22.64 -22.30 15.91
C VAL C 112 23.79 -21.85 15.04
N VAL C 113 24.41 -20.73 15.41
CA VAL C 113 25.43 -20.14 14.56
C VAL C 113 26.74 -19.94 15.31
N GLN C 114 27.82 -20.45 14.71
CA GLN C 114 29.15 -20.23 15.26
C GLN C 114 29.73 -18.98 14.59
N PRO C 115 29.87 -17.90 15.35
CA PRO C 115 30.47 -16.65 14.84
C PRO C 115 31.90 -16.86 14.34
N GLU C 116 32.41 -15.95 13.51
CA GLU C 116 33.65 -16.18 12.80
C GLU C 116 34.84 -16.36 13.74
N ASN C 117 35.11 -15.36 14.57
CA ASN C 117 36.23 -15.49 15.50
C ASN C 117 35.73 -15.51 16.93
N ASP C 118 34.61 -16.19 17.14
CA ASP C 118 33.90 -16.14 18.43
C ASP C 118 33.52 -14.72 18.83
N LEU C 119 33.45 -13.84 17.83
CA LEU C 119 33.00 -12.48 18.04
C LEU C 119 31.51 -12.41 17.76
N ILE C 120 30.73 -12.12 18.78
CA ILE C 120 29.28 -12.06 18.62
C ILE C 120 28.78 -10.64 18.81
N ALA C 121 27.99 -10.17 17.85
CA ALA C 121 27.38 -8.85 17.95
C ALA C 121 25.98 -8.92 17.40
N ILE C 122 25.00 -8.99 18.30
CA ILE C 122 23.61 -9.12 17.87
C ILE C 122 22.77 -8.00 18.47
N GLY C 123 21.59 -7.78 17.89
CA GLY C 123 20.75 -6.67 18.30
C GLY C 123 20.68 -5.59 17.22
N SER C 124 19.90 -4.55 17.47
CA SER C 124 19.80 -3.47 16.53
C SER C 124 21.16 -2.81 16.34
N GLY C 125 21.90 -2.67 17.44
CA GLY C 125 23.18 -2.01 17.40
C GLY C 125 24.34 -2.97 17.18
N GLY C 126 23.99 -4.23 16.95
CA GLY C 126 24.96 -5.27 16.68
C GLY C 126 26.08 -4.92 15.71
N PRO C 127 25.72 -4.50 14.47
CA PRO C 127 26.73 -4.30 13.45
C PRO C 127 27.75 -3.22 13.83
N TYR C 128 27.29 -2.17 14.53
CA TYR C 128 28.18 -1.10 14.92
C TYR C 128 29.20 -1.60 15.95
N ALA C 129 28.77 -2.41 16.91
CA ALA C 129 29.67 -2.98 17.89
C ALA C 129 30.64 -3.96 17.21
N GLN C 130 30.17 -4.69 16.19
CA GLN C 130 31.01 -5.62 15.46
C GLN C 130 32.14 -4.87 14.80
N ALA C 131 31.84 -3.70 14.24
CA ALA C 131 32.81 -2.88 13.55
C ALA C 131 33.88 -2.37 14.52
N ALA C 132 33.45 -1.87 15.67
CA ALA C 132 34.37 -1.37 16.68
C ALA C 132 35.21 -2.50 17.27
N ALA C 133 34.58 -3.64 17.53
CA ALA C 133 35.27 -4.77 18.14
C ALA C 133 36.34 -5.31 17.18
N ARG C 134 35.93 -5.56 15.95
CA ARG C 134 36.82 -6.08 14.94
C ARG C 134 38.04 -5.17 14.80
N ALA C 135 37.81 -3.86 14.89
CA ALA C 135 38.90 -2.89 14.78
C ALA C 135 39.89 -3.08 15.92
N LEU C 136 39.37 -3.04 17.14
CA LEU C 136 40.18 -3.17 18.35
C LEU C 136 40.92 -4.49 18.40
N LEU C 137 40.25 -5.56 18.01
CA LEU C 137 40.81 -6.90 17.98
C LEU C 137 42.07 -6.93 17.11
N GLU C 138 41.94 -6.37 15.91
CA GLU C 138 42.96 -6.53 14.89
C GLU C 138 44.06 -5.47 14.99
N ASN C 139 43.94 -4.53 15.91
CA ASN C 139 44.86 -3.39 15.96
C ASN C 139 45.28 -2.96 17.36
N THR C 140 44.79 -3.67 18.38
CA THR C 140 45.24 -3.39 19.73
C THR C 140 45.55 -4.67 20.45
N GLU C 141 45.96 -4.51 21.69
CA GLU C 141 46.30 -5.61 22.55
C GLU C 141 45.38 -5.56 23.74
N LEU C 142 44.21 -4.96 23.53
CA LEU C 142 43.24 -4.80 24.61
C LEU C 142 42.68 -6.14 25.04
N SER C 143 42.13 -6.16 26.26
CA SER C 143 41.53 -7.36 26.80
C SER C 143 40.13 -7.55 26.24
N ALA C 144 39.65 -8.80 26.27
CA ALA C 144 38.32 -9.12 25.80
C ALA C 144 37.24 -8.29 26.50
N ARG C 145 37.50 -7.94 27.76
CA ARG C 145 36.55 -7.14 28.52
C ARG C 145 36.60 -5.68 28.10
N GLU C 146 37.81 -5.18 27.87
CA GLU C 146 37.97 -3.79 27.44
C GLU C 146 37.35 -3.59 26.06
N ILE C 147 37.62 -4.51 25.14
CA ILE C 147 37.09 -4.43 23.79
C ILE C 147 35.56 -4.46 23.77
N ALA C 148 34.96 -5.40 24.50
CA ALA C 148 33.51 -5.53 24.50
C ALA C 148 32.83 -4.30 25.09
N GLU C 149 33.43 -3.74 26.13
CA GLU C 149 32.87 -2.58 26.78
C GLU C 149 32.94 -1.35 25.87
N LYS C 150 34.10 -1.16 25.24
CA LYS C 150 34.34 -0.02 24.37
C LYS C 150 33.47 -0.09 23.10
N ALA C 151 33.24 -1.32 22.62
CA ALA C 151 32.41 -1.54 21.44
C ALA C 151 30.94 -1.27 21.76
N LEU C 152 30.53 -1.61 22.98
CA LEU C 152 29.16 -1.38 23.43
C LEU C 152 28.84 0.10 23.58
N ASP C 153 29.83 0.90 23.99
CA ASP C 153 29.62 2.34 24.15
C ASP C 153 29.42 3.00 22.80
N ILE C 154 30.25 2.60 21.84
CA ILE C 154 30.19 3.16 20.51
C ILE C 154 28.84 2.80 19.88
N ALA C 155 28.38 1.57 20.14
CA ALA C 155 27.11 1.12 19.62
C ALA C 155 25.96 1.95 20.22
N GLY C 156 26.08 2.22 21.53
CA GLY C 156 25.09 3.03 22.22
C GLY C 156 25.10 4.48 21.74
N ASP C 157 26.27 4.94 21.32
CA ASP C 157 26.42 6.29 20.79
C ASP C 157 25.78 6.41 19.43
N ILE C 158 25.84 5.32 18.68
CA ILE C 158 25.33 5.31 17.31
C ILE C 158 23.88 4.83 17.25
N CYS C 159 23.59 3.69 17.87
CA CYS C 159 22.23 3.15 17.82
C CYS C 159 21.26 3.92 18.71
N ILE C 160 20.15 4.32 18.12
CA ILE C 160 19.08 5.05 18.78
C ILE C 160 18.43 4.13 19.80
N TYR C 161 18.54 2.83 19.55
CA TYR C 161 17.87 1.81 20.34
C TYR C 161 18.82 1.12 21.28
N THR C 162 19.99 1.71 21.47
CA THR C 162 20.97 1.18 22.42
C THR C 162 21.46 2.30 23.35
N ASN C 163 21.56 1.99 24.65
CA ASN C 163 21.99 3.00 25.62
C ASN C 163 23.36 2.74 26.23
N HIS C 164 23.65 3.40 27.35
CA HIS C 164 24.95 3.28 27.96
C HIS C 164 24.96 2.61 29.33
N PHE C 165 23.83 1.97 29.65
CA PHE C 165 23.78 1.07 30.79
C PHE C 165 24.46 -0.25 30.42
N HIS C 166 25.34 -0.76 31.28
CA HIS C 166 26.08 -1.96 30.93
C HIS C 166 25.85 -3.10 31.92
N THR C 167 25.74 -4.31 31.40
CA THR C 167 25.81 -5.50 32.21
C THR C 167 26.89 -6.38 31.57
N ILE C 168 27.96 -6.68 32.32
CA ILE C 168 29.08 -7.43 31.78
C ILE C 168 29.38 -8.67 32.62
N GLU C 169 29.41 -9.82 31.98
CA GLU C 169 29.82 -11.05 32.67
C GLU C 169 31.06 -11.63 32.00
N GLU C 170 32.09 -11.89 32.80
CA GLU C 170 33.36 -12.37 32.31
C GLU C 170 33.59 -13.80 32.77
N LEU C 171 34.45 -14.51 32.07
CA LEU C 171 34.74 -15.90 32.39
C LEU C 171 36.22 -16.17 32.21
N SER C 172 36.93 -16.42 33.31
CA SER C 172 38.35 -16.72 33.23
C SER C 172 38.57 -18.21 33.17
N TYR C 173 39.44 -18.63 32.26
CA TYR C 173 39.83 -20.02 32.20
C TYR C 173 41.27 -20.11 31.71
N LYS C 174 41.58 -21.20 31.05
CA LYS C 174 42.94 -21.48 30.64
C LYS C 174 43.17 -20.93 29.24
N THR D 1 15.33 -5.73 -22.14
CA THR D 1 16.20 -5.35 -23.21
C THR D 1 17.61 -5.74 -22.84
N THR D 2 18.53 -5.66 -23.75
CA THR D 2 19.90 -5.98 -23.40
C THR D 2 20.89 -5.45 -24.38
N ILE D 3 21.78 -4.65 -23.87
CA ILE D 3 22.87 -4.10 -24.68
C ILE D 3 24.24 -4.53 -24.15
N VAL D 4 25.06 -5.11 -25.01
CA VAL D 4 26.38 -5.56 -24.59
C VAL D 4 27.46 -4.87 -25.40
N SER D 5 28.56 -4.52 -24.75
CA SER D 5 29.70 -3.97 -25.47
C SER D 5 30.98 -4.64 -25.01
N VAL D 6 31.77 -5.13 -25.96
CA VAL D 6 33.02 -5.79 -25.64
C VAL D 6 34.13 -5.15 -26.47
N ARG D 7 35.30 -4.97 -25.86
CA ARG D 7 36.45 -4.44 -26.57
C ARG D 7 37.60 -5.41 -26.44
N ARG D 8 38.21 -5.78 -27.58
CA ARG D 8 39.31 -6.74 -27.56
C ARG D 8 40.10 -6.74 -28.86
N ASN D 9 41.42 -6.55 -28.75
CA ASN D 9 42.33 -6.58 -29.91
C ASN D 9 42.05 -5.57 -31.02
N GLY D 10 41.91 -4.31 -30.66
CA GLY D 10 41.67 -3.28 -31.67
C GLY D 10 40.29 -3.38 -32.30
N HIS D 11 39.39 -4.08 -31.62
CA HIS D 11 38.00 -4.12 -32.02
C HIS D 11 37.11 -3.73 -30.85
N VAL D 12 35.97 -3.13 -31.16
CA VAL D 12 34.96 -2.87 -30.15
C VAL D 12 33.59 -3.02 -30.80
N VAL D 13 32.67 -3.70 -30.11
CA VAL D 13 31.35 -3.92 -30.66
C VAL D 13 30.25 -3.52 -29.68
N ILE D 14 29.06 -3.29 -30.21
CA ILE D 14 27.88 -3.16 -29.39
C ILE D 14 26.77 -4.03 -29.98
N ALA D 15 26.17 -4.85 -29.13
CA ALA D 15 25.10 -5.76 -29.56
C ALA D 15 23.86 -5.52 -28.73
N GLY D 16 22.68 -5.57 -29.37
CA GLY D 16 21.42 -5.37 -28.67
C GLY D 16 20.34 -6.29 -29.19
N ASP D 17 19.36 -6.63 -28.35
CA ASP D 17 18.25 -7.44 -28.83
C ASP D 17 17.24 -6.57 -29.57
N GLY D 18 16.04 -7.10 -29.81
CA GLY D 18 15.01 -6.36 -30.52
C GLY D 18 13.63 -6.37 -29.90
N GLN D 19 13.54 -6.87 -28.67
CA GLN D 19 12.25 -6.97 -28.01
C GLN D 19 11.74 -5.68 -27.37
N ALA D 20 10.48 -5.36 -27.66
CA ALA D 20 9.77 -4.25 -27.06
C ALA D 20 8.57 -4.84 -26.32
N THR D 21 8.54 -4.64 -25.01
CA THR D 21 7.56 -5.30 -24.18
C THR D 21 6.56 -4.32 -23.58
N LEU D 22 5.28 -4.64 -23.69
CA LEU D 22 4.23 -3.84 -23.08
C LEU D 22 3.42 -4.73 -22.16
N GLY D 23 3.66 -4.60 -20.86
CA GLY D 23 3.02 -5.47 -19.89
C GLY D 23 3.70 -6.83 -19.86
N ASN D 24 3.03 -7.83 -20.39
CA ASN D 24 3.61 -9.17 -20.49
C ASN D 24 3.59 -9.60 -21.95
N THR D 25 3.29 -8.65 -22.82
CA THR D 25 3.15 -8.93 -24.24
C THR D 25 4.25 -8.30 -25.08
N VAL D 26 4.62 -8.98 -26.17
CA VAL D 26 5.60 -8.40 -27.07
C VAL D 26 4.94 -7.54 -28.15
N MET D 27 5.26 -6.25 -28.13
CA MET D 27 4.75 -5.31 -29.10
C MET D 27 5.48 -5.52 -30.42
N LYS D 28 6.80 -5.64 -30.33
CA LYS D 28 7.66 -5.68 -31.49
C LYS D 28 8.88 -6.52 -31.12
N GLY D 29 9.43 -7.25 -32.07
CA GLY D 29 10.58 -8.10 -31.82
C GLY D 29 11.82 -7.79 -32.65
N ASN D 30 11.74 -6.74 -33.48
CA ASN D 30 12.86 -6.40 -34.36
C ASN D 30 13.28 -4.95 -34.19
N VAL D 31 13.24 -4.46 -32.96
CA VAL D 31 13.71 -3.10 -32.68
C VAL D 31 15.20 -2.98 -32.92
N LYS D 32 15.57 -1.88 -33.58
CA LYS D 32 16.97 -1.59 -33.82
C LYS D 32 17.49 -0.77 -32.65
N LYS D 33 18.33 -1.38 -31.82
CA LYS D 33 18.77 -0.73 -30.59
C LYS D 33 20.23 -0.33 -30.69
N VAL D 34 20.85 -0.58 -31.84
CA VAL D 34 22.24 -0.23 -32.05
C VAL D 34 22.43 0.50 -33.38
N ARG D 35 23.15 1.63 -33.35
CA ARG D 35 23.40 2.40 -34.56
C ARG D 35 24.83 2.90 -34.63
N ARG D 36 25.15 3.49 -35.77
CA ARG D 36 26.42 4.18 -35.97
C ARG D 36 26.18 5.68 -35.97
N LEU D 37 27.20 6.43 -35.57
CA LEU D 37 27.11 7.89 -35.58
C LEU D 37 28.37 8.51 -36.17
N TYR D 38 28.36 9.83 -36.26
CA TYR D 38 29.53 10.63 -36.61
C TYR D 38 30.40 10.04 -37.71
N ASN D 39 29.84 9.98 -38.91
CA ASN D 39 30.52 9.35 -40.04
C ASN D 39 30.96 7.95 -39.78
N ASP D 40 30.14 7.24 -39.02
CA ASP D 40 30.32 5.81 -38.82
C ASP D 40 31.67 5.43 -38.22
N LYS D 41 32.15 6.23 -37.27
CA LYS D 41 33.30 5.83 -36.48
C LYS D 41 32.96 5.93 -35.00
N VAL D 42 31.67 6.05 -34.74
CA VAL D 42 31.15 5.98 -33.39
C VAL D 42 29.93 5.06 -33.39
N ILE D 43 29.89 4.13 -32.45
CA ILE D 43 28.75 3.23 -32.34
C ILE D 43 28.02 3.43 -31.03
N ALA D 44 26.70 3.27 -31.05
CA ALA D 44 25.90 3.46 -29.85
C ALA D 44 24.73 2.47 -29.73
N GLY D 45 24.41 2.10 -28.49
CA GLY D 45 23.26 1.26 -28.22
C GLY D 45 22.43 1.87 -27.10
N PHE D 46 21.12 1.64 -27.12
CA PHE D 46 20.26 2.22 -26.09
C PHE D 46 19.32 1.19 -25.45
N ALA D 47 18.89 1.51 -24.24
CA ALA D 47 17.93 0.70 -23.51
C ALA D 47 16.89 1.63 -22.88
N GLY D 48 15.61 1.36 -23.12
CA GLY D 48 14.55 2.20 -22.59
C GLY D 48 13.48 2.54 -23.63
N GLY D 49 12.79 3.65 -23.41
CA GLY D 49 11.77 4.11 -24.36
C GLY D 49 12.41 4.62 -25.63
N THR D 50 11.79 4.30 -26.77
CA THR D 50 12.33 4.67 -28.08
C THR D 50 12.48 6.18 -28.22
N ALA D 51 11.60 6.92 -27.55
CA ALA D 51 11.61 8.37 -27.64
C ALA D 51 12.76 9.00 -26.88
N ASP D 52 12.77 8.78 -25.57
CA ASP D 52 13.76 9.38 -24.67
C ASP D 52 15.17 9.07 -25.11
N ALA D 53 15.37 7.87 -25.64
CA ALA D 53 16.69 7.44 -26.08
C ALA D 53 17.04 8.12 -27.40
N PHE D 54 16.03 8.36 -28.23
CA PHE D 54 16.27 9.00 -29.52
C PHE D 54 16.58 10.48 -29.32
N THR D 55 16.02 11.04 -28.25
CA THR D 55 16.36 12.37 -27.79
C THR D 55 17.84 12.42 -27.48
N LEU D 56 18.27 11.44 -26.70
CA LEU D 56 19.66 11.33 -26.28
C LEU D 56 20.61 11.22 -27.44
N PHE D 57 20.19 10.55 -28.52
CA PHE D 57 21.02 10.38 -29.70
C PHE D 57 21.41 11.73 -30.28
N GLU D 58 20.40 12.46 -30.71
CA GLU D 58 20.56 13.78 -31.29
C GLU D 58 21.29 14.68 -30.33
N LEU D 59 20.87 14.63 -29.07
CA LEU D 59 21.45 15.44 -28.03
C LEU D 59 22.93 15.12 -27.85
N PHE D 60 23.28 13.86 -28.10
CA PHE D 60 24.65 13.39 -27.99
C PHE D 60 25.40 13.61 -29.29
N GLU D 61 24.76 13.29 -30.42
CA GLU D 61 25.37 13.45 -31.73
C GLU D 61 25.69 14.91 -31.95
N ARG D 62 24.89 15.78 -31.33
CA ARG D 62 25.13 17.22 -31.41
C ARG D 62 26.45 17.57 -30.76
N LYS D 63 26.59 17.19 -29.50
CA LYS D 63 27.78 17.45 -28.71
C LYS D 63 29.05 16.88 -29.33
N LEU D 64 28.89 15.85 -30.15
CA LEU D 64 30.02 15.24 -30.85
C LEU D 64 30.62 16.22 -31.85
N GLU D 65 29.77 16.79 -32.69
CA GLU D 65 30.19 17.81 -33.64
C GLU D 65 30.65 19.04 -32.88
N MET D 66 29.81 19.47 -31.93
CA MET D 66 30.10 20.62 -31.08
C MET D 66 31.42 20.49 -30.34
N HIS D 67 31.91 19.26 -30.23
CA HIS D 67 33.18 19.01 -29.59
C HIS D 67 34.05 18.09 -30.41
N GLN D 68 34.25 18.46 -31.67
CA GLN D 68 35.35 17.91 -32.45
C GLN D 68 35.19 16.43 -32.85
N GLY D 69 34.40 15.69 -32.08
CA GLY D 69 34.27 14.26 -32.27
C GLY D 69 34.94 13.55 -31.12
N HIS D 70 35.31 14.34 -30.12
CA HIS D 70 35.88 13.85 -28.88
C HIS D 70 34.79 13.16 -28.07
N LEU D 71 34.90 11.85 -27.96
CA LEU D 71 33.86 11.03 -27.32
C LEU D 71 33.58 11.43 -25.87
N VAL D 72 34.63 11.41 -25.06
CA VAL D 72 34.50 11.64 -23.63
C VAL D 72 33.96 13.02 -23.30
N LYS D 73 34.55 14.07 -23.88
CA LYS D 73 34.09 15.44 -23.64
C LYS D 73 32.64 15.65 -24.04
N ALA D 74 32.28 15.17 -25.23
CA ALA D 74 30.92 15.27 -25.72
C ALA D 74 29.94 14.65 -24.74
N ALA D 75 30.33 13.53 -24.14
CA ALA D 75 29.49 12.88 -23.15
C ALA D 75 29.44 13.66 -21.84
N VAL D 76 30.59 14.20 -21.42
CA VAL D 76 30.69 14.94 -20.16
C VAL D 76 29.88 16.24 -20.22
N GLU D 77 29.95 16.93 -21.36
CA GLU D 77 29.18 18.14 -21.59
C GLU D 77 27.70 17.82 -21.49
N LEU D 78 27.28 16.71 -22.12
CA LEU D 78 25.89 16.28 -22.09
C LEU D 78 25.40 16.02 -20.68
N ALA D 79 26.32 15.61 -19.81
CA ALA D 79 25.99 15.32 -18.42
C ALA D 79 25.48 16.56 -17.71
N LYS D 80 25.90 17.73 -18.17
CA LYS D 80 25.46 18.98 -17.57
C LYS D 80 24.11 19.37 -18.14
N ASP D 81 23.93 19.18 -19.45
CA ASP D 81 22.67 19.51 -20.16
C ASP D 81 21.48 18.68 -19.74
N TRP D 82 21.73 17.62 -19.00
CA TRP D 82 20.69 16.74 -18.54
C TRP D 82 20.64 16.85 -17.04
N ARG D 83 21.23 17.92 -16.55
CA ARG D 83 21.31 18.12 -15.14
C ARG D 83 20.96 19.57 -14.87
N ARG D 89 14.75 16.73 -18.76
CA ARG D 89 15.15 16.24 -17.45
C ARG D 89 14.21 15.09 -17.08
N LYS D 90 13.22 14.88 -17.93
CA LYS D 90 12.20 13.86 -17.74
C LYS D 90 12.45 12.67 -18.65
N LEU D 91 13.69 12.24 -18.76
CA LEU D 91 14.00 11.11 -19.63
C LEU D 91 14.46 9.91 -18.83
N GLU D 92 14.07 8.73 -19.30
CA GLU D 92 14.50 7.49 -18.71
C GLU D 92 14.95 6.53 -19.78
N ALA D 93 16.26 6.49 -19.97
CA ALA D 93 16.89 5.64 -20.95
C ALA D 93 18.35 5.51 -20.59
N LEU D 94 19.00 4.49 -21.14
CA LEU D 94 20.41 4.30 -20.94
C LEU D 94 21.08 4.31 -22.29
N LEU D 95 22.31 4.80 -22.33
CA LEU D 95 23.03 4.92 -23.59
C LEU D 95 24.41 4.30 -23.50
N ALA D 96 24.70 3.38 -24.41
CA ALA D 96 26.02 2.78 -24.47
C ALA D 96 26.75 3.37 -25.67
N VAL D 97 27.92 3.96 -25.43
CA VAL D 97 28.62 4.69 -26.47
C VAL D 97 30.07 4.27 -26.52
N ALA D 98 30.59 4.02 -27.72
CA ALA D 98 31.99 3.59 -27.84
C ALA D 98 32.63 4.08 -29.14
N ASP D 99 33.93 4.32 -29.08
CA ASP D 99 34.70 4.58 -30.29
C ASP D 99 36.08 3.90 -30.20
N GLU D 100 37.00 4.38 -31.02
CA GLU D 100 38.35 3.87 -31.07
C GLU D 100 39.08 4.02 -29.74
N THR D 101 38.70 5.05 -28.98
CA THR D 101 39.47 5.48 -27.82
C THR D 101 38.90 5.00 -26.49
N ALA D 102 37.61 5.21 -26.28
CA ALA D 102 36.96 4.85 -25.01
C ALA D 102 35.59 4.24 -25.20
N SER D 103 35.01 3.78 -24.10
CA SER D 103 33.64 3.26 -24.09
C SER D 103 32.98 3.76 -22.82
N LEU D 104 31.76 4.29 -22.94
CA LEU D 104 31.05 4.78 -21.76
C LEU D 104 29.57 4.51 -21.76
N ILE D 105 28.98 4.67 -20.58
CA ILE D 105 27.55 4.61 -20.39
C ILE D 105 27.05 5.99 -19.99
N ILE D 106 25.94 6.41 -20.57
CA ILE D 106 25.33 7.68 -20.24
C ILE D 106 23.92 7.41 -19.75
N THR D 107 23.67 7.73 -18.48
CA THR D 107 22.43 7.34 -17.84
C THR D 107 21.41 8.47 -17.74
N GLY D 108 20.26 8.14 -17.18
CA GLY D 108 19.15 9.06 -17.01
C GLY D 108 19.37 10.26 -16.12
N ASN D 109 20.01 10.05 -14.98
CA ASN D 109 20.27 11.14 -14.04
C ASN D 109 21.29 12.13 -14.59
N GLY D 110 21.99 11.69 -15.64
CA GLY D 110 23.03 12.49 -16.25
C GLY D 110 24.41 12.07 -15.80
N ASP D 111 24.56 10.81 -15.42
CA ASP D 111 25.87 10.30 -15.04
C ASP D 111 26.59 9.80 -16.26
N VAL D 112 27.91 9.83 -16.20
CA VAL D 112 28.73 9.21 -17.22
C VAL D 112 29.62 8.20 -16.54
N VAL D 113 29.53 6.94 -16.96
CA VAL D 113 30.21 5.86 -16.26
C VAL D 113 31.20 5.15 -17.18
N GLN D 114 32.43 5.01 -16.71
CA GLN D 114 33.45 4.22 -17.39
C GLN D 114 33.42 2.80 -16.81
N PRO D 115 32.94 1.83 -17.61
CA PRO D 115 32.88 0.43 -17.19
C PRO D 115 34.28 -0.13 -16.87
N GLU D 116 34.36 -1.19 -16.07
CA GLU D 116 35.61 -1.66 -15.53
C GLU D 116 36.66 -2.03 -16.60
N ASN D 117 36.33 -2.98 -17.47
CA ASN D 117 37.25 -3.32 -18.53
C ASN D 117 36.69 -2.97 -19.89
N ASP D 118 36.00 -1.83 -19.94
CA ASP D 118 35.27 -1.41 -21.13
C ASP D 118 34.22 -2.44 -21.50
N LEU D 119 33.81 -3.25 -20.51
CA LEU D 119 32.74 -4.19 -20.72
C LEU D 119 31.43 -3.56 -20.28
N ILE D 120 30.53 -3.33 -21.22
CA ILE D 120 29.23 -2.75 -20.92
C ILE D 120 28.09 -3.77 -21.04
N ALA D 121 27.25 -3.82 -20.02
CA ALA D 121 26.08 -4.68 -20.06
C ALA D 121 24.94 -3.98 -19.34
N ILE D 122 24.05 -3.38 -20.12
CA ILE D 122 22.95 -2.63 -19.53
C ILE D 122 21.60 -3.16 -20.03
N GLY D 123 20.53 -2.81 -19.33
CA GLY D 123 19.23 -3.34 -19.65
C GLY D 123 18.77 -4.33 -18.61
N SER D 124 17.57 -4.85 -18.80
CA SER D 124 17.03 -5.83 -17.87
C SER D 124 17.90 -7.06 -17.87
N GLY D 125 18.36 -7.48 -19.04
CA GLY D 125 19.17 -8.68 -19.13
C GLY D 125 20.66 -8.40 -19.03
N GLY D 126 20.99 -7.13 -18.76
CA GLY D 126 22.37 -6.72 -18.58
C GLY D 126 23.26 -7.63 -17.76
N PRO D 127 22.88 -7.89 -16.48
CA PRO D 127 23.75 -8.65 -15.59
C PRO D 127 24.05 -10.06 -16.10
N TYR D 128 23.08 -10.71 -16.74
CA TYR D 128 23.29 -12.06 -17.27
C TYR D 128 24.31 -12.03 -18.39
N ALA D 129 24.23 -11.03 -19.25
CA ALA D 129 25.19 -10.88 -20.33
C ALA D 129 26.56 -10.55 -19.77
N GLN D 130 26.59 -9.81 -18.66
CA GLN D 130 27.85 -9.46 -18.01
C GLN D 130 28.54 -10.71 -17.49
N ALA D 131 27.78 -11.61 -16.92
CA ALA D 131 28.32 -12.84 -16.39
C ALA D 131 28.90 -13.73 -17.49
N ALA D 132 28.17 -13.85 -18.61
CA ALA D 132 28.61 -14.67 -19.72
C ALA D 132 29.85 -14.05 -20.38
N ALA D 133 29.84 -12.73 -20.53
CA ALA D 133 30.92 -12.01 -21.20
C ALA D 133 32.21 -12.12 -20.39
N ARG D 134 32.09 -11.80 -19.10
CA ARG D 134 33.21 -11.87 -18.18
C ARG D 134 33.82 -13.28 -18.20
N ALA D 135 32.98 -14.30 -18.26
CA ALA D 135 33.46 -15.64 -18.31
C ALA D 135 34.30 -15.86 -19.56
N LEU D 136 33.71 -15.58 -20.73
CA LEU D 136 34.37 -15.77 -22.03
C LEU D 136 35.67 -14.98 -22.15
N LEU D 137 35.63 -13.73 -21.67
CA LEU D 137 36.78 -12.84 -21.68
C LEU D 137 37.97 -13.47 -20.96
N GLU D 138 37.71 -14.00 -19.77
CA GLU D 138 38.77 -14.44 -18.86
C GLU D 138 39.20 -15.88 -19.10
N ASN D 139 38.52 -16.59 -20.01
CA ASN D 139 38.75 -18.02 -20.21
C ASN D 139 38.77 -18.48 -21.65
N THR D 140 38.61 -17.55 -22.58
CA THR D 140 38.75 -17.93 -24.00
C THR D 140 39.57 -16.92 -24.73
N GLU D 141 39.74 -17.16 -26.02
CA GLU D 141 40.49 -16.29 -26.88
C GLU D 141 39.55 -15.83 -27.96
N LEU D 142 38.26 -15.80 -27.63
CA LEU D 142 37.24 -15.39 -28.60
C LEU D 142 37.37 -13.90 -28.95
N SER D 143 36.82 -13.54 -30.11
CA SER D 143 36.82 -12.15 -30.53
C SER D 143 35.76 -11.35 -29.77
N ALA D 144 35.94 -10.04 -29.73
CA ALA D 144 34.98 -9.14 -29.10
C ALA D 144 33.57 -9.31 -29.68
N ARG D 145 33.49 -9.62 -30.98
CA ARG D 145 32.21 -9.82 -31.64
C ARG D 145 31.60 -11.16 -31.23
N GLU D 146 32.43 -12.20 -31.18
CA GLU D 146 31.95 -13.53 -30.79
C GLU D 146 31.42 -13.52 -29.36
N ILE D 147 32.19 -12.89 -28.46
CA ILE D 147 31.81 -12.80 -27.05
C ILE D 147 30.49 -12.05 -26.86
N ALA D 148 30.37 -10.87 -27.46
CA ALA D 148 29.16 -10.07 -27.31
C ALA D 148 27.93 -10.82 -27.83
N GLU D 149 28.08 -11.51 -28.95
CA GLU D 149 26.97 -12.19 -29.56
C GLU D 149 26.52 -13.36 -28.71
N LYS D 150 27.50 -14.13 -28.21
CA LYS D 150 27.21 -15.29 -27.39
C LYS D 150 26.62 -14.89 -26.04
N ALA D 151 27.07 -13.75 -25.50
CA ALA D 151 26.57 -13.25 -24.22
C ALA D 151 25.11 -12.80 -24.37
N LEU D 152 24.80 -12.19 -25.53
CA LEU D 152 23.46 -11.68 -25.84
C LEU D 152 22.45 -12.82 -26.00
N ASP D 153 22.89 -13.95 -26.53
CA ASP D 153 22.01 -15.11 -26.69
C ASP D 153 21.63 -15.70 -25.32
N ILE D 154 22.64 -15.83 -24.46
CA ILE D 154 22.43 -16.34 -23.12
C ILE D 154 21.50 -15.42 -22.35
N ALA D 155 21.69 -14.12 -22.51
CA ALA D 155 20.84 -13.14 -21.86
C ALA D 155 19.39 -13.27 -22.33
N GLY D 156 19.21 -13.49 -23.64
CA GLY D 156 17.90 -13.63 -24.23
C GLY D 156 17.24 -14.92 -23.80
N ASP D 157 18.07 -15.95 -23.55
CA ASP D 157 17.60 -17.24 -23.05
C ASP D 157 17.10 -17.13 -21.61
N ILE D 158 17.74 -16.26 -20.83
CA ILE D 158 17.42 -16.12 -19.42
C ILE D 158 16.42 -14.99 -19.18
N CYS D 159 16.69 -13.80 -19.72
CA CYS D 159 15.76 -12.69 -19.50
C CYS D 159 14.46 -12.85 -20.30
N ILE D 160 13.36 -12.72 -19.60
CA ILE D 160 12.02 -12.76 -20.15
C ILE D 160 11.80 -11.57 -21.06
N TYR D 161 12.57 -10.51 -20.80
CA TYR D 161 12.41 -9.25 -21.50
C TYR D 161 13.47 -9.02 -22.57
N THR D 162 14.16 -10.09 -22.93
CA THR D 162 15.18 -10.01 -23.96
C THR D 162 14.97 -11.15 -24.95
N ASN D 163 15.08 -10.85 -26.24
CA ASN D 163 14.90 -11.89 -27.27
C ASN D 163 16.18 -12.28 -28.03
N HIS D 164 15.99 -12.88 -29.20
CA HIS D 164 17.14 -13.37 -29.95
C HIS D 164 17.30 -12.70 -31.31
N PHE D 165 16.66 -11.55 -31.45
CA PHE D 165 16.94 -10.69 -32.59
C PHE D 165 18.19 -9.88 -32.27
N HIS D 166 19.13 -9.82 -33.20
CA HIS D 166 20.38 -9.12 -32.92
C HIS D 166 20.64 -7.94 -33.85
N THR D 167 21.21 -6.88 -33.30
CA THR D 167 21.77 -5.81 -34.11
C THR D 167 23.18 -5.63 -33.58
N ILE D 168 24.19 -5.82 -34.43
CA ILE D 168 25.57 -5.72 -34.00
C ILE D 168 26.35 -4.71 -34.84
N GLU D 169 27.02 -3.78 -34.19
CA GLU D 169 27.91 -2.87 -34.91
C GLU D 169 29.34 -3.02 -34.39
N GLU D 170 30.28 -3.22 -35.31
CA GLU D 170 31.66 -3.46 -34.94
C GLU D 170 32.50 -2.29 -35.41
N LEU D 171 33.67 -2.13 -34.80
CA LEU D 171 34.55 -1.02 -35.13
C LEU D 171 35.99 -1.50 -35.11
N SER D 172 36.62 -1.57 -36.28
CA SER D 172 38.02 -2.00 -36.36
C SER D 172 38.94 -0.80 -36.29
N TYR D 173 39.99 -0.93 -35.50
CA TYR D 173 41.02 0.10 -35.45
C TYR D 173 42.36 -0.54 -35.14
N LYS D 174 43.22 0.23 -34.50
CA LYS D 174 44.56 -0.20 -34.21
C LYS D 174 44.61 -0.88 -32.84
N THR E 1 27.95 2.52 0.03
CA THR E 1 29.04 3.43 -0.19
C THR E 1 29.56 3.81 1.15
N THR E 2 30.85 4.01 1.25
CA THR E 2 31.46 4.40 2.48
C THR E 2 32.54 5.39 2.21
N ILE E 3 32.38 6.59 2.71
CA ILE E 3 33.43 7.61 2.68
C ILE E 3 33.89 7.97 4.10
N VAL E 4 35.20 7.85 4.35
CA VAL E 4 35.73 8.16 5.67
C VAL E 4 36.74 9.29 5.60
N SER E 5 36.69 10.19 6.58
CA SER E 5 37.71 11.22 6.69
C SER E 5 38.25 11.34 8.12
N VAL E 6 39.57 11.29 8.23
CA VAL E 6 40.19 11.36 9.55
C VAL E 6 41.27 12.46 9.51
N ARG E 7 41.35 13.22 10.59
CA ARG E 7 42.36 14.27 10.69
C ARG E 7 43.18 14.06 11.95
N ARG E 8 44.51 14.00 11.80
CA ARG E 8 45.38 13.77 12.95
C ARG E 8 46.83 14.13 12.65
N ASN E 9 47.40 14.99 13.50
CA ASN E 9 48.80 15.39 13.43
C ASN E 9 49.24 16.11 12.15
N GLY E 10 48.50 17.15 11.75
CA GLY E 10 48.83 17.87 10.53
C GLY E 10 48.60 17.07 9.26
N HIS E 11 47.79 16.00 9.37
CA HIS E 11 47.37 15.24 8.21
C HIS E 11 45.86 15.15 8.18
N VAL E 12 45.32 15.06 6.97
CA VAL E 12 43.91 14.76 6.81
C VAL E 12 43.73 13.90 5.56
N VAL E 13 42.89 12.87 5.67
CA VAL E 13 42.68 11.98 4.52
C VAL E 13 41.19 11.80 4.25
N ILE E 14 40.90 11.35 3.03
CA ILE E 14 39.57 10.88 2.69
C ILE E 14 39.71 9.56 1.94
N ALA E 15 38.96 8.55 2.41
CA ALA E 15 39.01 7.23 1.80
C ALA E 15 37.60 6.82 1.40
N GLY E 16 37.48 6.17 0.23
CA GLY E 16 36.20 5.68 -0.22
C GLY E 16 36.31 4.33 -0.90
N ASP E 17 35.23 3.55 -0.88
CA ASP E 17 35.22 2.28 -1.59
C ASP E 17 34.99 2.51 -3.09
N GLY E 18 34.66 1.44 -3.83
CA GLY E 18 34.48 1.56 -5.26
C GLY E 18 33.24 0.85 -5.77
N GLN E 19 32.35 0.46 -4.85
CA GLN E 19 31.19 -0.34 -5.26
C GLN E 19 30.05 0.52 -5.76
N ALA E 20 29.52 0.14 -6.93
CA ALA E 20 28.29 0.72 -7.46
C ALA E 20 27.25 -0.39 -7.58
N THR E 21 26.13 -0.21 -6.88
CA THR E 21 25.17 -1.28 -6.75
C THR E 21 23.86 -0.94 -7.46
N LEU E 22 23.34 -1.90 -8.23
CA LEU E 22 22.06 -1.72 -8.88
C LEU E 22 21.16 -2.88 -8.49
N GLY E 23 20.20 -2.61 -7.63
CA GLY E 23 19.39 -3.66 -7.05
C GLY E 23 20.18 -4.46 -6.04
N ASN E 24 20.53 -5.70 -6.41
CA ASN E 24 21.33 -6.56 -5.54
C ASN E 24 22.58 -6.97 -6.28
N THR E 25 22.84 -6.27 -7.37
CA THR E 25 23.95 -6.63 -8.25
C THR E 25 25.01 -5.55 -8.31
N VAL E 26 26.28 -5.96 -8.42
CA VAL E 26 27.34 -4.97 -8.52
C VAL E 26 27.57 -4.60 -9.99
N MET E 27 27.33 -3.35 -10.31
CA MET E 27 27.54 -2.85 -11.65
C MET E 27 29.02 -2.65 -11.89
N LYS E 28 29.67 -1.99 -10.93
CA LYS E 28 31.07 -1.63 -11.04
C LYS E 28 31.71 -1.69 -9.66
N GLY E 29 32.99 -2.06 -9.58
CA GLY E 29 33.64 -2.25 -8.30
C GLY E 29 34.85 -1.35 -8.09
N ASN E 30 35.18 -0.55 -9.10
CA ASN E 30 36.37 0.29 -9.04
C ASN E 30 36.03 1.75 -9.28
N VAL E 31 34.90 2.18 -8.74
CA VAL E 31 34.52 3.59 -8.84
C VAL E 31 35.45 4.48 -8.03
N LYS E 32 35.86 5.59 -8.65
CA LYS E 32 36.71 6.53 -7.97
C LYS E 32 35.87 7.56 -7.22
N LYS E 33 35.81 7.44 -5.90
CA LYS E 33 34.89 8.25 -5.10
C LYS E 33 35.64 9.36 -4.37
N VAL E 34 36.95 9.43 -4.58
CA VAL E 34 37.75 10.44 -3.92
C VAL E 34 38.70 11.12 -4.92
N ARG E 35 38.69 12.45 -4.91
CA ARG E 35 39.55 13.22 -5.82
C ARG E 35 40.22 14.39 -5.12
N ARG E 36 41.13 15.02 -5.84
CA ARG E 36 41.73 16.27 -5.41
C ARG E 36 41.19 17.44 -6.21
N LEU E 37 41.17 18.60 -5.58
CA LEU E 37 40.66 19.80 -6.24
C LEU E 37 41.63 20.95 -6.03
N TYR E 38 41.29 22.09 -6.64
CA TYR E 38 41.95 23.37 -6.43
C TYR E 38 43.46 23.29 -6.28
N ASN E 39 44.12 22.94 -7.38
CA ASN E 39 45.57 22.74 -7.39
C ASN E 39 46.03 21.76 -6.33
N ASP E 40 45.22 20.74 -6.11
CA ASP E 40 45.61 19.62 -5.26
C ASP E 40 45.96 20.00 -3.83
N LYS E 41 45.22 20.94 -3.25
CA LYS E 41 45.36 21.20 -1.84
C LYS E 41 43.98 21.16 -1.20
N VAL E 42 43.03 20.61 -1.95
CA VAL E 42 41.71 20.30 -1.43
C VAL E 42 41.33 18.89 -1.85
N ILE E 43 40.86 18.09 -0.90
CA ILE E 43 40.42 16.73 -1.21
C ILE E 43 38.93 16.57 -0.97
N ALA E 44 38.28 15.72 -1.77
CA ALA E 44 36.84 15.51 -1.63
C ALA E 44 36.42 14.07 -1.92
N GLY E 45 35.39 13.61 -1.22
CA GLY E 45 34.82 12.30 -1.46
C GLY E 45 33.30 12.40 -1.58
N PHE E 46 32.69 11.55 -2.40
CA PHE E 46 31.25 11.64 -2.58
C PHE E 46 30.54 10.31 -2.36
N ALA E 47 29.25 10.39 -2.04
CA ALA E 47 28.39 9.21 -1.90
C ALA E 47 27.06 9.45 -2.60
N GLY E 48 26.66 8.56 -3.49
CA GLY E 48 25.42 8.71 -4.23
C GLY E 48 25.55 8.42 -5.72
N GLY E 49 24.69 9.04 -6.52
CA GLY E 49 24.77 8.87 -7.96
C GLY E 49 25.95 9.62 -8.54
N THR E 50 26.61 9.02 -9.53
CA THR E 50 27.81 9.58 -10.13
C THR E 50 27.55 10.94 -10.75
N ALA E 51 26.33 11.16 -11.23
CA ALA E 51 25.96 12.43 -11.87
C ALA E 51 25.80 13.56 -10.89
N ASP E 52 24.82 13.41 -10.01
CA ASP E 52 24.47 14.45 -9.04
C ASP E 52 25.67 14.90 -8.23
N ALA E 53 26.56 13.97 -7.93
CA ALA E 53 27.75 14.26 -7.15
C ALA E 53 28.78 15.00 -8.00
N PHE E 54 28.83 14.66 -9.29
CA PHE E 54 29.77 15.30 -10.20
C PHE E 54 29.34 16.72 -10.49
N THR E 55 28.03 16.93 -10.44
CA THR E 55 27.43 18.25 -10.49
C THR E 55 27.96 19.07 -9.34
N LEU E 56 27.88 18.47 -8.15
CA LEU E 56 28.33 19.11 -6.93
C LEU E 56 29.80 19.47 -6.96
N PHE E 57 30.61 18.66 -7.61
CA PHE E 57 32.05 18.93 -7.74
C PHE E 57 32.28 20.27 -8.41
N GLU E 58 31.87 20.35 -9.67
CA GLU E 58 32.02 21.56 -10.45
C GLU E 58 31.38 22.74 -9.75
N LEU E 59 30.18 22.50 -9.22
CA LEU E 59 29.43 23.53 -8.53
C LEU E 59 30.17 24.00 -7.29
N PHE E 60 30.94 23.10 -6.71
CA PHE E 60 31.73 23.40 -5.53
C PHE E 60 33.10 23.94 -5.92
N GLU E 61 33.74 23.30 -6.89
CA GLU E 61 35.05 23.73 -7.37
C GLU E 61 34.95 25.15 -7.91
N ARG E 62 33.78 25.50 -8.45
CA ARG E 62 33.53 26.85 -8.93
C ARG E 62 33.61 27.84 -7.78
N LYS E 63 32.81 27.60 -6.75
CA LYS E 63 32.75 28.47 -5.57
C LYS E 63 34.10 28.62 -4.87
N LEU E 64 34.98 27.63 -5.05
CA LEU E 64 36.31 27.68 -4.47
C LEU E 64 37.13 28.80 -5.09
N GLU E 65 37.15 28.83 -6.42
CA GLU E 65 37.79 29.90 -7.15
C GLU E 65 37.06 31.21 -6.88
N MET E 66 35.74 31.16 -7.03
CA MET E 66 34.86 32.32 -6.81
C MET E 66 35.02 32.91 -5.41
N HIS E 67 35.49 32.09 -4.49
CA HIS E 67 35.77 32.54 -3.16
C HIS E 67 37.10 32.04 -2.82
N GLN E 68 38.01 32.46 -3.66
CA GLN E 68 39.30 32.65 -3.18
C GLN E 68 40.02 31.26 -3.02
N GLY E 69 39.37 30.27 -2.44
CA GLY E 69 39.99 29.01 -2.11
C GLY E 69 39.67 28.80 -0.65
N HIS E 70 38.84 29.69 -0.12
CA HIS E 70 38.35 29.56 1.22
C HIS E 70 37.32 28.45 1.28
N LEU E 71 37.64 27.37 1.95
CA LEU E 71 36.80 26.18 1.94
C LEU E 71 35.36 26.43 2.24
N VAL E 72 35.10 26.95 3.42
CA VAL E 72 33.74 27.07 3.88
C VAL E 72 32.82 27.69 2.87
N LYS E 73 33.32 28.69 2.19
CA LYS E 73 32.41 29.46 1.33
C LYS E 73 31.98 28.68 0.10
N ALA E 74 32.96 28.05 -0.56
CA ALA E 74 32.70 27.26 -1.75
C ALA E 74 31.67 26.18 -1.47
N ALA E 75 31.75 25.58 -0.29
CA ALA E 75 30.81 24.56 0.12
C ALA E 75 29.44 25.15 0.43
N VAL E 76 29.44 26.30 1.12
CA VAL E 76 28.20 26.96 1.54
C VAL E 76 27.39 27.44 0.33
N GLU E 77 28.10 28.00 -0.65
CA GLU E 77 27.49 28.44 -1.89
C GLU E 77 26.84 27.26 -2.59
N LEU E 78 27.56 26.13 -2.64
CA LEU E 78 27.05 24.92 -3.26
C LEU E 78 25.76 24.42 -2.59
N ALA E 79 25.63 24.69 -1.29
CA ALA E 79 24.46 24.29 -0.53
C ALA E 79 23.21 24.95 -1.04
N LYS E 80 23.37 26.08 -1.69
CA LYS E 80 22.32 26.59 -2.53
C LYS E 80 21.56 25.95 -3.65
N ASP E 81 22.31 25.71 -4.71
CA ASP E 81 22.02 24.75 -5.77
C ASP E 81 21.49 23.35 -5.51
N TRP E 82 22.09 22.62 -4.58
CA TRP E 82 21.50 21.36 -4.33
C TRP E 82 20.33 21.66 -3.48
N ARG E 83 20.47 22.66 -2.62
CA ARG E 83 19.32 23.14 -1.92
C ARG E 83 18.10 22.86 -2.80
N ARG E 89 17.38 20.10 -8.97
CA ARG E 89 16.95 20.28 -7.59
C ARG E 89 16.19 19.05 -7.03
N LYS E 90 15.96 18.06 -7.89
CA LYS E 90 15.48 16.71 -7.49
C LYS E 90 16.67 15.78 -7.60
N LEU E 91 17.28 15.44 -6.46
CA LEU E 91 18.69 15.11 -6.49
C LEU E 91 19.05 14.48 -5.17
N GLU E 92 20.21 13.86 -5.08
CA GLU E 92 20.63 13.23 -3.83
C GLU E 92 22.09 12.79 -3.91
N ALA E 93 22.94 13.43 -3.12
CA ALA E 93 24.35 13.10 -3.11
C ALA E 93 24.99 13.74 -1.91
N LEU E 94 25.96 13.06 -1.31
CA LEU E 94 26.62 13.65 -0.17
C LEU E 94 28.07 13.94 -0.54
N LEU E 95 28.62 14.98 0.06
CA LEU E 95 29.95 15.40 -0.30
C LEU E 95 30.81 15.59 0.95
N ALA E 96 31.96 14.93 0.98
CA ALA E 96 32.89 15.13 2.07
C ALA E 96 34.06 15.97 1.54
N VAL E 97 34.31 17.08 2.21
CA VAL E 97 35.29 18.05 1.74
C VAL E 97 36.25 18.45 2.86
N ALA E 98 37.55 18.48 2.57
CA ALA E 98 38.52 18.85 3.59
C ALA E 98 39.75 19.53 3.01
N ASP E 99 40.33 20.41 3.81
CA ASP E 99 41.61 21.00 3.48
C ASP E 99 42.49 21.12 4.72
N GLU E 100 43.49 21.98 4.62
CA GLU E 100 44.42 22.25 5.71
C GLU E 100 43.72 22.82 6.94
N THR E 101 42.61 23.51 6.73
CA THR E 101 41.96 24.30 7.79
C THR E 101 40.77 23.61 8.44
N ALA E 102 39.84 23.12 7.63
CA ALA E 102 38.62 22.51 8.15
C ALA E 102 38.19 21.28 7.34
N SER E 103 37.14 20.62 7.82
CA SER E 103 36.57 19.47 7.15
C SER E 103 35.05 19.57 7.28
N LEU E 104 34.33 19.41 6.18
CA LEU E 104 32.88 19.48 6.24
C LEU E 104 32.16 18.50 5.35
N ILE E 105 30.86 18.39 5.62
CA ILE E 105 29.95 17.60 4.82
C ILE E 105 28.93 18.50 4.17
N ILE E 106 28.69 18.29 2.88
CA ILE E 106 27.71 19.06 2.14
C ILE E 106 26.65 18.09 1.66
N THR E 107 25.42 18.28 2.12
CA THR E 107 24.36 17.32 1.84
C THR E 107 23.37 17.78 0.76
N GLY E 108 22.41 16.90 0.48
CA GLY E 108 21.42 17.11 -0.57
C GLY E 108 20.48 18.28 -0.36
N ASN E 109 20.00 18.47 0.86
CA ASN E 109 19.07 19.56 1.14
C ASN E 109 19.76 20.92 1.08
N GLY E 110 21.08 20.88 1.09
CA GLY E 110 21.88 22.09 1.06
C GLY E 110 22.40 22.46 2.43
N ASP E 111 22.54 21.46 3.29
CA ASP E 111 23.12 21.71 4.61
C ASP E 111 24.62 21.62 4.56
N VAL E 112 25.27 22.33 5.46
CA VAL E 112 26.71 22.21 5.64
C VAL E 112 26.97 21.82 7.08
N VAL E 113 27.63 20.70 7.28
CA VAL E 113 27.77 20.15 8.63
C VAL E 113 29.24 20.00 9.01
N GLN E 114 29.56 20.51 10.21
CA GLN E 114 30.89 20.32 10.76
C GLN E 114 30.87 19.12 11.69
N PRO E 115 31.53 18.02 11.28
CA PRO E 115 31.60 16.80 12.09
C PRO E 115 32.25 17.08 13.44
N GLU E 116 32.00 16.22 14.42
CA GLU E 116 32.40 16.47 15.80
C GLU E 116 33.90 16.68 15.97
N ASN E 117 34.70 15.69 15.63
CA ASN E 117 36.14 15.84 15.72
C ASN E 117 36.79 15.78 14.36
N ASP E 118 36.14 16.43 13.39
CA ASP E 118 36.55 16.35 11.99
C ASP E 118 36.59 14.91 11.50
N LEU E 119 35.84 14.04 12.17
CA LEU E 119 35.68 12.66 11.73
C LEU E 119 34.42 12.55 10.87
N ILE E 120 34.61 12.22 9.60
CA ILE E 120 33.50 12.10 8.68
C ILE E 120 33.31 10.65 8.26
N ALA E 121 32.07 10.17 8.38
CA ALA E 121 31.72 8.84 7.92
C ALA E 121 30.32 8.88 7.32
N ILE E 122 30.26 8.93 6.00
CA ILE E 122 28.99 9.02 5.30
C ILE E 122 28.85 7.87 4.31
N GLY E 123 27.60 7.62 3.90
CA GLY E 123 27.30 6.49 3.04
C GLY E 123 26.52 5.42 3.77
N SER E 124 26.18 4.36 3.07
CA SER E 124 25.45 3.26 3.68
C SER E 124 26.30 2.64 4.80
N GLY E 125 27.61 2.52 4.55
CA GLY E 125 28.50 1.91 5.51
C GLY E 125 29.13 2.89 6.47
N GLY E 126 28.72 4.16 6.33
CA GLY E 126 29.21 5.23 7.19
C GLY E 126 29.31 4.93 8.68
N PRO E 127 28.18 4.51 9.30
CA PRO E 127 28.16 4.33 10.75
C PRO E 127 29.16 3.27 11.24
N TYR E 128 29.34 2.22 10.45
CA TYR E 128 30.26 1.15 10.83
C TYR E 128 31.69 1.67 10.81
N ALA E 129 32.02 2.48 9.80
CA ALA E 129 33.35 3.06 9.72
C ALA E 129 33.54 4.06 10.85
N GLN E 130 32.48 4.76 11.24
CA GLN E 130 32.55 5.73 12.32
C GLN E 130 32.92 5.03 13.61
N ALA E 131 32.32 3.86 13.81
CA ALA E 131 32.54 3.07 15.01
C ALA E 131 33.99 2.59 15.10
N ALA E 132 34.49 2.07 13.99
CA ALA E 132 35.86 1.61 13.94
C ALA E 132 36.87 2.75 14.12
N ALA E 133 36.58 3.87 13.45
CA ALA E 133 37.46 5.03 13.47
C ALA E 133 37.54 5.61 14.86
N ARG E 134 36.37 5.83 15.45
CA ARG E 134 36.26 6.39 16.79
C ARG E 134 37.06 5.53 17.77
N ALA E 135 36.98 4.22 17.58
CA ALA E 135 37.68 3.28 18.45
C ALA E 135 39.18 3.49 18.34
N LEU E 136 39.68 3.43 17.11
CA LEU E 136 41.11 3.57 16.82
C LEU E 136 41.67 4.91 17.28
N LEU E 137 40.90 5.98 17.04
CA LEU E 137 41.25 7.33 17.43
C LEU E 137 41.52 7.40 18.93
N GLU E 138 40.58 6.85 19.71
CA GLU E 138 40.58 7.04 21.15
C GLU E 138 41.43 6.00 21.91
N ASN E 139 42.01 5.04 21.18
CA ASN E 139 42.71 3.93 21.82
C ASN E 139 44.00 3.51 21.12
N THR E 140 44.36 4.20 20.04
CA THR E 140 45.65 3.96 19.41
C THR E 140 46.36 5.26 19.09
N GLU E 141 47.55 5.10 18.53
CA GLU E 141 48.38 6.21 18.12
C GLU E 141 48.59 6.10 16.62
N LEU E 142 47.62 5.46 15.96
CA LEU E 142 47.71 5.25 14.52
C LEU E 142 47.58 6.57 13.77
N SER E 143 48.07 6.57 12.54
CA SER E 143 47.99 7.75 11.70
C SER E 143 46.59 7.90 11.10
N ALA E 144 46.25 9.12 10.70
CA ALA E 144 44.97 9.41 10.09
C ALA E 144 44.73 8.56 8.84
N ARG E 145 45.80 8.20 8.15
CA ARG E 145 45.67 7.37 6.96
C ARG E 145 45.45 5.92 7.34
N GLU E 146 46.15 5.46 8.38
CA GLU E 146 46.00 4.08 8.84
C GLU E 146 44.59 3.88 9.37
N ILE E 147 44.11 4.83 10.17
CA ILE E 147 42.78 4.74 10.76
C ILE E 147 41.69 4.69 9.71
N ALA E 148 41.75 5.61 8.75
CA ALA E 148 40.73 5.67 7.71
C ALA E 148 40.70 4.41 6.85
N GLU E 149 41.87 3.84 6.58
CA GLU E 149 41.95 2.68 5.73
C GLU E 149 41.39 1.47 6.45
N LYS E 150 41.73 1.34 7.73
CA LYS E 150 41.31 0.20 8.52
C LYS E 150 39.81 0.27 8.80
N ALA E 151 39.29 1.48 8.96
CA ALA E 151 37.85 1.69 9.21
C ALA E 151 37.05 1.37 7.94
N LEU E 152 37.62 1.68 6.79
CA LEU E 152 36.99 1.41 5.50
C LEU E 152 36.89 -0.09 5.23
N ASP E 153 37.90 -0.86 5.64
CA ASP E 153 37.89 -2.30 5.41
C ASP E 153 36.81 -2.97 6.24
N ILE E 154 36.70 -2.56 7.49
CA ILE E 154 35.71 -3.08 8.41
C ILE E 154 34.31 -2.76 7.88
N ALA E 155 34.14 -1.55 7.34
CA ALA E 155 32.86 -1.13 6.79
C ALA E 155 32.50 -2.00 5.58
N GLY E 156 33.49 -2.28 4.76
CA GLY E 156 33.27 -3.11 3.58
C GLY E 156 32.97 -4.55 3.95
N ASP E 157 33.54 -4.99 5.08
CA ASP E 157 33.31 -6.31 5.61
C ASP E 157 31.87 -6.45 6.10
N ILE E 158 31.33 -5.35 6.65
CA ILE E 158 30.01 -5.40 7.26
C ILE E 158 28.94 -4.92 6.29
N CYS E 159 29.18 -3.81 5.60
CA CYS E 159 28.16 -3.29 4.67
C CYS E 159 28.11 -4.08 3.37
N ILE E 160 26.91 -4.50 3.02
CA ILE E 160 26.64 -5.28 1.81
C ILE E 160 26.88 -4.40 0.60
N TYR E 161 26.78 -3.10 0.83
CA TYR E 161 26.87 -2.10 -0.22
C TYR E 161 28.21 -1.37 -0.24
N THR E 162 29.21 -1.99 0.39
CA THR E 162 30.54 -1.40 0.40
C THR E 162 31.56 -2.51 0.16
N ASN E 163 32.56 -2.21 -0.68
CA ASN E 163 33.56 -3.21 -1.02
C ASN E 163 34.96 -2.88 -0.51
N HIS E 164 35.97 -3.52 -1.09
CA HIS E 164 37.31 -3.41 -0.56
C HIS E 164 38.27 -2.76 -1.54
N PHE E 165 37.69 -2.11 -2.55
CA PHE E 165 38.45 -1.26 -3.43
C PHE E 165 38.64 0.10 -2.75
N HIS E 166 39.86 0.62 -2.72
CA HIS E 166 40.08 1.86 -1.99
C HIS E 166 40.60 2.97 -2.88
N THR E 167 40.14 4.19 -2.60
CA THR E 167 40.77 5.38 -3.17
C THR E 167 41.07 6.30 -1.98
N ILE E 168 42.35 6.60 -1.79
CA ILE E 168 42.74 7.40 -0.63
C ILE E 168 43.53 8.64 -1.04
N GLU E 169 43.07 9.80 -0.58
CA GLU E 169 43.83 11.02 -0.81
C GLU E 169 44.22 11.66 0.52
N GLU E 170 45.52 11.94 0.67
CA GLU E 170 46.05 12.46 1.91
C GLU E 170 46.53 13.89 1.69
N LEU E 171 46.64 14.64 2.78
CA LEU E 171 47.03 16.03 2.71
C LEU E 171 47.93 16.37 3.88
N SER E 172 49.22 16.59 3.61
CA SER E 172 50.15 16.94 4.66
C SER E 172 50.24 18.45 4.82
N TYR E 173 50.23 18.89 6.06
CA TYR E 173 50.43 20.30 6.34
C TYR E 173 51.09 20.45 7.70
N LYS E 174 50.84 21.57 8.35
CA LYS E 174 51.47 21.90 9.59
C LYS E 174 50.66 21.36 10.78
N THR F 1 22.73 -15.46 -2.23
CA THR F 1 23.19 -16.80 -2.13
C THR F 1 23.28 -17.37 -3.50
N THR F 2 24.28 -18.19 -3.71
CA THR F 2 24.38 -18.89 -4.96
C THR F 2 24.78 -20.32 -4.81
N ILE F 3 24.01 -21.21 -5.39
CA ILE F 3 24.39 -22.62 -5.50
C ILE F 3 24.48 -23.05 -6.96
N VAL F 4 25.64 -23.60 -7.34
CA VAL F 4 25.86 -24.03 -8.72
C VAL F 4 26.13 -25.53 -8.78
N SER F 5 25.57 -26.18 -9.80
CA SER F 5 25.90 -27.58 -10.04
C SER F 5 26.21 -27.82 -11.51
N VAL F 6 27.35 -28.45 -11.77
CA VAL F 6 27.78 -28.73 -13.14
C VAL F 6 28.12 -30.21 -13.24
N ARG F 7 27.73 -30.83 -14.34
CA ARG F 7 28.04 -32.22 -14.58
C ARG F 7 28.78 -32.36 -15.92
N ARG F 8 29.95 -32.99 -15.89
CA ARG F 8 30.75 -33.15 -17.09
C ARG F 8 31.82 -34.23 -16.96
N ASN F 9 31.80 -35.19 -17.90
CA ASN F 9 32.80 -36.25 -17.98
C ASN F 9 32.87 -37.19 -16.78
N GLY F 10 31.72 -37.71 -16.33
CA GLY F 10 31.70 -38.61 -15.18
C GLY F 10 32.02 -37.92 -13.87
N HIS F 11 31.89 -36.59 -13.86
CA HIS F 11 31.98 -35.81 -12.62
C HIS F 11 30.76 -34.96 -12.45
N VAL F 12 30.40 -34.71 -11.19
CA VAL F 12 29.34 -33.76 -10.89
C VAL F 12 29.69 -33.03 -9.60
N VAL F 13 29.52 -31.72 -9.59
CA VAL F 13 29.86 -30.95 -8.39
C VAL F 13 28.72 -30.05 -7.96
N ILE F 14 28.77 -29.65 -6.71
CA ILE F 14 27.91 -28.57 -6.22
C ILE F 14 28.75 -27.56 -5.43
N ALA F 15 28.61 -26.29 -5.79
CA ALA F 15 29.36 -25.23 -5.15
C ALA F 15 28.41 -24.19 -4.59
N GLY F 16 28.72 -23.67 -3.42
CA GLY F 16 27.90 -22.63 -2.81
C GLY F 16 28.74 -21.60 -2.09
N ASP F 17 28.22 -20.37 -1.96
CA ASP F 17 28.93 -19.35 -1.22
C ASP F 17 28.72 -19.53 0.28
N GLY F 18 29.05 -18.51 1.07
CA GLY F 18 28.95 -18.62 2.52
C GLY F 18 28.29 -17.42 3.17
N GLN F 19 27.71 -16.54 2.35
CA GLN F 19 27.12 -15.31 2.89
C GLN F 19 25.71 -15.49 3.48
N ALA F 20 25.53 -14.96 4.69
CA ALA F 20 24.23 -14.90 5.35
C ALA F 20 23.91 -13.43 5.59
N THR F 21 22.84 -12.96 4.96
CA THR F 21 22.54 -11.54 4.99
C THR F 21 21.30 -11.22 5.80
N LEU F 22 21.41 -10.23 6.68
CA LEU F 22 20.27 -9.76 7.45
C LEU F 22 20.06 -8.29 7.17
N GLY F 23 19.05 -7.96 6.37
CA GLY F 23 18.85 -6.57 5.95
C GLY F 23 19.85 -6.21 4.88
N ASN F 24 20.82 -5.37 5.25
CA ASN F 24 21.89 -4.98 4.34
C ASN F 24 23.23 -5.31 4.97
N THR F 25 23.19 -6.12 6.03
CA THR F 25 24.39 -6.44 6.78
C THR F 25 24.74 -7.93 6.67
N VAL F 26 26.03 -8.23 6.74
CA VAL F 26 26.44 -9.64 6.73
C VAL F 26 26.53 -10.18 8.15
N MET F 27 25.67 -11.16 8.45
CA MET F 27 25.66 -11.82 9.73
C MET F 27 26.88 -12.74 9.80
N LYS F 28 27.05 -13.53 8.75
CA LYS F 28 28.06 -14.58 8.74
C LYS F 28 28.56 -14.69 7.31
N GLY F 29 29.85 -15.02 7.13
CA GLY F 29 30.42 -15.15 5.80
C GLY F 29 30.96 -16.53 5.44
N ASN F 30 30.82 -17.49 6.37
CA ASN F 30 31.39 -18.80 6.15
C ASN F 30 30.35 -19.92 6.34
N VAL F 31 29.12 -19.65 5.92
CA VAL F 31 28.07 -20.66 5.99
C VAL F 31 28.39 -21.83 5.06
N LYS F 32 28.21 -23.04 5.57
CA LYS F 32 28.43 -24.23 4.78
C LYS F 32 27.10 -24.57 4.12
N LYS F 33 27.01 -24.38 2.81
CA LYS F 33 25.75 -24.56 2.11
C LYS F 33 25.76 -25.82 1.25
N VAL F 34 26.84 -26.60 1.33
CA VAL F 34 26.95 -27.82 0.54
C VAL F 34 27.47 -28.95 1.42
N ARG F 35 26.79 -30.09 1.36
CA ARG F 35 27.18 -31.27 2.15
C ARG F 35 27.09 -32.53 1.34
N ARG F 36 27.60 -33.61 1.94
CA ARG F 36 27.46 -34.95 1.40
C ARG F 36 26.42 -35.71 2.20
N LEU F 37 25.77 -36.67 1.55
CA LEU F 37 24.78 -37.51 2.22
C LEU F 37 24.99 -38.98 1.87
N TYR F 38 24.15 -39.82 2.47
CA TYR F 38 24.02 -41.23 2.13
C TYR F 38 25.35 -41.93 1.85
N ASN F 39 26.17 -42.06 2.88
CA ASN F 39 27.50 -42.63 2.76
C ASN F 39 28.36 -41.94 1.71
N ASP F 40 28.17 -40.63 1.59
CA ASP F 40 29.03 -39.79 0.75
C ASP F 40 29.03 -40.18 -0.73
N LYS F 41 27.88 -40.55 -1.26
CA LYS F 41 27.77 -40.73 -2.70
C LYS F 41 26.57 -39.94 -3.20
N VAL F 42 26.10 -39.04 -2.35
CA VAL F 42 25.10 -38.05 -2.72
C VAL F 42 25.54 -36.69 -2.19
N ILE F 43 25.51 -35.69 -3.06
CA ILE F 43 25.85 -34.33 -2.65
C ILE F 43 24.65 -33.41 -2.74
N ALA F 44 24.59 -32.42 -1.84
CA ALA F 44 23.46 -31.50 -1.82
C ALA F 44 23.88 -30.08 -1.43
N GLY F 45 23.16 -29.10 -1.98
CA GLY F 45 23.37 -27.71 -1.65
C GLY F 45 22.03 -27.05 -1.41
N PHE F 46 21.99 -26.05 -0.53
CA PHE F 46 20.72 -25.40 -0.22
C PHE F 46 20.83 -23.87 -0.29
N ALA F 47 19.66 -23.25 -0.47
CA ALA F 47 19.55 -21.80 -0.48
C ALA F 47 18.31 -21.42 0.30
N GLY F 48 18.47 -20.52 1.27
CA GLY F 48 17.36 -20.10 2.10
C GLY F 48 17.73 -20.04 3.57
N GLY F 49 16.71 -20.17 4.43
CA GLY F 49 16.93 -20.19 5.86
C GLY F 49 17.62 -21.47 6.28
N THR F 50 18.54 -21.37 7.22
CA THR F 50 19.32 -22.52 7.67
C THR F 50 18.43 -23.61 8.28
N ALA F 51 17.33 -23.20 8.87
CA ALA F 51 16.41 -24.14 9.52
C ALA F 51 15.60 -24.95 8.52
N ASP F 52 14.79 -24.25 7.73
CA ASP F 52 13.90 -24.87 6.75
C ASP F 52 14.63 -25.82 5.82
N ALA F 53 15.86 -25.44 5.46
CA ALA F 53 16.66 -26.25 4.56
C ALA F 53 17.19 -27.46 5.29
N PHE F 54 17.49 -27.30 6.58
CA PHE F 54 18.03 -28.40 7.36
C PHE F 54 16.93 -29.41 7.62
N THR F 55 15.70 -28.92 7.70
CA THR F 55 14.51 -29.75 7.76
C THR F 55 14.49 -30.61 6.53
N LEU F 56 14.66 -29.97 5.38
CA LEU F 56 14.64 -30.64 4.09
C LEU F 56 15.70 -31.71 3.96
N PHE F 57 16.87 -31.48 4.57
CA PHE F 57 17.95 -32.45 4.53
C PHE F 57 17.52 -33.78 5.11
N GLU F 58 17.18 -33.75 6.40
CA GLU F 58 16.73 -34.93 7.12
C GLU F 58 15.53 -35.55 6.46
N LEU F 59 14.59 -34.69 6.06
CA LEU F 59 13.39 -35.12 5.40
C LEU F 59 13.69 -35.81 4.07
N PHE F 60 14.78 -35.38 3.44
CA PHE F 60 15.22 -35.96 2.19
C PHE F 60 16.13 -37.16 2.42
N GLU F 61 17.06 -37.02 3.37
CA GLU F 61 18.00 -38.09 3.68
C GLU F 61 17.22 -39.31 4.17
N ARG F 62 16.08 -39.04 4.79
CA ARG F 62 15.19 -40.11 5.26
C ARG F 62 14.68 -40.91 4.07
N LYS F 63 14.05 -40.21 3.13
CA LYS F 63 13.48 -40.81 1.93
C LYS F 63 14.51 -41.56 1.10
N LEU F 64 15.79 -41.20 1.24
CA LEU F 64 16.86 -41.88 0.53
C LEU F 64 17.01 -43.31 1.03
N GLU F 65 17.10 -43.46 2.34
CA GLU F 65 17.15 -44.78 2.97
C GLU F 65 15.83 -45.49 2.72
N MET F 66 14.73 -44.78 2.98
CA MET F 66 13.37 -45.30 2.79
C MET F 66 13.15 -45.80 1.37
N HIS F 67 13.96 -45.32 0.45
CA HIS F 67 13.84 -45.74 -0.94
C HIS F 67 15.20 -46.12 -1.51
N GLN F 68 15.90 -47.02 -0.83
CA GLN F 68 17.00 -47.74 -1.45
C GLN F 68 18.26 -46.89 -1.71
N GLY F 69 18.08 -45.58 -1.86
CA GLY F 69 19.17 -44.72 -2.24
C GLY F 69 18.93 -44.24 -3.65
N HIS F 70 17.73 -44.53 -4.13
CA HIS F 70 17.27 -44.07 -5.43
C HIS F 70 16.99 -42.58 -5.33
N LEU F 71 17.82 -41.79 -6.01
CA LEU F 71 17.75 -40.34 -5.92
C LEU F 71 16.41 -39.77 -6.36
N VAL F 72 15.98 -40.14 -7.57
CA VAL F 72 14.79 -39.55 -8.16
C VAL F 72 13.52 -39.86 -7.35
N LYS F 73 13.32 -41.14 -7.04
CA LYS F 73 12.15 -41.56 -6.27
C LYS F 73 12.07 -40.89 -4.91
N ALA F 74 13.20 -40.89 -4.19
CA ALA F 74 13.28 -40.27 -2.88
C ALA F 74 12.84 -38.82 -2.93
N ALA F 75 13.21 -38.13 -4.01
CA ALA F 75 12.82 -36.74 -4.21
C ALA F 75 11.34 -36.62 -4.55
N VAL F 76 10.84 -37.53 -5.39
CA VAL F 76 9.45 -37.50 -5.84
C VAL F 76 8.50 -37.77 -4.67
N GLU F 77 8.85 -38.75 -3.84
CA GLU F 77 8.08 -39.06 -2.64
C GLU F 77 8.01 -37.84 -1.74
N LEU F 78 9.15 -37.18 -1.55
CA LEU F 78 9.21 -35.97 -0.73
C LEU F 78 8.29 -34.86 -1.24
N ALA F 79 8.09 -34.83 -2.55
CA ALA F 79 7.22 -33.83 -3.17
C ALA F 79 5.79 -33.95 -2.70
N LYS F 80 5.41 -35.14 -2.27
CA LYS F 80 4.09 -35.36 -1.73
C LYS F 80 4.01 -34.96 -0.26
N ASP F 81 5.04 -35.31 0.51
CA ASP F 81 5.15 -34.99 1.94
C ASP F 81 5.23 -33.50 2.24
N TRP F 82 5.46 -32.71 1.19
CA TRP F 82 5.54 -31.28 1.35
C TRP F 82 4.38 -30.66 0.61
N ARG F 83 3.40 -31.49 0.34
CA ARG F 83 2.25 -31.06 -0.39
C ARG F 83 1.03 -31.58 0.33
N ARG F 89 3.09 -24.19 5.86
CA ARG F 89 3.65 -25.49 6.19
C ARG F 89 4.82 -25.74 5.24
N LYS F 90 5.01 -24.83 4.30
CA LYS F 90 6.10 -24.99 3.34
C LYS F 90 7.32 -24.18 3.67
N LEU F 91 8.32 -24.84 4.24
CA LEU F 91 9.54 -24.15 4.57
C LEU F 91 10.15 -23.60 3.32
N GLU F 92 10.51 -22.33 3.37
CA GLU F 92 10.97 -21.59 2.21
C GLU F 92 12.46 -21.78 2.06
N ALA F 93 12.81 -22.70 1.18
CA ALA F 93 14.19 -23.02 0.90
C ALA F 93 14.24 -23.74 -0.44
N LEU F 94 15.42 -23.78 -1.02
CA LEU F 94 15.63 -24.52 -2.26
C LEU F 94 16.71 -25.54 -2.02
N LEU F 95 16.58 -26.67 -2.70
CA LEU F 95 17.52 -27.76 -2.50
C LEU F 95 18.08 -28.25 -3.83
N ALA F 96 19.41 -28.27 -3.93
CA ALA F 96 20.06 -28.83 -5.11
C ALA F 96 20.63 -30.20 -4.73
N VAL F 97 20.25 -31.22 -5.48
CA VAL F 97 20.62 -32.58 -5.14
C VAL F 97 21.16 -33.31 -6.37
N ALA F 98 22.26 -34.03 -6.20
CA ALA F 98 22.86 -34.75 -7.33
C ALA F 98 23.56 -36.02 -6.90
N ASP F 99 23.55 -37.01 -7.79
CA ASP F 99 24.36 -38.20 -7.60
C ASP F 99 24.99 -38.65 -8.92
N GLU F 100 25.40 -39.91 -8.95
CA GLU F 100 25.97 -40.52 -10.13
C GLU F 100 25.01 -40.55 -11.32
N THR F 101 23.72 -40.56 -11.03
CA THR F 101 22.70 -40.82 -12.05
C THR F 101 22.02 -39.56 -12.55
N ALA F 102 21.50 -38.75 -11.63
CA ALA F 102 20.76 -37.56 -12.02
C ALA F 102 21.09 -36.37 -11.14
N SER F 103 20.48 -35.23 -11.46
CA SER F 103 20.63 -34.00 -10.70
C SER F 103 19.30 -33.28 -10.69
N LEU F 104 18.82 -32.88 -9.51
CA LEU F 104 17.54 -32.19 -9.45
C LEU F 104 17.50 -31.05 -8.46
N ILE F 105 16.43 -30.27 -8.59
CA ILE F 105 16.11 -29.21 -7.67
C ILE F 105 14.82 -29.55 -6.96
N ILE F 106 14.80 -29.34 -5.65
CA ILE F 106 13.60 -29.55 -4.85
C ILE F 106 13.20 -28.24 -4.21
N THR F 107 12.03 -27.74 -4.56
CA THR F 107 11.65 -26.37 -4.16
C THR F 107 10.64 -26.35 -3.01
N GLY F 108 10.27 -25.14 -2.61
CA GLY F 108 9.39 -24.89 -1.48
C GLY F 108 7.96 -25.38 -1.66
N ASN F 109 7.38 -25.20 -2.84
CA ASN F 109 6.00 -25.63 -3.05
C ASN F 109 5.90 -27.16 -3.12
N GLY F 110 7.04 -27.81 -3.26
CA GLY F 110 7.09 -29.26 -3.32
C GLY F 110 7.29 -29.71 -4.75
N ASP F 111 7.83 -28.85 -5.61
CA ASP F 111 8.12 -29.24 -6.98
C ASP F 111 9.47 -29.93 -7.08
N VAL F 112 9.61 -30.79 -8.08
CA VAL F 112 10.89 -31.40 -8.37
C VAL F 112 11.21 -31.08 -9.82
N VAL F 113 12.37 -30.46 -10.03
CA VAL F 113 12.69 -29.95 -11.36
C VAL F 113 14.00 -30.54 -11.88
N GLN F 114 13.95 -31.08 -13.09
CA GLN F 114 15.14 -31.56 -13.77
C GLN F 114 15.68 -30.44 -14.67
N PRO F 115 16.82 -29.86 -14.27
CA PRO F 115 17.46 -28.78 -15.05
C PRO F 115 17.79 -29.23 -16.47
N GLU F 116 17.97 -28.28 -17.37
CA GLU F 116 18.09 -28.59 -18.79
C GLU F 116 19.26 -29.51 -19.12
N ASN F 117 20.47 -29.09 -18.81
CA ASN F 117 21.63 -29.95 -19.06
C ASN F 117 22.29 -30.41 -17.77
N ASP F 118 21.45 -30.69 -16.77
CA ASP F 118 21.92 -30.95 -15.41
C ASP F 118 22.72 -29.78 -14.85
N LEU F 119 22.49 -28.60 -15.42
CA LEU F 119 23.11 -27.38 -14.91
C LEU F 119 22.14 -26.71 -13.94
N ILE F 120 22.55 -26.63 -12.67
CA ILE F 120 21.71 -26.02 -11.65
C ILE F 120 22.33 -24.72 -11.16
N ALA F 121 21.51 -23.67 -11.12
CA ALA F 121 21.94 -22.40 -10.58
C ALA F 121 20.76 -21.79 -9.84
N ILE F 122 20.78 -21.88 -8.52
CA ILE F 122 19.69 -21.36 -7.72
C ILE F 122 20.22 -20.39 -6.67
N GLY F 123 19.31 -19.55 -6.16
CA GLY F 123 19.72 -18.52 -5.23
C GLY F 123 19.54 -17.15 -5.83
N SER F 124 19.85 -16.11 -5.07
CA SER F 124 19.75 -14.76 -5.57
C SER F 124 20.70 -14.56 -6.74
N GLY F 125 21.89 -15.16 -6.62
CA GLY F 125 22.92 -15.00 -7.64
C GLY F 125 22.89 -16.11 -8.67
N GLY F 126 21.90 -16.98 -8.54
CA GLY F 126 21.69 -18.06 -9.48
C GLY F 126 21.81 -17.76 -10.97
N PRO F 127 21.02 -16.79 -11.48
CA PRO F 127 21.02 -16.52 -12.91
C PRO F 127 22.40 -16.08 -13.42
N TYR F 128 23.16 -15.32 -12.62
CA TYR F 128 24.46 -14.85 -13.06
C TYR F 128 25.41 -16.03 -13.21
N ALA F 129 25.34 -16.97 -12.26
CA ALA F 129 26.18 -18.16 -12.33
C ALA F 129 25.75 -19.06 -13.50
N GLN F 130 24.46 -19.04 -13.83
CA GLN F 130 23.96 -19.80 -14.95
C GLN F 130 24.53 -19.27 -16.25
N ALA F 131 24.61 -17.95 -16.36
CA ALA F 131 25.13 -17.32 -17.55
C ALA F 131 26.61 -17.63 -17.74
N ALA F 132 27.40 -17.55 -16.67
CA ALA F 132 28.83 -17.83 -16.72
C ALA F 132 29.06 -19.31 -17.02
N ALA F 133 28.28 -20.18 -16.38
CA ALA F 133 28.45 -21.62 -16.51
C ALA F 133 28.13 -22.07 -17.93
N ARG F 134 26.97 -21.62 -18.42
CA ARG F 134 26.53 -21.94 -19.77
C ARG F 134 27.58 -21.50 -20.79
N ALA F 135 28.20 -20.35 -20.54
CA ALA F 135 29.22 -19.83 -21.43
C ALA F 135 30.42 -20.78 -21.46
N LEU F 136 30.94 -21.09 -20.28
CA LEU F 136 32.09 -21.96 -20.13
C LEU F 136 31.84 -23.35 -20.71
N LEU F 137 30.65 -23.87 -20.44
CA LEU F 137 30.25 -25.18 -20.92
C LEU F 137 30.34 -25.26 -22.44
N GLU F 138 29.78 -24.25 -23.11
CA GLU F 138 29.60 -24.31 -24.54
C GLU F 138 30.82 -23.82 -25.31
N ASN F 139 31.83 -23.32 -24.60
CA ASN F 139 32.98 -22.67 -25.25
C ASN F 139 34.34 -23.03 -24.68
N THR F 140 34.37 -23.89 -23.68
CA THR F 140 35.65 -24.39 -23.17
C THR F 140 35.60 -25.88 -22.95
N GLU F 141 36.73 -26.40 -22.50
CA GLU F 141 36.90 -27.80 -22.24
C GLU F 141 37.23 -27.92 -20.75
N LEU F 142 36.76 -26.95 -19.97
CA LEU F 142 37.03 -26.95 -18.55
C LEU F 142 36.29 -28.06 -17.85
N SER F 143 36.78 -28.40 -16.66
CA SER F 143 36.15 -29.46 -15.88
C SER F 143 34.93 -28.92 -15.16
N ALA F 144 34.05 -29.84 -14.74
CA ALA F 144 32.82 -29.48 -14.04
C ALA F 144 33.13 -28.72 -12.76
N ARG F 145 34.29 -29.00 -12.15
CA ARG F 145 34.67 -28.32 -10.93
C ARG F 145 35.22 -26.94 -11.25
N GLU F 146 35.98 -26.83 -12.33
CA GLU F 146 36.54 -25.54 -12.71
C GLU F 146 35.41 -24.59 -13.11
N ILE F 147 34.46 -25.09 -13.89
CA ILE F 147 33.33 -24.27 -14.34
C ILE F 147 32.47 -23.77 -13.18
N ALA F 148 32.12 -24.66 -12.26
CA ALA F 148 31.28 -24.30 -11.14
C ALA F 148 31.95 -23.25 -10.23
N GLU F 149 33.26 -23.38 -10.06
CA GLU F 149 33.97 -22.50 -9.16
C GLU F 149 34.09 -21.12 -9.79
N LYS F 150 34.36 -21.09 -11.08
CA LYS F 150 34.56 -19.84 -11.79
C LYS F 150 33.23 -19.10 -11.95
N ALA F 151 32.14 -19.86 -12.09
CA ALA F 151 30.81 -19.28 -12.21
C ALA F 151 30.36 -18.69 -10.87
N LEU F 152 30.75 -19.35 -9.77
CA LEU F 152 30.41 -18.91 -8.42
C LEU F 152 31.14 -17.58 -8.08
N ASP F 153 32.35 -17.41 -8.59
CA ASP F 153 33.13 -16.20 -8.30
C ASP F 153 32.50 -15.01 -8.98
N ILE F 154 32.12 -15.21 -10.24
CA ILE F 154 31.46 -14.19 -11.04
C ILE F 154 30.13 -13.79 -10.40
N ALA F 155 29.39 -14.77 -9.89
CA ALA F 155 28.11 -14.53 -9.24
C ALA F 155 28.34 -13.69 -7.98
N GLY F 156 29.42 -14.01 -7.24
CA GLY F 156 29.74 -13.31 -6.02
C GLY F 156 30.17 -11.89 -6.33
N ASP F 157 30.79 -11.70 -7.48
CA ASP F 157 31.26 -10.40 -7.92
C ASP F 157 30.08 -9.52 -8.28
N ILE F 158 29.04 -10.15 -8.81
CA ILE F 158 27.86 -9.42 -9.28
C ILE F 158 26.77 -9.36 -8.21
N CYS F 159 26.42 -10.48 -7.60
CA CYS F 159 25.39 -10.45 -6.57
C CYS F 159 25.89 -9.85 -5.24
N ILE F 160 25.11 -8.88 -4.75
CA ILE F 160 25.35 -8.20 -3.48
C ILE F 160 25.14 -9.19 -2.34
N TYR F 161 24.37 -10.24 -2.62
CA TYR F 161 24.00 -11.21 -1.60
C TYR F 161 24.75 -12.51 -1.75
N THR F 162 25.84 -12.48 -2.51
CA THR F 162 26.68 -13.64 -2.65
C THR F 162 28.14 -13.25 -2.46
N ASN F 163 28.88 -14.06 -1.72
CA ASN F 163 30.29 -13.74 -1.45
C ASN F 163 31.30 -14.67 -2.12
N HIS F 164 32.52 -14.69 -1.60
CA HIS F 164 33.58 -15.46 -2.24
C HIS F 164 34.11 -16.60 -1.38
N PHE F 165 33.35 -16.92 -0.34
CA PHE F 165 33.63 -18.11 0.44
C PHE F 165 33.03 -19.29 -0.32
N HIS F 166 33.79 -20.38 -0.47
CA HIS F 166 33.30 -21.50 -1.28
C HIS F 166 33.23 -22.79 -0.47
N THR F 167 32.20 -23.58 -0.73
CA THR F 167 32.15 -24.96 -0.29
C THR F 167 31.86 -25.77 -1.54
N ILE F 168 32.76 -26.70 -1.88
CA ILE F 168 32.60 -27.49 -3.09
C ILE F 168 32.65 -28.99 -2.80
N GLU F 169 31.64 -29.72 -3.26
CA GLU F 169 31.68 -31.17 -3.16
C GLU F 169 31.61 -31.81 -4.54
N GLU F 170 32.57 -32.69 -4.82
CA GLU F 170 32.69 -33.30 -6.13
C GLU F 170 32.37 -34.80 -6.01
N LEU F 171 32.02 -35.41 -7.13
CA LEU F 171 31.62 -36.80 -7.15
C LEU F 171 32.15 -37.43 -8.42
N SER F 172 33.12 -38.32 -8.28
CA SER F 172 33.68 -39.02 -9.45
C SER F 172 32.96 -40.34 -9.67
N TYR F 173 32.62 -40.60 -10.92
CA TYR F 173 32.05 -41.88 -11.28
C TYR F 173 32.47 -42.23 -12.70
N LYS F 174 31.64 -43.01 -13.37
CA LYS F 174 31.93 -43.51 -14.69
C LYS F 174 31.44 -42.54 -15.77
N THR G 1 -26.09 1.51 8.79
CA THR G 1 -26.92 0.86 9.76
C THR G 1 -26.91 1.68 11.02
N THR G 2 -28.05 1.90 11.64
CA THR G 2 -28.05 2.48 12.98
C THR G 2 -28.98 1.75 13.90
N ILE G 3 -28.51 1.42 15.08
CA ILE G 3 -29.34 0.87 16.15
C ILE G 3 -29.31 1.80 17.37
N VAL G 4 -30.50 2.22 17.83
CA VAL G 4 -30.58 3.10 18.98
C VAL G 4 -31.35 2.44 20.11
N SER G 5 -30.89 2.67 21.35
CA SER G 5 -31.64 2.22 22.51
C SER G 5 -31.74 3.31 23.56
N VAL G 6 -32.96 3.57 24.01
CA VAL G 6 -33.20 4.62 24.99
C VAL G 6 -34.03 4.04 26.12
N ARG G 7 -33.69 4.42 27.35
CA ARG G 7 -34.44 3.96 28.51
C ARG G 7 -34.92 5.17 29.32
N ARG G 8 -36.21 5.21 29.60
CA ARG G 8 -36.78 6.34 30.31
C ARG G 8 -38.17 6.03 30.87
N ASN G 9 -38.32 6.23 32.18
CA ASN G 9 -39.61 6.08 32.87
C ASN G 9 -40.22 4.68 32.81
N GLY G 10 -39.42 3.65 33.13
CA GLY G 10 -39.92 2.30 33.13
C GLY G 10 -40.20 1.78 31.73
N HIS G 11 -39.64 2.46 30.73
CA HIS G 11 -39.68 1.98 29.36
C HIS G 11 -38.29 1.85 28.81
N VAL G 12 -38.11 0.90 27.90
CA VAL G 12 -36.87 0.79 27.16
C VAL G 12 -37.18 0.33 25.75
N VAL G 13 -36.55 0.96 24.77
CA VAL G 13 -36.81 0.60 23.38
C VAL G 13 -35.51 0.33 22.63
N ILE G 14 -35.63 -0.36 21.50
CA ILE G 14 -34.54 -0.47 20.56
C ILE G 14 -35.10 -0.21 19.17
N ALA G 15 -34.45 0.70 18.43
CA ALA G 15 -34.87 1.06 17.09
C ALA G 15 -33.74 0.84 16.10
N GLY G 16 -34.07 0.36 14.91
CA GLY G 16 -33.08 0.11 13.88
C GLY G 16 -33.60 0.39 12.50
N ASP G 17 -32.70 0.77 11.58
CA ASP G 17 -33.12 1.02 10.20
C ASP G 17 -33.27 -0.30 9.46
N GLY G 18 -33.37 -0.23 8.14
CA GLY G 18 -33.56 -1.44 7.34
C GLY G 18 -32.64 -1.54 6.13
N GLN G 19 -31.64 -0.66 6.08
CA GLN G 19 -30.78 -0.63 4.89
C GLN G 19 -29.68 -1.68 4.89
N ALA G 20 -29.54 -2.38 3.78
CA ALA G 20 -28.44 -3.31 3.56
C ALA G 20 -27.67 -2.82 2.34
N THR G 21 -26.40 -2.50 2.54
CA THR G 21 -25.64 -1.85 1.48
C THR G 21 -24.53 -2.76 0.96
N LEU G 22 -24.43 -2.84 -0.36
CA LEU G 22 -23.36 -3.58 -1.01
C LEU G 22 -22.60 -2.64 -1.93
N GLY G 23 -21.41 -2.21 -1.50
CA GLY G 23 -20.66 -1.23 -2.26
C GLY G 23 -21.26 0.15 -2.04
N ASN G 24 -21.93 0.66 -3.08
CA ASN G 24 -22.58 1.95 -3.00
C ASN G 24 -24.06 1.79 -3.34
N THR G 25 -24.47 0.52 -3.43
CA THR G 25 -25.83 0.19 -3.83
C THR G 25 -26.66 -0.39 -2.69
N VAL G 26 -27.95 -0.11 -2.70
CA VAL G 26 -28.82 -0.70 -1.69
C VAL G 26 -29.39 -2.06 -2.16
N MET G 27 -29.01 -3.12 -1.46
CA MET G 27 -29.45 -4.45 -1.77
C MET G 27 -30.88 -4.57 -1.30
N LYS G 28 -31.12 -4.16 -0.06
CA LYS G 28 -32.43 -4.32 0.56
C LYS G 28 -32.68 -3.12 1.48
N GLY G 29 -33.94 -2.71 1.63
CA GLY G 29 -34.26 -1.55 2.44
C GLY G 29 -35.21 -1.81 3.59
N ASN G 30 -35.61 -3.07 3.76
CA ASN G 30 -36.56 -3.41 4.81
C ASN G 30 -36.05 -4.52 5.72
N VAL G 31 -34.75 -4.49 6.00
CA VAL G 31 -34.16 -5.49 6.90
C VAL G 31 -34.68 -5.31 8.31
N LYS G 32 -35.06 -6.42 8.93
CA LYS G 32 -35.50 -6.40 10.31
C LYS G 32 -34.29 -6.54 11.23
N LYS G 33 -33.90 -5.45 11.88
CA LYS G 33 -32.67 -5.46 12.67
C LYS G 33 -32.98 -5.50 14.15
N VAL G 34 -34.26 -5.54 14.50
CA VAL G 34 -34.68 -5.57 15.89
C VAL G 34 -35.71 -6.69 16.13
N ARG G 35 -35.47 -7.49 17.17
CA ARG G 35 -36.39 -8.57 17.51
C ARG G 35 -36.62 -8.69 19.01
N ARG G 36 -37.57 -9.54 19.36
CA ARG G 36 -37.83 -9.91 20.75
C ARG G 36 -37.30 -11.29 21.02
N LEU G 37 -36.93 -11.55 22.27
CA LEU G 37 -36.42 -12.85 22.68
C LEU G 37 -37.05 -13.30 23.96
N TYR G 38 -36.70 -14.51 24.39
CA TYR G 38 -37.05 -15.05 25.70
C TYR G 38 -38.46 -14.73 26.17
N ASN G 39 -39.43 -15.31 25.49
CA ASN G 39 -40.84 -15.03 25.76
C ASN G 39 -41.19 -13.55 25.75
N ASP G 40 -40.52 -12.83 24.86
CA ASP G 40 -40.86 -11.44 24.58
C ASP G 40 -40.73 -10.51 25.80
N LYS G 41 -39.71 -10.73 26.62
CA LYS G 41 -39.41 -9.77 27.67
C LYS G 41 -37.95 -9.40 27.58
N VAL G 42 -37.35 -9.73 26.44
CA VAL G 42 -36.01 -9.29 26.09
C VAL G 42 -36.00 -8.80 24.65
N ILE G 43 -35.45 -7.61 24.42
CA ILE G 43 -35.37 -7.07 23.08
C ILE G 43 -33.91 -6.93 22.64
N ALA G 44 -33.67 -7.14 21.35
CA ALA G 44 -32.31 -7.04 20.82
C ALA G 44 -32.25 -6.44 19.42
N GLY G 45 -31.16 -5.73 19.15
CA GLY G 45 -30.92 -5.15 17.84
C GLY G 45 -29.49 -5.45 17.40
N PHE G 46 -29.29 -5.60 16.10
CA PHE G 46 -27.96 -5.94 15.61
C PHE G 46 -27.48 -5.04 14.49
N ALA G 47 -26.17 -4.97 14.34
CA ALA G 47 -25.53 -4.22 13.26
C ALA G 47 -24.40 -5.07 12.67
N GLY G 48 -24.41 -5.26 11.36
CA GLY G 48 -23.39 -6.06 10.70
C GLY G 48 -23.97 -7.03 9.68
N GLY G 49 -23.25 -8.12 9.43
CA GLY G 49 -23.74 -9.15 8.52
C GLY G 49 -24.90 -9.92 9.13
N THR G 50 -25.89 -10.26 8.30
CA THR G 50 -27.09 -10.93 8.76
C THR G 50 -26.78 -12.30 9.37
N ALA G 51 -25.72 -12.93 8.90
CA ALA G 51 -25.36 -14.26 9.39
C ALA G 51 -24.71 -14.22 10.75
N ASP G 52 -23.56 -13.54 10.83
CA ASP G 52 -22.78 -13.45 12.06
C ASP G 52 -23.64 -12.98 13.24
N ALA G 53 -24.56 -12.06 12.95
CA ALA G 53 -25.42 -11.51 13.98
C ALA G 53 -26.48 -12.50 14.39
N PHE G 54 -26.92 -13.30 13.43
CA PHE G 54 -27.95 -14.31 13.69
C PHE G 54 -27.34 -15.45 14.48
N THR G 55 -26.06 -15.69 14.27
CA THR G 55 -25.28 -16.62 15.06
C THR G 55 -25.34 -16.16 16.49
N LEU G 56 -25.07 -14.87 16.68
CA LEU G 56 -25.03 -14.26 18.00
C LEU G 56 -26.36 -14.36 18.71
N PHE G 57 -27.46 -14.28 17.97
CA PHE G 57 -28.79 -14.39 18.54
C PHE G 57 -28.97 -15.71 19.27
N GLU G 58 -28.89 -16.79 18.50
CA GLU G 58 -29.06 -18.13 19.04
C GLU G 58 -28.05 -18.37 20.13
N LEU G 59 -26.81 -17.95 19.88
CA LEU G 59 -25.73 -18.12 20.83
C LEU G 59 -26.01 -17.37 22.12
N PHE G 60 -26.73 -16.27 21.99
CA PHE G 60 -27.11 -15.46 23.13
C PHE G 60 -28.41 -15.97 23.75
N GLU G 61 -29.40 -16.26 22.89
CA GLU G 61 -30.69 -16.74 23.36
C GLU G 61 -30.51 -18.04 24.12
N ARG G 62 -29.48 -18.81 23.73
CA ARG G 62 -29.13 -20.04 24.40
C ARG G 62 -28.73 -19.75 25.83
N LYS G 63 -27.75 -18.87 25.98
CA LYS G 63 -27.22 -18.50 27.30
C LYS G 63 -28.27 -17.91 28.22
N LEU G 64 -29.33 -17.35 27.64
CA LEU G 64 -30.43 -16.80 28.41
C LEU G 64 -31.16 -17.88 29.17
N GLU G 65 -31.54 -18.94 28.45
CA GLU G 65 -32.16 -20.09 29.06
C GLU G 65 -31.17 -20.77 30.00
N MET G 66 -29.97 -21.01 29.47
CA MET G 66 -28.89 -21.64 30.22
C MET G 66 -28.56 -20.89 31.51
N HIS G 67 -28.96 -19.63 31.57
CA HIS G 67 -28.77 -18.83 32.76
C HIS G 67 -30.04 -18.10 33.14
N GLN G 68 -31.12 -18.85 33.30
CA GLN G 68 -32.26 -18.38 34.07
C GLN G 68 -33.08 -17.29 33.38
N GLY G 69 -32.43 -16.53 32.51
CA GLY G 69 -33.04 -15.38 31.89
C GLY G 69 -32.39 -14.12 32.45
N HIS G 70 -31.30 -14.36 33.18
CA HIS G 70 -30.49 -13.28 33.71
C HIS G 70 -29.71 -12.66 32.56
N LEU G 71 -30.05 -11.41 32.25
CA LEU G 71 -29.50 -10.72 31.09
C LEU G 71 -27.99 -10.57 31.15
N VAL G 72 -27.51 -9.99 32.25
CA VAL G 72 -26.10 -9.66 32.39
C VAL G 72 -25.20 -10.91 32.37
N LYS G 73 -25.53 -11.92 33.17
CA LYS G 73 -24.74 -13.16 33.21
C LYS G 73 -24.70 -13.86 31.86
N ALA G 74 -25.86 -13.99 31.23
CA ALA G 74 -25.96 -14.62 29.92
C ALA G 74 -25.02 -13.96 28.91
N ALA G 75 -24.91 -12.64 29.00
CA ALA G 75 -24.02 -11.89 28.12
C ALA G 75 -22.56 -12.11 28.51
N VAL G 76 -22.28 -12.13 29.80
CA VAL G 76 -20.91 -12.27 30.30
C VAL G 76 -20.34 -13.65 29.94
N GLU G 77 -21.18 -14.67 30.10
CA GLU G 77 -20.82 -16.03 29.74
C GLU G 77 -20.47 -16.10 28.27
N LEU G 78 -21.30 -15.46 27.45
CA LEU G 78 -21.08 -15.41 26.01
C LEU G 78 -19.75 -14.76 25.64
N ALA G 79 -19.31 -13.83 26.47
CA ALA G 79 -18.05 -13.14 26.25
C ALA G 79 -16.87 -14.09 26.26
N LYS G 80 -17.04 -15.19 26.98
CA LYS G 80 -16.00 -16.20 27.04
C LYS G 80 -16.05 -17.14 25.82
N ASP G 81 -17.26 -17.53 25.44
CA ASP G 81 -17.50 -18.41 24.28
C ASP G 81 -17.09 -17.79 22.95
N TRP G 82 -16.82 -16.50 22.96
CA TRP G 82 -16.41 -15.81 21.76
C TRP G 82 -15.00 -15.34 21.95
N ARG G 83 -14.36 -15.93 22.93
CA ARG G 83 -13.02 -15.57 23.25
C ARG G 83 -12.21 -16.84 23.40
N ARG G 89 -15.22 -17.43 16.16
CA ARG G 89 -14.27 -16.40 16.54
C ARG G 89 -14.07 -15.49 15.34
N LYS G 90 -14.69 -15.89 14.23
CA LYS G 90 -14.60 -15.16 12.97
C LYS G 90 -15.89 -14.41 12.67
N LEU G 91 -16.43 -13.74 13.68
CA LEU G 91 -17.65 -12.99 13.48
C LEU G 91 -17.42 -11.51 13.61
N GLU G 92 -18.15 -10.74 12.81
CA GLU G 92 -18.10 -9.30 12.87
C GLU G 92 -19.51 -8.73 12.85
N ALA G 93 -20.01 -8.43 14.05
CA ALA G 93 -21.32 -7.87 14.22
C ALA G 93 -21.37 -7.24 15.59
N LEU G 94 -22.36 -6.37 15.80
CA LEU G 94 -22.59 -5.77 17.10
C LEU G 94 -23.98 -6.11 17.55
N LEU G 95 -24.16 -6.24 18.86
CA LEU G 95 -25.43 -6.65 19.40
C LEU G 95 -25.88 -5.70 20.49
N ALA G 96 -27.08 -5.17 20.36
CA ALA G 96 -27.66 -4.34 21.40
C ALA G 96 -28.75 -5.13 22.12
N VAL G 97 -28.62 -5.26 23.43
CA VAL G 97 -29.51 -6.11 24.20
C VAL G 97 -30.03 -5.37 25.42
N ALA G 98 -31.32 -5.49 25.69
CA ALA G 98 -31.91 -4.80 26.82
C ALA G 98 -33.11 -5.55 27.40
N ASP G 99 -33.29 -5.42 28.71
CA ASP G 99 -34.48 -5.91 29.37
C ASP G 99 -34.96 -4.92 30.44
N GLU G 100 -35.77 -5.42 31.35
CA GLU G 100 -36.31 -4.64 32.45
C GLU G 100 -35.21 -4.10 33.37
N THR G 101 -34.10 -4.81 33.43
CA THR G 101 -33.07 -4.55 34.43
C THR G 101 -31.90 -3.72 33.90
N ALA G 102 -31.32 -4.16 32.79
CA ALA G 102 -30.13 -3.52 32.25
C ALA G 102 -30.17 -3.41 30.74
N SER G 103 -29.16 -2.76 30.18
CA SER G 103 -29.00 -2.63 28.74
C SER G 103 -27.51 -2.75 28.41
N LEU G 104 -27.16 -3.60 27.44
CA LEU G 104 -25.75 -3.74 27.10
C LEU G 104 -25.49 -3.90 25.62
N ILE G 105 -24.21 -3.75 25.28
CA ILE G 105 -23.70 -4.00 23.96
C ILE G 105 -22.76 -5.18 23.99
N ILE G 106 -22.92 -6.08 23.02
CA ILE G 106 -22.05 -7.24 22.90
C ILE G 106 -21.34 -7.16 21.56
N THR G 107 -20.01 -7.04 21.59
CA THR G 107 -19.25 -6.76 20.39
C THR G 107 -18.53 -7.99 19.81
N GLY G 108 -17.84 -7.77 18.71
CA GLY G 108 -17.14 -8.82 17.99
C GLY G 108 -15.99 -9.49 18.71
N ASN G 109 -15.17 -8.70 19.40
CA ASN G 109 -14.03 -9.25 20.11
C ASN G 109 -14.46 -10.07 21.32
N GLY G 110 -15.72 -9.92 21.71
CA GLY G 110 -16.26 -10.61 22.86
C GLY G 110 -16.33 -9.70 24.06
N ASP G 111 -16.38 -8.38 23.84
CA ASP G 111 -16.53 -7.44 24.95
C ASP G 111 -18.00 -7.25 25.29
N VAL G 112 -18.25 -6.91 26.54
CA VAL G 112 -19.59 -6.55 26.97
C VAL G 112 -19.51 -5.16 27.58
N VAL G 113 -20.28 -4.24 27.03
CA VAL G 113 -20.17 -2.83 27.40
C VAL G 113 -21.47 -2.27 27.95
N GLN G 114 -21.37 -1.63 29.11
CA GLN G 114 -22.51 -0.95 29.71
C GLN G 114 -22.44 0.51 29.31
N PRO G 115 -23.34 0.94 28.43
CA PRO G 115 -23.40 2.33 27.97
C PRO G 115 -23.61 3.29 29.14
N GLU G 116 -23.27 4.56 28.95
CA GLU G 116 -23.25 5.52 30.05
C GLU G 116 -24.58 5.69 30.77
N ASN G 117 -25.61 6.13 30.06
CA ASN G 117 -26.93 6.27 30.67
C ASN G 117 -27.90 5.28 30.04
N ASP G 118 -27.42 4.07 29.80
CA ASP G 118 -28.21 3.06 29.09
C ASP G 118 -28.64 3.55 27.72
N LEU G 119 -27.91 4.54 27.20
CA LEU G 119 -28.13 5.02 25.84
C LEU G 119 -27.20 4.29 24.91
N ILE G 120 -27.77 3.54 23.98
CA ILE G 120 -26.95 2.79 23.03
C ILE G 120 -27.16 3.33 21.62
N ALA G 121 -26.04 3.54 20.93
CA ALA G 121 -26.09 3.99 19.56
C ALA G 121 -24.92 3.34 18.83
N ILE G 122 -25.22 2.30 18.06
CA ILE G 122 -24.16 1.58 17.35
C ILE G 122 -24.49 1.50 15.88
N GLY G 123 -23.48 1.20 15.07
CA GLY G 123 -23.63 1.16 13.63
C GLY G 123 -22.86 2.31 13.00
N SER G 124 -22.97 2.43 11.69
CA SER G 124 -22.28 3.50 10.98
C SER G 124 -22.86 4.85 11.38
N GLY G 125 -24.18 4.87 11.55
CA GLY G 125 -24.88 6.11 11.90
C GLY G 125 -25.06 6.28 13.39
N GLY G 126 -24.47 5.36 14.17
CA GLY G 126 -24.48 5.41 15.61
C GLY G 126 -24.25 6.76 16.26
N PRO G 127 -23.08 7.38 15.98
CA PRO G 127 -22.72 8.64 16.64
C PRO G 127 -23.71 9.76 16.37
N TYR G 128 -24.31 9.79 15.20
CA TYR G 128 -25.26 10.86 14.88
C TYR G 128 -26.53 10.69 15.70
N ALA G 129 -26.97 9.44 15.86
CA ALA G 129 -28.14 9.16 16.66
C ALA G 129 -27.86 9.43 18.14
N GLN G 130 -26.61 9.19 18.56
CA GLN G 130 -26.20 9.45 19.94
C GLN G 130 -26.31 10.94 20.25
N ALA G 131 -25.88 11.76 19.31
CA ALA G 131 -25.91 13.19 19.47
C ALA G 131 -27.36 13.69 19.57
N ALA G 132 -28.23 13.22 18.68
CA ALA G 132 -29.64 13.61 18.70
C ALA G 132 -30.32 13.12 19.98
N ALA G 133 -30.01 11.90 20.37
CA ALA G 133 -30.65 11.28 21.54
C ALA G 133 -30.26 12.02 22.80
N ARG G 134 -28.94 12.21 22.96
CA ARG G 134 -28.40 12.91 24.10
C ARG G 134 -29.01 14.29 24.24
N ALA G 135 -29.25 14.95 23.11
CA ALA G 135 -29.84 16.27 23.11
C ALA G 135 -31.26 16.19 23.66
N LEU G 136 -32.07 15.30 23.09
CA LEU G 136 -33.47 15.18 23.44
C LEU G 136 -33.64 14.77 24.89
N LEU G 137 -32.80 13.83 25.31
CA LEU G 137 -32.76 13.35 26.68
C LEU G 137 -32.60 14.48 27.67
N GLU G 138 -31.61 15.34 27.42
CA GLU G 138 -31.20 16.34 28.38
C GLU G 138 -32.00 17.64 28.28
N ASN G 139 -32.90 17.75 27.29
CA ASN G 139 -33.59 19.01 27.03
C ASN G 139 -35.07 18.87 26.71
N THR G 140 -35.56 17.64 26.75
CA THR G 140 -36.99 17.46 26.58
C THR G 140 -37.54 16.50 27.61
N GLU G 141 -38.84 16.28 27.51
CA GLU G 141 -39.54 15.37 28.39
C GLU G 141 -40.12 14.27 27.52
N LEU G 142 -39.49 14.04 26.38
CA LEU G 142 -40.01 13.08 25.42
C LEU G 142 -39.89 11.67 25.95
N SER G 143 -40.70 10.76 25.40
CA SER G 143 -40.65 9.36 25.82
C SER G 143 -39.47 8.66 25.17
N ALA G 144 -39.05 7.56 25.77
CA ALA G 144 -37.93 6.76 25.26
C ALA G 144 -38.18 6.30 23.81
N ARG G 145 -39.44 6.10 23.46
CA ARG G 145 -39.79 5.68 22.12
C ARG G 145 -39.71 6.86 21.17
N GLU G 146 -40.20 8.01 21.61
CA GLU G 146 -40.18 9.20 20.77
C GLU G 146 -38.73 9.60 20.48
N ILE G 147 -37.89 9.60 21.52
CA ILE G 147 -36.50 9.96 21.36
C ILE G 147 -35.74 9.04 20.41
N ALA G 148 -35.89 7.73 20.60
CA ALA G 148 -35.21 6.75 19.77
C ALA G 148 -35.64 6.87 18.30
N GLU G 149 -36.92 7.12 18.06
CA GLU G 149 -37.42 7.21 16.71
C GLU G 149 -36.89 8.46 16.03
N LYS G 150 -36.90 9.57 16.77
CA LYS G 150 -36.48 10.86 16.22
C LYS G 150 -34.97 10.89 15.98
N ALA G 151 -34.23 10.18 16.83
CA ALA G 151 -32.80 10.11 16.69
C ALA G 151 -32.44 9.26 15.46
N LEU G 152 -33.21 8.20 15.23
CA LEU G 152 -33.00 7.29 14.12
C LEU G 152 -33.26 7.98 12.76
N ASP G 153 -34.22 8.92 12.74
CA ASP G 153 -34.54 9.62 11.50
C ASP G 153 -33.40 10.53 11.12
N ILE G 154 -32.89 11.25 12.12
CA ILE G 154 -31.80 12.19 11.93
C ILE G 154 -30.56 11.44 11.46
N ALA G 155 -30.33 10.27 12.03
CA ALA G 155 -29.19 9.44 11.66
C ALA G 155 -29.34 9.01 10.19
N GLY G 156 -30.58 8.70 9.79
CA GLY G 156 -30.87 8.23 8.45
C GLY G 156 -30.69 9.36 7.46
N ASP G 157 -31.00 10.57 7.93
CA ASP G 157 -30.85 11.78 7.13
C ASP G 157 -29.39 12.09 6.89
N ILE G 158 -28.55 11.77 7.88
CA ILE G 158 -27.14 12.13 7.80
C ILE G 158 -26.28 10.98 7.27
N CYS G 159 -26.50 9.76 7.78
CA CYS G 159 -25.70 8.61 7.34
C CYS G 159 -26.20 8.10 5.99
N ILE G 160 -25.22 7.97 5.08
CA ILE G 160 -25.42 7.46 3.73
C ILE G 160 -25.84 5.99 3.80
N TYR G 161 -25.42 5.34 4.90
CA TYR G 161 -25.62 3.92 5.09
C TYR G 161 -26.75 3.60 6.06
N THR G 162 -27.61 4.59 6.30
CA THR G 162 -28.77 4.38 7.14
C THR G 162 -30.00 4.96 6.45
N ASN G 163 -31.12 4.22 6.50
CA ASN G 163 -32.35 4.68 5.86
C ASN G 163 -33.48 5.05 6.81
N HIS G 164 -34.70 5.15 6.28
CA HIS G 164 -35.82 5.59 7.09
C HIS G 164 -36.87 4.51 7.30
N PHE G 165 -36.47 3.27 7.05
CA PHE G 165 -37.28 2.12 7.44
C PHE G 165 -37.03 1.85 8.92
N HIS G 166 -38.09 1.71 9.72
CA HIS G 166 -37.89 1.50 11.15
C HIS G 166 -38.44 0.16 11.65
N THR G 167 -37.72 -0.42 12.60
CA THR G 167 -38.25 -1.54 13.36
C THR G 167 -38.04 -1.15 14.83
N ILE G 168 -39.13 -1.05 15.58
CA ILE G 168 -39.04 -0.60 16.96
C ILE G 168 -39.67 -1.62 17.90
N GLU G 169 -38.92 -2.01 18.93
CA GLU G 169 -39.48 -2.86 19.97
C GLU G 169 -39.40 -2.19 21.34
N GLU G 170 -40.54 -2.08 22.00
CA GLU G 170 -40.64 -1.38 23.28
C GLU G 170 -40.88 -2.39 24.40
N LEU G 171 -40.57 -1.98 25.63
CA LEU G 171 -40.71 -2.86 26.76
C LEU G 171 -41.20 -2.05 27.95
N SER G 172 -42.43 -2.28 28.38
CA SER G 172 -42.97 -1.57 29.53
C SER G 172 -42.75 -2.37 30.80
N TYR G 173 -42.32 -1.67 31.85
CA TYR G 173 -42.18 -2.30 33.15
C TYR G 173 -42.41 -1.26 34.22
N LYS G 174 -41.80 -1.47 35.37
CA LYS G 174 -42.00 -0.63 36.53
C LYS G 174 -41.00 0.52 36.55
N THR H 1 -5.88 5.61 26.47
CA THR H 1 -5.95 5.14 27.82
C THR H 1 -4.73 5.58 28.55
N THR H 2 -4.80 5.74 29.85
CA THR H 2 -3.61 6.03 30.55
C THR H 2 -3.70 5.44 31.92
N ILE H 3 -2.79 4.54 32.22
CA ILE H 3 -2.72 4.01 33.57
C ILE H 3 -1.41 4.46 34.25
N VAL H 4 -1.52 5.03 35.45
CA VAL H 4 -0.33 5.51 36.16
C VAL H 4 -0.20 4.82 37.51
N SER H 5 1.01 4.46 37.88
CA SER H 5 1.26 3.94 39.22
C SER H 5 2.47 4.63 39.85
N VAL H 6 2.26 5.16 41.05
CA VAL H 6 3.32 5.84 41.78
C VAL H 6 3.44 5.22 43.16
N ARG H 7 4.67 5.07 43.63
CA ARG H 7 4.91 4.54 44.97
C ARG H 7 5.77 5.52 45.75
N ARG H 8 5.31 5.89 46.95
CA ARG H 8 6.04 6.86 47.75
C ARG H 8 5.59 6.86 49.21
N ASN H 9 6.55 6.70 50.12
CA ASN H 9 6.31 6.77 51.56
C ASN H 9 5.31 5.75 52.11
N GLY H 10 5.51 4.48 51.76
CA GLY H 10 4.62 3.42 52.24
C GLY H 10 3.23 3.50 51.63
N HIS H 11 3.11 4.23 50.53
CA HIS H 11 1.87 4.25 49.75
C HIS H 11 2.16 3.86 48.32
N VAL H 12 1.17 3.23 47.69
CA VAL H 12 1.23 2.94 46.27
C VAL H 12 -0.16 3.08 45.67
N VAL H 13 -0.26 3.74 44.52
CA VAL H 13 -1.56 3.94 43.89
C VAL H 13 -1.55 3.54 42.44
N ILE H 14 -2.74 3.29 41.91
CA ILE H 14 -2.91 3.13 40.48
C ILE H 14 -4.09 3.98 40.03
N ALA H 15 -3.86 4.80 39.01
CA ALA H 15 -4.89 5.69 38.49
C ALA H 15 -5.07 5.45 37.00
N GLY H 16 -6.33 5.52 36.54
CA GLY H 16 -6.64 5.29 35.15
C GLY H 16 -7.78 6.18 34.70
N ASP H 17 -7.81 6.48 33.41
CA ASP H 17 -8.92 7.24 32.86
C ASP H 17 -10.13 6.34 32.59
N GLY H 18 -11.10 6.87 31.85
CA GLY H 18 -12.32 6.13 31.60
C GLY H 18 -12.76 6.11 30.15
N GLN H 19 -11.89 6.58 29.27
CA GLN H 19 -12.27 6.70 27.87
C GLN H 19 -12.14 5.40 27.07
N ALA H 20 -13.19 5.09 26.31
CA ALA H 20 -13.20 3.97 25.38
C ALA H 20 -13.45 4.55 24.00
N THR H 21 -12.51 4.33 23.10
CA THR H 21 -12.57 4.99 21.81
C THR H 21 -12.78 3.99 20.69
N LEU H 22 -13.72 4.29 19.79
CA LEU H 22 -13.94 3.46 18.62
C LEU H 22 -13.80 4.34 17.38
N GLY H 23 -12.67 4.22 16.70
CA GLY H 23 -12.37 5.08 15.56
C GLY H 23 -11.89 6.43 16.04
N ASN H 24 -12.75 7.43 15.91
CA ASN H 24 -12.45 8.76 16.38
C ASN H 24 -13.54 9.20 17.36
N THR H 25 -14.40 8.26 17.72
CA THR H 25 -15.57 8.55 18.54
C THR H 25 -15.46 7.93 19.92
N VAL H 26 -16.03 8.60 20.91
CA VAL H 26 -16.04 8.04 22.25
C VAL H 26 -17.28 7.18 22.49
N MET H 27 -17.04 5.89 22.72
CA MET H 27 -18.10 4.94 23.00
C MET H 27 -18.59 5.19 24.42
N LYS H 28 -17.64 5.26 25.35
CA LYS H 28 -17.94 5.32 26.77
C LYS H 28 -16.87 6.19 27.43
N GLY H 29 -17.25 6.94 28.46
CA GLY H 29 -16.31 7.83 29.14
C GLY H 29 -16.07 7.51 30.61
N ASN H 30 -16.72 6.46 31.13
CA ASN H 30 -16.63 6.14 32.54
C ASN H 30 -16.21 4.68 32.76
N VAL H 31 -15.31 4.20 31.92
CA VAL H 31 -14.78 2.84 32.09
C VAL H 31 -13.97 2.73 33.38
N LYS H 32 -14.21 1.66 34.13
CA LYS H 32 -13.43 1.39 35.32
C LYS H 32 -12.20 0.58 34.94
N LYS H 33 -11.03 1.23 34.98
CA LYS H 33 -9.81 0.58 34.51
C LYS H 33 -8.91 0.16 35.68
N VAL H 34 -9.36 0.43 36.90
CA VAL H 34 -8.57 0.09 38.08
C VAL H 34 -9.44 -0.62 39.12
N ARG H 35 -8.95 -1.75 39.62
CA ARG H 35 -9.67 -2.53 40.63
C ARG H 35 -8.77 -3.01 41.74
N ARG H 36 -9.39 -3.58 42.76
CA ARG H 36 -8.68 -4.26 43.84
C ARG H 36 -8.84 -5.75 43.70
N LEU H 37 -7.87 -6.50 44.20
CA LEU H 37 -7.91 -7.95 44.14
C LEU H 37 -7.52 -8.54 45.48
N TYR H 38 -7.57 -9.87 45.55
CA TYR H 38 -7.04 -10.65 46.65
C TYR H 38 -7.29 -10.05 48.03
N ASN H 39 -8.57 -9.99 48.41
CA ASN H 39 -8.98 -9.33 49.65
C ASN H 39 -8.49 -7.92 49.80
N ASP H 40 -8.48 -7.23 48.67
CA ASP H 40 -8.22 -5.80 48.67
C ASP H 40 -6.87 -5.39 49.26
N LYS H 41 -5.84 -6.18 49.00
CA LYS H 41 -4.49 -5.77 49.34
C LYS H 41 -3.60 -5.90 48.11
N VAL H 42 -4.27 -6.02 46.96
CA VAL H 42 -3.62 -5.96 45.66
C VAL H 42 -4.44 -5.08 44.74
N ILE H 43 -3.77 -4.13 44.09
CA ILE H 43 -4.45 -3.24 43.15
C ILE H 43 -3.94 -3.47 41.73
N ALA H 44 -4.84 -3.33 40.76
CA ALA H 44 -4.47 -3.55 39.36
C ALA H 44 -5.17 -2.58 38.40
N GLY H 45 -4.48 -2.23 37.33
CA GLY H 45 -5.02 -1.36 36.29
C GLY H 45 -4.74 -1.96 34.93
N PHE H 46 -5.64 -1.77 33.97
CA PHE H 46 -5.44 -2.36 32.65
C PHE H 46 -5.62 -1.37 31.51
N ALA H 47 -5.00 -1.70 30.38
CA ALA H 47 -5.11 -0.90 29.18
C ALA H 47 -5.31 -1.84 28.00
N GLY H 48 -6.35 -1.60 27.22
CA GLY H 48 -6.65 -2.45 26.07
C GLY H 48 -8.12 -2.78 25.97
N GLY H 49 -8.43 -3.89 25.29
CA GLY H 49 -9.79 -4.37 25.17
C GLY H 49 -10.31 -4.87 26.51
N THR H 50 -11.58 -4.58 26.80
CA THR H 50 -12.16 -4.94 28.07
C THR H 50 -12.16 -6.44 28.31
N ALA H 51 -12.27 -7.19 27.23
CA ALA H 51 -12.31 -8.65 27.31
C ALA H 51 -10.96 -9.26 27.68
N ASP H 52 -9.99 -9.07 26.79
CA ASP H 52 -8.65 -9.63 26.95
C ASP H 52 -8.03 -9.30 28.30
N ALA H 53 -8.31 -8.10 28.78
CA ALA H 53 -7.78 -7.65 30.06
C ALA H 53 -8.52 -8.32 31.20
N PHE H 54 -9.82 -8.58 31.01
CA PHE H 54 -10.60 -9.22 32.05
C PHE H 54 -10.23 -10.69 32.16
N THR H 55 -9.81 -11.25 31.03
CA THR H 55 -9.24 -12.58 30.99
C THR H 55 -8.02 -12.61 31.89
N LEU H 56 -7.16 -11.61 31.69
CA LEU H 56 -5.91 -11.48 32.44
C LEU H 56 -6.14 -11.35 33.92
N PHE H 57 -7.23 -10.69 34.32
CA PHE H 57 -7.55 -10.52 35.72
C PHE H 57 -7.71 -11.86 36.42
N GLU H 58 -8.71 -12.61 35.95
CA GLU H 58 -9.02 -13.92 36.49
C GLU H 58 -7.80 -14.81 36.40
N LEU H 59 -7.13 -14.77 35.25
CA LEU H 59 -5.97 -15.58 35.00
C LEU H 59 -4.85 -15.22 35.97
N PHE H 60 -4.83 -13.95 36.39
CA PHE H 60 -3.83 -13.48 37.32
C PHE H 60 -4.30 -13.68 38.76
N GLU H 61 -5.57 -13.37 39.02
CA GLU H 61 -6.12 -13.50 40.36
C GLU H 61 -6.08 -14.98 40.78
N ARG H 62 -6.15 -15.86 39.79
CA ARG H 62 -6.04 -17.29 40.01
C ARG H 62 -4.66 -17.61 40.57
N LYS H 63 -3.63 -17.22 39.82
CA LYS H 63 -2.24 -17.47 40.19
C LYS H 63 -1.87 -16.88 41.55
N LEU H 64 -2.59 -15.85 41.96
CA LEU H 64 -2.36 -15.23 43.27
C LEU H 64 -2.71 -16.19 44.40
N GLU H 65 -3.89 -16.78 44.33
CA GLU H 65 -4.30 -17.80 45.28
C GLU H 65 -3.41 -19.03 45.12
N MET H 66 -3.24 -19.46 43.88
CA MET H 66 -2.43 -20.61 43.53
C MET H 66 -0.99 -20.46 44.02
N HIS H 67 -0.59 -19.22 44.29
CA HIS H 67 0.73 -18.95 44.81
C HIS H 67 0.69 -18.03 46.01
N GLN H 68 -0.11 -18.39 47.01
CA GLN H 68 0.04 -17.83 48.34
C GLN H 68 -0.40 -16.37 48.43
N GLY H 69 -0.33 -15.62 47.33
CA GLY H 69 -0.59 -14.18 47.38
C GLY H 69 0.71 -13.47 47.11
N HIS H 70 1.72 -14.25 46.72
CA HIS H 70 3.01 -13.73 46.32
C HIS H 70 2.88 -13.09 44.95
N LEU H 71 3.01 -11.77 44.94
CA LEU H 71 2.78 -10.96 43.75
C LEU H 71 3.69 -11.35 42.58
N VAL H 72 4.99 -11.34 42.85
CA VAL H 72 5.99 -11.57 41.81
C VAL H 72 5.88 -12.96 41.18
N LYS H 73 5.84 -14.00 42.00
CA LYS H 73 5.73 -15.37 41.51
C LYS H 73 4.46 -15.59 40.69
N ALA H 74 3.33 -15.13 41.22
CA ALA H 74 2.05 -15.23 40.54
C ALA H 74 2.11 -14.64 39.14
N ALA H 75 2.82 -13.53 39.01
CA ALA H 75 3.00 -12.88 37.72
C ALA H 75 3.95 -13.67 36.83
N VAL H 76 5.03 -14.19 37.41
CA VAL H 76 6.04 -14.92 36.64
C VAL H 76 5.47 -16.22 36.08
N GLU H 77 4.68 -16.91 36.91
CA GLU H 77 3.99 -18.14 36.49
C GLU H 77 3.08 -17.84 35.31
N LEU H 78 2.34 -16.75 35.41
CA LEU H 78 1.42 -16.33 34.35
C LEU H 78 2.16 -16.08 33.04
N ALA H 79 3.41 -15.66 33.14
CA ALA H 79 4.22 -15.36 31.97
C ALA H 79 4.42 -16.62 31.13
N LYS H 80 4.37 -17.78 31.78
CA LYS H 80 4.53 -19.02 31.07
C LYS H 80 3.20 -19.45 30.43
N ASP H 81 2.10 -19.28 31.17
CA ASP H 81 0.74 -19.62 30.70
C ASP H 81 0.26 -18.80 29.52
N TRP H 82 0.98 -17.73 29.21
CA TRP H 82 0.61 -16.89 28.10
C TRP H 82 1.72 -17.00 27.08
N ARG H 83 2.49 -18.05 27.20
CA ARG H 83 3.60 -18.26 26.32
C ARG H 83 3.57 -19.72 25.89
N ARG H 89 -3.50 -16.96 23.83
CA ARG H 89 -2.27 -16.47 23.26
C ARG H 89 -2.63 -15.33 22.30
N LYS H 90 -3.93 -15.13 22.12
CA LYS H 90 -4.46 -14.12 21.21
C LYS H 90 -5.00 -12.94 22.00
N LEU H 91 -4.25 -12.49 23.00
CA LEU H 91 -4.72 -11.35 23.77
C LEU H 91 -3.83 -10.16 23.57
N GLU H 92 -4.46 -8.98 23.58
CA GLU H 92 -3.73 -7.73 23.50
C GLU H 92 -4.25 -6.77 24.56
N ALA H 93 -3.50 -6.71 25.65
CA ALA H 93 -3.84 -5.85 26.77
C ALA H 93 -2.59 -5.70 27.61
N LEU H 94 -2.56 -4.67 28.44
CA LEU H 94 -1.47 -4.46 29.36
C LEU H 94 -2.04 -4.44 30.76
N LEU H 95 -1.24 -4.91 31.70
CA LEU H 95 -1.70 -5.02 33.08
C LEU H 95 -0.70 -4.37 34.02
N ALA H 96 -1.20 -3.46 34.84
CA ALA H 96 -0.38 -2.84 35.88
C ALA H 96 -0.80 -3.41 37.23
N VAL H 97 0.16 -3.97 37.95
CA VAL H 97 -0.15 -4.70 39.18
C VAL H 97 0.79 -4.24 40.29
N ALA H 98 0.24 -4.01 41.47
CA ALA H 98 1.07 -3.55 42.59
C ALA H 98 0.52 -4.02 43.94
N ASP H 99 1.45 -4.25 44.87
CA ASP H 99 1.08 -4.50 46.25
C ASP H 99 2.02 -3.80 47.21
N GLU H 100 2.03 -4.27 48.46
CA GLU H 100 2.90 -3.75 49.49
C GLU H 100 4.39 -3.91 49.16
N THR H 101 4.70 -4.94 48.38
CA THR H 101 6.08 -5.34 48.17
C THR H 101 6.69 -4.83 46.86
N ALA H 102 6.00 -5.07 45.76
CA ALA H 102 6.51 -4.72 44.44
C ALA H 102 5.43 -4.14 43.53
N SER H 103 5.85 -3.72 42.33
CA SER H 103 4.94 -3.20 41.32
C SER H 103 5.45 -3.67 39.98
N LEU H 104 4.57 -4.24 39.17
CA LEU H 104 5.00 -4.73 37.86
C LEU H 104 4.01 -4.50 36.75
N ILE H 105 4.50 -4.71 35.54
CA ILE H 105 3.70 -4.66 34.34
C ILE H 105 3.68 -6.06 33.72
N ILE H 106 2.49 -6.50 33.31
CA ILE H 106 2.35 -7.76 32.62
C ILE H 106 1.79 -7.51 31.23
N THR H 107 2.58 -7.84 30.21
CA THR H 107 2.23 -7.47 28.84
C THR H 107 1.64 -8.61 28.02
N GLY H 108 1.30 -8.29 26.76
CA GLY H 108 0.67 -9.26 25.87
C GLY H 108 1.50 -10.44 25.44
N ASN H 109 2.79 -10.21 25.17
CA ASN H 109 3.66 -11.30 24.75
C ASN H 109 3.95 -12.26 25.89
N GLY H 110 3.62 -11.83 27.10
CA GLY H 110 3.86 -12.62 28.29
C GLY H 110 5.09 -12.17 29.04
N ASP H 111 5.50 -10.92 28.84
CA ASP H 111 6.64 -10.37 29.58
C ASP H 111 6.20 -9.84 30.92
N VAL H 112 7.13 -9.86 31.86
CA VAL H 112 6.91 -9.24 33.15
C VAL H 112 8.00 -8.20 33.34
N VAL H 113 7.60 -6.96 33.57
CA VAL H 113 8.56 -5.86 33.60
C VAL H 113 8.53 -5.12 34.93
N GLN H 114 9.70 -4.96 35.53
CA GLN H 114 9.84 -4.14 36.72
C GLN H 114 10.24 -2.73 36.29
N PRO H 115 9.32 -1.77 36.45
CA PRO H 115 9.58 -0.37 36.12
C PRO H 115 10.75 0.20 36.94
N GLU H 116 11.37 1.27 36.46
CA GLU H 116 12.61 1.76 37.04
C GLU H 116 12.52 2.12 38.52
N ASN H 117 11.65 3.08 38.87
CA ASN H 117 11.46 3.44 40.27
C ASN H 117 10.06 3.08 40.74
N ASP H 118 9.59 1.91 40.30
CA ASP H 118 8.20 1.50 40.52
C ASP H 118 7.21 2.52 39.97
N LEU H 119 7.66 3.32 39.00
CA LEU H 119 6.79 4.27 38.32
C LEU H 119 6.28 3.61 37.05
N ILE H 120 4.97 3.42 36.98
CA ILE H 120 4.36 2.76 35.83
C ILE H 120 3.48 3.75 35.08
N ALA H 121 3.69 3.81 33.77
CA ALA H 121 2.85 4.64 32.91
C ALA H 121 2.65 3.91 31.59
N ILE H 122 1.49 3.28 31.44
CA ILE H 122 1.19 2.52 30.23
C ILE H 122 -0.09 3.02 29.59
N GLY H 123 -0.27 2.64 28.32
CA GLY H 123 -1.37 3.16 27.52
C GLY H 123 -0.90 4.14 26.45
N SER H 124 -1.85 4.64 25.66
CA SER H 124 -1.52 5.62 24.64
C SER H 124 -0.93 6.86 25.30
N GLY H 125 -1.51 7.28 26.42
CA GLY H 125 -1.08 8.49 27.08
C GLY H 125 -0.01 8.24 28.14
N GLY H 126 0.43 6.99 28.23
CA GLY H 126 1.47 6.58 29.13
C GLY H 126 2.67 7.51 29.24
N PRO H 127 3.35 7.77 28.10
CA PRO H 127 4.61 8.54 28.15
C PRO H 127 4.41 9.95 28.73
N TYR H 128 3.26 10.57 28.46
CA TYR H 128 3.03 11.93 28.89
C TYR H 128 2.88 11.91 30.39
N ALA H 129 2.18 10.90 30.91
CA ALA H 129 2.00 10.80 32.36
C ALA H 129 3.34 10.48 33.03
N GLN H 130 4.19 9.69 32.36
CA GLN H 130 5.53 9.39 32.86
C GLN H 130 6.35 10.67 33.00
N ALA H 131 6.25 11.56 32.04
CA ALA H 131 7.01 12.79 32.07
C ALA H 131 6.57 13.70 33.20
N ALA H 132 5.26 13.84 33.38
CA ALA H 132 4.71 14.65 34.45
C ALA H 132 5.05 14.04 35.82
N ALA H 133 4.94 12.71 35.93
CA ALA H 133 5.16 12.02 37.19
C ALA H 133 6.61 12.16 37.60
N ARG H 134 7.49 11.82 36.67
CA ARG H 134 8.92 11.91 36.89
C ARG H 134 9.32 13.31 37.35
N ALA H 135 8.67 14.33 36.78
CA ALA H 135 8.98 15.70 37.15
C ALA H 135 8.60 15.96 38.60
N LEU H 136 7.35 15.64 38.94
CA LEU H 136 6.81 15.84 40.28
C LEU H 136 7.58 15.06 41.35
N LEU H 137 7.93 13.82 41.02
CA LEU H 137 8.70 12.94 41.88
C LEU H 137 10.02 13.60 42.26
N GLU H 138 10.73 14.13 41.26
CA GLU H 138 12.10 14.59 41.46
C GLU H 138 12.20 16.04 41.92
N ASN H 139 11.06 16.73 42.05
CA ASN H 139 11.06 18.17 42.32
C ASN H 139 10.00 18.64 43.28
N THR H 140 9.20 17.70 43.79
CA THR H 140 8.23 18.04 44.82
C THR H 140 8.24 17.04 45.94
N GLU H 141 7.39 17.29 46.92
CA GLU H 141 7.26 16.43 48.08
C GLU H 141 5.82 15.93 48.09
N LEU H 142 5.21 15.91 46.91
CA LEU H 142 3.82 15.47 46.80
C LEU H 142 3.65 14.00 47.12
N SER H 143 2.43 13.62 47.47
CA SER H 143 2.13 12.24 47.80
C SER H 143 1.99 11.44 46.52
N ALA H 144 2.12 10.11 46.65
CA ALA H 144 1.98 9.21 45.52
C ALA H 144 0.60 9.33 44.86
N ARG H 145 -0.42 9.67 45.64
CA ARG H 145 -1.77 9.83 45.12
C ARG H 145 -1.91 11.17 44.39
N GLU H 146 -1.31 12.21 44.95
CA GLU H 146 -1.35 13.53 44.32
C GLU H 146 -0.61 13.48 42.98
N ILE H 147 0.57 12.87 42.97
CA ILE H 147 1.37 12.79 41.75
C ILE H 147 0.65 12.03 40.65
N ALA H 148 0.13 10.85 40.97
CA ALA H 148 -0.56 10.04 39.98
C ALA H 148 -1.77 10.75 39.40
N GLU H 149 -2.49 11.47 40.24
CA GLU H 149 -3.72 12.12 39.80
C GLU H 149 -3.37 13.27 38.88
N LYS H 150 -2.33 14.03 39.26
CA LYS H 150 -1.95 15.22 38.51
C LYS H 150 -1.33 14.83 37.17
N ALA H 151 -0.63 13.70 37.15
CA ALA H 151 -0.01 13.20 35.94
C ALA H 151 -1.07 12.68 34.98
N LEU H 152 -2.14 12.10 35.51
CA LEU H 152 -3.25 11.58 34.72
C LEU H 152 -4.02 12.71 34.05
N ASP H 153 -4.14 13.85 34.73
CA ASP H 153 -4.87 14.99 34.17
C ASP H 153 -4.13 15.56 32.98
N ILE H 154 -2.81 15.68 33.13
CA ILE H 154 -1.95 16.20 32.10
C ILE H 154 -1.99 15.27 30.90
N ALA H 155 -1.98 13.96 31.16
CA ALA H 155 -2.02 12.99 30.09
C ALA H 155 -3.35 13.11 29.32
N GLY H 156 -4.44 13.34 30.06
CA GLY H 156 -5.75 13.45 29.46
C GLY H 156 -5.86 14.72 28.66
N ASP H 157 -5.11 15.75 29.09
CA ASP H 157 -5.09 17.03 28.42
C ASP H 157 -4.36 16.91 27.09
N ILE H 158 -3.35 16.05 27.06
CA ILE H 158 -2.51 15.92 25.89
C ILE H 158 -2.96 14.76 24.98
N CYS H 159 -3.25 13.59 25.56
CA CYS H 159 -3.68 12.47 24.74
C CYS H 159 -5.14 12.63 24.31
N ILE H 160 -5.34 12.52 23.02
CA ILE H 160 -6.64 12.49 22.38
C ILE H 160 -7.47 11.29 22.86
N TYR H 161 -6.76 10.25 23.29
CA TYR H 161 -7.37 8.98 23.63
C TYR H 161 -7.41 8.76 25.12
N THR H 162 -7.22 9.85 25.86
CA THR H 162 -7.33 9.79 27.31
C THR H 162 -8.21 10.91 27.82
N ASN H 163 -9.12 10.61 28.75
CA ASN H 163 -10.03 11.64 29.27
C ASN H 163 -9.74 12.06 30.71
N HIS H 164 -10.74 12.67 31.36
CA HIS H 164 -10.54 13.18 32.70
C HIS H 164 -11.40 12.48 33.75
N PHE H 165 -11.94 11.33 33.38
CA PHE H 165 -12.61 10.47 34.33
C PHE H 165 -11.52 9.69 35.07
N HIS H 166 -11.60 9.63 36.39
CA HIS H 166 -10.56 8.94 37.16
C HIS H 166 -11.09 7.79 38.01
N THR H 167 -10.30 6.72 38.06
CA THR H 167 -10.50 5.68 39.03
C THR H 167 -9.17 5.51 39.73
N ILE H 168 -9.14 5.71 41.04
CA ILE H 168 -7.89 5.64 41.79
C ILE H 168 -8.00 4.65 42.94
N GLU H 169 -7.04 3.72 43.01
CA GLU H 169 -6.96 2.83 44.15
C GLU H 169 -5.63 2.97 44.88
N GLU H 170 -5.71 3.24 46.18
CA GLU H 170 -4.53 3.49 47.00
C GLU H 170 -4.31 2.33 47.96
N LEU H 171 -3.07 2.19 48.44
CA LEU H 171 -2.71 1.09 49.31
C LEU H 171 -1.74 1.60 50.36
N SER H 172 -2.20 1.68 51.61
CA SER H 172 -1.33 2.10 52.69
C SER H 172 -0.65 0.92 53.35
N TYR H 173 0.64 1.06 53.61
CA TYR H 173 1.36 0.04 54.34
C TYR H 173 2.47 0.72 55.12
N LYS H 174 3.52 -0.05 55.36
CA LYS H 174 4.64 0.40 56.16
C LYS H 174 5.63 1.12 55.27
N THR I 1 -24.68 11.47 -6.92
CA THR I 1 -25.44 12.47 -7.61
C THR I 1 -26.02 11.78 -8.80
N THR I 2 -27.16 12.24 -9.27
CA THR I 2 -27.75 11.70 -10.47
C THR I 2 -28.40 12.76 -11.30
N ILE I 3 -28.00 12.92 -12.55
CA ILE I 3 -28.66 13.82 -13.49
C ILE I 3 -29.23 13.03 -14.66
N VAL I 4 -30.53 13.19 -14.91
CA VAL I 4 -31.19 12.48 -16.01
C VAL I 4 -31.77 13.44 -17.04
N SER I 5 -31.63 13.10 -18.31
CA SER I 5 -32.27 13.87 -19.37
C SER I 5 -33.01 12.96 -20.35
N VAL I 6 -34.27 13.28 -20.58
CA VAL I 6 -35.10 12.51 -21.49
C VAL I 6 -35.75 13.45 -22.50
N ARG I 7 -35.80 13.01 -23.75
CA ARG I 7 -36.44 13.79 -24.81
C ARG I 7 -37.51 12.95 -25.48
N ARG I 8 -38.74 13.48 -25.55
CA ARG I 8 -39.83 12.73 -26.14
C ARG I 8 -41.02 13.63 -26.48
N ASN I 9 -41.44 13.58 -27.74
CA ASN I 9 -42.62 14.31 -28.22
C ASN I 9 -42.54 15.84 -28.11
N GLY I 10 -41.45 16.43 -28.59
CA GLY I 10 -41.30 17.86 -28.54
C GLY I 10 -41.11 18.40 -27.13
N HIS I 11 -40.74 17.49 -26.23
CA HIS I 11 -40.36 17.88 -24.87
C HIS I 11 -38.96 17.35 -24.55
N VAL I 12 -38.24 18.10 -23.71
CA VAL I 12 -36.97 17.63 -23.18
C VAL I 12 -36.83 18.13 -21.75
N VAL I 13 -36.40 17.23 -20.86
CA VAL I 13 -36.25 17.62 -19.47
C VAL I 13 -34.88 17.28 -18.95
N ILE I 14 -34.51 17.92 -17.84
CA ILE I 14 -33.36 17.51 -17.05
C ILE I 14 -33.76 17.47 -15.59
N ALA I 15 -33.46 16.34 -14.95
CA ALA I 15 -33.76 16.15 -13.54
C ALA I 15 -32.50 15.79 -12.76
N GLY I 16 -32.38 16.33 -11.55
CA GLY I 16 -31.24 16.03 -10.71
C GLY I 16 -31.64 15.94 -9.25
N ASP I 17 -30.88 15.17 -8.48
CA ASP I 17 -31.14 15.09 -7.04
C ASP I 17 -30.59 16.31 -6.30
N GLY I 18 -30.50 16.25 -4.98
CA GLY I 18 -29.99 17.37 -4.21
C GLY I 18 -28.96 17.00 -3.16
N GLN I 19 -28.43 15.78 -3.24
CA GLN I 19 -27.50 15.32 -2.20
C GLN I 19 -26.06 15.77 -2.42
N ALA I 20 -25.48 16.31 -1.36
CA ALA I 20 -24.06 16.66 -1.33
C ALA I 20 -23.41 15.83 -0.24
N THR I 21 -22.46 14.99 -0.62
CA THR I 21 -21.90 14.02 0.31
C THR I 21 -20.45 14.33 0.63
N LEU I 22 -20.11 14.27 1.91
CA LEU I 22 -18.74 14.48 2.33
C LEU I 22 -18.32 13.28 3.17
N GLY I 23 -17.54 12.39 2.57
CA GLY I 23 -17.19 11.13 3.23
C GLY I 23 -18.35 10.17 3.15
N ASN I 24 -19.00 9.96 4.29
CA ASN I 24 -20.17 9.09 4.35
C ASN I 24 -21.35 9.87 4.90
N THR I 25 -21.16 11.19 5.00
CA THR I 25 -22.14 12.05 5.65
C THR I 25 -22.78 12.99 4.63
N VAL I 26 -24.04 13.31 4.85
CA VAL I 26 -24.70 14.29 3.98
C VAL I 26 -24.53 15.71 4.50
N MET I 27 -23.86 16.52 3.70
CA MET I 27 -23.63 17.91 4.02
C MET I 27 -24.94 18.67 3.80
N LYS I 28 -25.53 18.45 2.64
CA LYS I 28 -26.69 19.20 2.21
C LYS I 28 -27.56 18.28 1.37
N GLY I 29 -28.88 18.46 1.43
CA GLY I 29 -29.80 17.57 0.73
C GLY I 29 -30.70 18.27 -0.27
N ASN I 30 -30.54 19.58 -0.40
CA ASN I 30 -31.39 20.36 -1.30
C ASN I 30 -30.57 21.17 -2.29
N VAL I 31 -29.48 20.60 -2.78
CA VAL I 31 -28.68 21.25 -3.80
C VAL I 31 -29.45 21.40 -5.10
N LYS I 32 -29.37 22.57 -5.70
CA LYS I 32 -29.99 22.80 -6.98
C LYS I 32 -29.01 22.43 -8.08
N LYS I 33 -29.26 21.32 -8.76
CA LYS I 33 -28.30 20.83 -9.74
C LYS I 33 -28.78 21.05 -11.17
N VAL I 34 -29.95 21.68 -11.31
CA VAL I 34 -30.52 21.94 -12.63
C VAL I 34 -30.99 23.39 -12.73
N ARG I 35 -30.60 24.05 -13.81
CA ARG I 35 -30.98 25.45 -14.03
C ARG I 35 -31.37 25.72 -15.47
N ARG I 36 -31.88 26.91 -15.70
CA ARG I 36 -32.16 27.40 -17.04
C ARG I 36 -31.13 28.44 -17.43
N LEU I 37 -30.87 28.57 -18.73
CA LEU I 37 -29.93 29.54 -19.24
C LEU I 37 -30.49 30.28 -20.43
N TYR I 38 -29.72 31.22 -20.94
CA TYR I 38 -29.98 31.92 -22.20
C TYR I 38 -31.44 32.25 -22.43
N ASN I 39 -31.97 33.17 -21.63
CA ASN I 39 -33.38 33.54 -21.67
C ASN I 39 -34.32 32.36 -21.57
N ASP I 40 -33.92 31.38 -20.76
CA ASP I 40 -34.78 30.26 -20.39
C ASP I 40 -35.25 29.43 -21.57
N LYS I 41 -34.39 29.22 -22.55
CA LYS I 41 -34.70 28.28 -23.61
C LYS I 41 -33.55 27.29 -23.74
N VAL I 42 -32.70 27.28 -22.72
CA VAL I 42 -31.66 26.28 -22.57
C VAL I 42 -31.65 25.77 -21.13
N ILE I 43 -31.65 24.46 -20.97
CA ILE I 43 -31.60 23.87 -19.63
C ILE I 43 -30.30 23.09 -19.42
N ALA I 44 -29.80 23.12 -18.19
CA ALA I 44 -28.55 22.45 -17.87
C ALA I 44 -28.54 21.81 -16.48
N GLY I 45 -27.84 20.68 -16.38
CA GLY I 45 -27.67 20.01 -15.10
C GLY I 45 -26.22 19.64 -14.91
N PHE I 46 -25.75 19.64 -13.66
CA PHE I 46 -24.34 19.33 -13.40
C PHE I 46 -24.13 18.26 -12.33
N ALA I 47 -22.98 17.62 -12.41
CA ALA I 47 -22.57 16.64 -11.41
C ALA I 47 -21.11 16.88 -11.04
N GLY I 48 -20.83 16.97 -9.74
CA GLY I 48 -19.48 17.25 -9.27
C GLY I 48 -19.41 18.33 -8.21
N GLY I 49 -18.26 18.97 -8.08
CA GLY I 49 -18.09 20.06 -7.14
C GLY I 49 -18.86 21.29 -7.57
N THR I 50 -19.47 21.98 -6.61
CA THR I 50 -20.32 23.14 -6.90
C THR I 50 -19.54 24.24 -7.61
N ALA I 51 -18.25 24.33 -7.32
CA ALA I 51 -17.41 25.37 -7.88
C ALA I 51 -17.08 25.12 -9.35
N ASP I 52 -16.39 24.01 -9.60
CA ASP I 52 -15.94 23.66 -10.95
C ASP I 52 -17.08 23.65 -11.96
N ALA I 53 -18.25 23.23 -11.51
CA ALA I 53 -19.40 23.15 -12.38
C ALA I 53 -19.97 24.54 -12.61
N PHE I 54 -19.86 25.40 -11.60
CA PHE I 54 -20.37 26.76 -11.73
C PHE I 54 -19.46 27.56 -12.64
N THR I 55 -18.19 27.19 -12.64
CA THR I 55 -17.22 27.72 -13.60
C THR I 55 -17.70 27.40 -15.00
N LEU I 56 -18.04 26.13 -15.19
CA LEU I 56 -18.50 25.63 -16.47
C LEU I 56 -19.76 26.32 -16.96
N PHE I 57 -20.63 26.71 -16.05
CA PHE I 57 -21.86 27.39 -16.42
C PHE I 57 -21.56 28.69 -17.15
N GLU I 58 -20.88 29.58 -16.45
CA GLU I 58 -20.51 30.88 -16.97
C GLU I 58 -19.69 30.71 -18.22
N LEU I 59 -18.75 29.77 -18.17
CA LEU I 59 -17.86 29.51 -19.27
C LEU I 59 -18.64 29.01 -20.48
N PHE I 60 -19.76 28.35 -20.21
CA PHE I 60 -20.62 27.83 -21.25
C PHE I 60 -21.66 28.86 -21.66
N GLU I 61 -22.25 29.53 -20.68
CA GLU I 61 -23.27 30.54 -20.95
C GLU I 61 -22.64 31.67 -21.76
N ARG I 62 -21.34 31.88 -21.56
CA ARG I 62 -20.59 32.87 -22.32
C ARG I 62 -20.57 32.50 -23.80
N LYS I 63 -20.10 31.30 -24.09
CA LYS I 63 -20.02 30.78 -25.45
C LYS I 63 -21.36 30.73 -26.17
N LEU I 64 -22.45 30.68 -25.41
CA LEU I 64 -23.79 30.69 -25.98
C LEU I 64 -24.08 32.03 -26.65
N GLU I 65 -23.85 33.10 -25.91
CA GLU I 65 -23.99 34.45 -26.44
C GLU I 65 -22.96 34.66 -27.55
N MET I 66 -21.71 34.33 -27.23
CA MET I 66 -20.59 34.45 -28.16
C MET I 66 -20.84 33.69 -29.46
N HIS I 67 -21.75 32.73 -29.42
CA HIS I 67 -22.10 31.99 -30.61
C HIS I 67 -23.61 31.91 -30.79
N GLN I 68 -24.27 33.06 -30.78
CA GLN I 68 -25.61 33.18 -31.33
C GLN I 68 -26.70 32.50 -30.49
N GLY I 69 -26.31 31.50 -29.71
CA GLY I 69 -27.27 30.71 -28.96
C GLY I 69 -27.32 29.33 -29.57
N HIS I 70 -26.36 29.08 -30.47
CA HIS I 70 -26.19 27.79 -31.09
C HIS I 70 -25.58 26.83 -30.07
N LEU I 71 -26.39 25.85 -29.66
CA LEU I 71 -26.02 24.94 -28.58
C LEU I 71 -24.75 24.16 -28.88
N VAL I 72 -24.75 23.47 -30.02
CA VAL I 72 -23.67 22.56 -30.39
C VAL I 72 -22.33 23.28 -30.53
N LYS I 73 -22.31 24.38 -31.30
CA LYS I 73 -21.08 25.14 -31.51
C LYS I 73 -20.52 25.70 -30.21
N ALA I 74 -21.40 26.30 -29.40
CA ALA I 74 -21.00 26.86 -28.11
C ALA I 74 -20.31 25.81 -27.25
N ALA I 75 -20.81 24.58 -27.31
CA ALA I 75 -20.21 23.47 -26.58
C ALA I 75 -18.88 23.04 -27.18
N VAL I 76 -18.82 22.98 -28.51
CA VAL I 76 -17.63 22.55 -29.21
C VAL I 76 -16.47 23.52 -29.01
N GLU I 77 -16.79 24.81 -29.06
CA GLU I 77 -15.81 25.87 -28.79
C GLU I 77 -15.24 25.72 -27.39
N LEU I 78 -16.13 25.48 -26.44
CA LEU I 78 -15.74 25.29 -25.04
C LEU I 78 -14.78 24.11 -24.87
N ALA I 79 -14.93 23.10 -25.73
CA ALA I 79 -14.08 21.91 -25.67
C ALA I 79 -12.63 22.26 -25.93
N LYS I 80 -12.41 23.35 -26.64
CA LYS I 80 -11.05 23.82 -26.90
C LYS I 80 -10.49 24.63 -25.71
N ASP I 81 -11.32 25.51 -25.15
CA ASP I 81 -10.98 26.34 -23.99
C ASP I 81 -10.67 25.56 -22.72
N TRP I 82 -11.00 24.27 -22.75
CA TRP I 82 -10.77 23.43 -21.59
C TRP I 82 -9.75 22.40 -21.99
N ARG I 83 -9.07 22.70 -23.07
CA ARG I 83 -8.09 21.79 -23.59
C ARG I 83 -6.84 22.59 -23.92
N ARG I 89 -5.98 23.16 -15.27
CA ARG I 89 -7.08 23.48 -16.15
C ARG I 89 -7.91 22.23 -16.26
N LYS I 90 -7.65 21.19 -15.51
CA LYS I 90 -8.60 20.08 -15.61
C LYS I 90 -9.60 20.12 -14.47
N LEU I 91 -10.82 20.52 -14.78
CA LEU I 91 -11.86 20.64 -13.79
C LEU I 91 -12.58 19.32 -13.75
N GLU I 92 -13.08 18.92 -12.59
CA GLU I 92 -13.74 17.64 -12.49
C GLU I 92 -15.21 17.76 -12.16
N ALA I 93 -15.98 18.02 -13.20
CA ALA I 93 -17.41 18.13 -13.13
C ALA I 93 -17.95 17.65 -14.45
N LEU I 94 -19.24 17.32 -14.47
CA LEU I 94 -19.90 16.93 -15.70
C LEU I 94 -21.07 17.85 -15.92
N LEU I 95 -21.36 18.10 -17.19
CA LEU I 95 -22.41 19.04 -17.55
C LEU I 95 -23.39 18.42 -18.54
N ALA I 96 -24.66 18.44 -18.20
CA ALA I 96 -25.70 18.00 -19.11
C ALA I 96 -26.43 19.22 -19.67
N VAL I 97 -26.45 19.34 -20.98
CA VAL I 97 -26.98 20.52 -21.62
C VAL I 97 -27.95 20.14 -22.73
N ALA I 98 -29.10 20.82 -22.79
CA ALA I 98 -30.10 20.50 -23.79
C ALA I 98 -30.91 21.72 -24.20
N ASP I 99 -31.34 21.73 -25.47
CA ASP I 99 -32.29 22.72 -25.95
C ASP I 99 -33.31 22.08 -26.88
N GLU I 100 -33.95 22.93 -27.69
CA GLU I 100 -34.93 22.51 -28.66
C GLU I 100 -34.34 21.58 -29.72
N THR I 101 -33.05 21.75 -30.00
CA THR I 101 -32.42 21.09 -31.13
C THR I 101 -31.66 19.83 -30.76
N ALA I 102 -30.79 19.92 -29.76
CA ALA I 102 -29.92 18.80 -29.40
C ALA I 102 -29.77 18.67 -27.89
N SER I 103 -29.06 17.61 -27.48
CA SER I 103 -28.77 17.37 -26.08
C SER I 103 -27.35 16.82 -26.01
N LEU I 104 -26.52 17.37 -25.13
CA LEU I 104 -25.15 16.88 -25.03
C LEU I 104 -24.61 16.86 -23.61
N ILE I 105 -23.49 16.16 -23.48
CA ILE I 105 -22.73 16.10 -22.24
C ILE I 105 -21.38 16.76 -22.47
N ILE I 106 -20.97 17.58 -21.51
CA ILE I 106 -19.67 18.23 -21.56
C ILE I 106 -18.86 17.80 -20.36
N THR I 107 -17.74 17.13 -20.60
CA THR I 107 -17.01 16.49 -19.52
C THR I 107 -15.75 17.25 -19.12
N GLY I 108 -15.06 16.71 -18.12
CA GLY I 108 -13.88 17.32 -17.54
C GLY I 108 -12.67 17.44 -18.45
N ASN I 109 -12.41 16.40 -19.24
CA ASN I 109 -11.25 16.44 -20.11
C ASN I 109 -11.48 17.41 -21.27
N GLY I 110 -12.73 17.80 -21.47
CA GLY I 110 -13.08 18.72 -22.53
C GLY I 110 -13.73 17.98 -23.69
N ASP I 111 -14.33 16.83 -23.42
CA ASP I 111 -15.03 16.09 -24.46
C ASP I 111 -16.45 16.58 -24.57
N VAL I 112 -17.03 16.44 -25.75
CA VAL I 112 -18.43 16.71 -25.94
C VAL I 112 -19.06 15.44 -26.49
N VAL I 113 -20.08 14.95 -25.81
CA VAL I 113 -20.63 13.65 -26.16
C VAL I 113 -22.12 13.74 -26.51
N GLN I 114 -22.49 13.18 -27.64
CA GLN I 114 -23.89 13.06 -28.02
C GLN I 114 -24.39 11.69 -27.58
N PRO I 115 -25.26 11.67 -26.56
CA PRO I 115 -25.87 10.43 -26.06
C PRO I 115 -26.67 9.71 -27.14
N GLU I 116 -26.87 8.40 -26.99
CA GLU I 116 -27.42 7.57 -28.06
C GLU I 116 -28.79 8.03 -28.54
N ASN I 117 -29.79 8.08 -27.65
CA ASN I 117 -31.10 8.55 -28.04
C ASN I 117 -31.46 9.82 -27.32
N ASP I 118 -30.48 10.71 -27.19
CA ASP I 118 -30.61 11.92 -26.38
C ASP I 118 -31.00 11.60 -24.94
N LEU I 119 -30.69 10.38 -24.51
CA LEU I 119 -30.89 9.97 -23.13
C LEU I 119 -29.59 10.17 -22.37
N ILE I 120 -29.64 11.08 -21.39
CA ILE I 120 -28.46 11.38 -20.60
C ILE I 120 -28.65 10.91 -19.17
N ALA I 121 -27.64 10.19 -18.67
CA ALA I 121 -27.65 9.74 -17.28
C ALA I 121 -26.22 9.78 -16.74
N ILE I 122 -25.90 10.82 -16.00
CA ILE I 122 -24.55 10.99 -15.50
C ILE I 122 -24.58 11.15 -13.99
N GLY I 123 -23.42 10.96 -13.37
CA GLY I 123 -23.35 10.94 -11.92
C GLY I 123 -23.09 9.55 -11.38
N SER I 124 -22.98 9.43 -10.06
CA SER I 124 -22.73 8.16 -9.44
C SER I 124 -23.91 7.24 -9.70
N GLY I 125 -25.11 7.80 -9.64
CA GLY I 125 -26.32 7.03 -9.83
C GLY I 125 -26.80 6.98 -11.27
N GLY I 126 -26.01 7.59 -12.15
CA GLY I 126 -26.28 7.60 -13.58
C GLY I 126 -26.74 6.30 -14.21
N PRO I 127 -25.92 5.24 -14.11
CA PRO I 127 -26.24 3.99 -14.79
C PRO I 127 -27.59 3.40 -14.36
N TYR I 128 -27.94 3.54 -13.09
CA TYR I 128 -29.19 2.99 -12.60
C TYR I 128 -30.37 3.75 -13.20
N ALA I 129 -30.23 5.07 -13.33
CA ALA I 129 -31.27 5.87 -13.95
C ALA I 129 -31.38 5.56 -15.43
N GLN I 130 -30.23 5.26 -16.05
CA GLN I 130 -30.21 4.91 -17.47
C GLN I 130 -31.01 3.65 -17.72
N ALA I 131 -30.85 2.67 -16.82
CA ALA I 131 -31.54 1.40 -16.93
C ALA I 131 -33.05 1.55 -16.80
N ALA I 132 -33.47 2.32 -15.80
CA ALA I 132 -34.88 2.59 -15.59
C ALA I 132 -35.47 3.39 -16.75
N ALA I 133 -34.74 4.40 -17.22
CA ALA I 133 -35.22 5.27 -18.28
C ALA I 133 -35.38 4.48 -19.57
N ARG I 134 -34.32 3.75 -19.93
CA ARG I 134 -34.32 2.93 -21.12
C ARG I 134 -35.49 1.96 -21.12
N ALA I 135 -35.78 1.40 -19.95
CA ALA I 135 -36.89 0.47 -19.82
C ALA I 135 -38.21 1.17 -20.13
N LEU I 136 -38.46 2.28 -19.43
CA LEU I 136 -39.70 3.05 -19.59
C LEU I 136 -39.89 3.55 -21.01
N LEU I 137 -38.80 4.02 -21.61
CA LEU I 137 -38.78 4.53 -22.96
C LEU I 137 -39.29 3.48 -23.95
N GLU I 138 -38.75 2.28 -23.82
CA GLU I 138 -38.99 1.20 -24.77
C GLU I 138 -40.20 0.35 -24.49
N ASN I 139 -40.89 0.64 -23.39
CA ASN I 139 -42.03 -0.20 -23.05
C ASN I 139 -43.25 0.56 -22.46
N THR I 140 -43.16 1.89 -22.41
CA THR I 140 -44.32 2.69 -22.05
C THR I 140 -44.52 3.84 -23.02
N GLU I 141 -45.58 4.59 -22.74
CA GLU I 141 -45.95 5.75 -23.52
C GLU I 141 -45.87 6.95 -22.60
N LEU I 142 -45.02 6.85 -21.58
CA LEU I 142 -44.90 7.91 -20.58
C LEU I 142 -44.24 9.15 -21.18
N SER I 143 -44.47 10.29 -20.54
CA SER I 143 -43.87 11.54 -21.00
C SER I 143 -42.42 11.62 -20.58
N ALA I 144 -41.66 12.46 -21.27
CA ALA I 144 -40.25 12.67 -20.96
C ALA I 144 -40.05 13.13 -19.52
N ARG I 145 -41.03 13.85 -18.98
CA ARG I 145 -40.94 14.32 -17.61
C ARG I 145 -41.25 13.20 -16.63
N GLU I 146 -42.24 12.37 -16.96
CA GLU I 146 -42.61 11.26 -16.10
C GLU I 146 -41.47 10.23 -16.03
N ILE I 147 -40.88 9.93 -17.17
CA ILE I 147 -39.77 8.99 -17.24
C ILE I 147 -38.54 9.46 -16.46
N ALA I 148 -38.13 10.70 -16.66
CA ALA I 148 -36.97 11.24 -15.96
C ALA I 148 -37.17 11.26 -14.44
N GLU I 149 -38.38 11.58 -14.00
CA GLU I 149 -38.66 11.68 -12.59
C GLU I 149 -38.63 10.30 -11.95
N LYS I 150 -39.24 9.34 -12.64
CA LYS I 150 -39.36 7.99 -12.12
C LYS I 150 -38.01 7.29 -12.11
N ALA I 151 -37.16 7.63 -13.09
CA ALA I 151 -35.83 7.06 -13.19
C ALA I 151 -34.94 7.63 -12.08
N LEU I 152 -35.15 8.90 -11.75
CA LEU I 152 -34.39 9.58 -10.70
C LEU I 152 -34.70 8.99 -9.31
N ASP I 153 -35.96 8.63 -9.08
CA ASP I 153 -36.37 8.04 -7.80
C ASP I 153 -35.72 6.69 -7.59
N ILE I 154 -35.72 5.87 -8.64
CA ILE I 154 -35.12 4.53 -8.60
C ILE I 154 -33.61 4.66 -8.36
N ALA I 155 -32.99 5.65 -8.98
CA ALA I 155 -31.57 5.89 -8.80
C ALA I 155 -31.27 6.27 -7.36
N GLY I 156 -32.15 7.11 -6.78
CA GLY I 156 -31.98 7.56 -5.42
C GLY I 156 -32.20 6.44 -4.44
N ASP I 157 -33.07 5.50 -4.82
CA ASP I 157 -33.36 4.30 -4.04
C ASP I 157 -32.18 3.35 -4.01
N ILE I 158 -31.46 3.28 -5.13
CA ILE I 158 -30.33 2.39 -5.26
C ILE I 158 -29.00 3.07 -4.91
N CYS I 159 -28.75 4.27 -5.43
CA CYS I 159 -27.47 4.93 -5.14
C CYS I 159 -27.44 5.51 -3.74
N ILE I 160 -26.38 5.18 -3.01
CA ILE I 160 -26.13 5.66 -1.67
C ILE I 160 -25.86 7.15 -1.73
N TYR I 161 -25.40 7.60 -2.89
CA TYR I 161 -24.97 8.99 -3.11
C TYR I 161 -25.98 9.80 -3.88
N THR I 162 -27.21 9.30 -3.94
CA THR I 162 -28.28 10.03 -4.59
C THR I 162 -29.52 10.02 -3.72
N ASN I 163 -30.18 11.19 -3.60
CA ASN I 163 -31.37 11.27 -2.74
C ASN I 163 -32.68 11.46 -3.49
N HIS I 164 -33.70 11.93 -2.78
CA HIS I 164 -35.03 12.04 -3.39
C HIS I 164 -35.53 13.47 -3.48
N PHE I 165 -34.62 14.41 -3.33
CA PHE I 165 -34.89 15.81 -3.62
C PHE I 165 -34.77 16.00 -5.11
N HIS I 166 -35.75 16.66 -5.73
CA HIS I 166 -35.73 16.80 -7.18
C HIS I 166 -35.71 18.26 -7.63
N THR I 167 -34.96 18.51 -8.70
CA THR I 167 -35.07 19.77 -9.42
C THR I 167 -35.29 19.39 -10.87
N ILE I 168 -36.42 19.80 -11.45
CA ILE I 168 -36.74 19.41 -12.81
C ILE I 168 -37.00 20.63 -13.68
N GLU I 169 -36.32 20.71 -14.82
CA GLU I 169 -36.60 21.76 -15.78
C GLU I 169 -37.04 21.18 -17.12
N GLU I 170 -38.19 21.62 -17.59
CA GLU I 170 -38.78 21.09 -18.81
C GLU I 170 -38.74 22.15 -19.91
N LEU I 171 -38.83 21.69 -21.16
CA LEU I 171 -38.75 22.58 -22.31
C LEU I 171 -39.70 22.10 -23.38
N SER I 172 -40.77 22.88 -23.60
CA SER I 172 -41.72 22.53 -24.64
C SER I 172 -41.38 23.19 -25.95
N TYR I 173 -41.47 22.43 -27.03
CA TYR I 173 -41.27 22.98 -28.35
C TYR I 173 -42.12 22.19 -29.35
N LYS I 174 -41.65 22.16 -30.58
CA LYS I 174 -42.39 21.54 -31.66
C LYS I 174 -42.00 20.07 -31.78
N THR J 1 -10.83 -0.86 -25.10
CA THR J 1 -10.72 -0.36 -26.44
C THR J 1 -9.92 -1.33 -27.22
N THR J 2 -10.15 -1.34 -28.52
CA THR J 2 -9.31 -2.11 -29.39
C THR J 2 -9.28 -1.53 -30.75
N ILE J 3 -8.06 -1.19 -31.17
CA ILE J 3 -7.80 -0.65 -32.50
C ILE J 3 -6.92 -1.61 -33.31
N VAL J 4 -7.37 -1.97 -34.51
CA VAL J 4 -6.62 -2.90 -35.36
C VAL J 4 -6.27 -2.24 -36.67
N SER J 5 -5.05 -2.49 -37.14
CA SER J 5 -4.66 -2.05 -38.48
C SER J 5 -3.99 -3.17 -39.27
N VAL J 6 -4.50 -3.41 -40.47
CA VAL J 6 -3.96 -4.46 -41.33
C VAL J 6 -3.64 -3.85 -42.68
N ARG J 7 -2.51 -4.27 -43.26
CA ARG J 7 -2.13 -3.80 -44.59
C ARG J 7 -1.89 -5.02 -45.49
N ARG J 8 -2.53 -5.03 -46.66
CA ARG J 8 -2.41 -6.16 -47.55
C ARG J 8 -2.90 -5.82 -48.96
N ASN J 9 -2.04 -6.07 -49.95
CA ASN J 9 -2.38 -5.87 -51.37
C ASN J 9 -2.78 -4.45 -51.78
N GLY J 10 -1.97 -3.46 -51.41
CA GLY J 10 -2.26 -2.08 -51.75
C GLY J 10 -3.47 -1.52 -51.01
N HIS J 11 -3.84 -2.18 -49.92
CA HIS J 11 -4.89 -1.68 -49.04
C HIS J 11 -4.35 -1.58 -47.62
N VAL J 12 -4.88 -0.63 -46.86
CA VAL J 12 -4.60 -0.55 -45.43
C VAL J 12 -5.84 -0.04 -44.72
N VAL J 13 -6.19 -0.67 -43.62
CA VAL J 13 -7.37 -0.27 -42.88
C VAL J 13 -7.06 -0.03 -41.40
N ILE J 14 -7.95 0.70 -40.75
CA ILE J 14 -7.94 0.80 -39.30
C ILE J 14 -9.35 0.61 -38.79
N ALA J 15 -9.51 -0.31 -37.84
CA ALA J 15 -10.82 -0.63 -37.26
C ALA J 15 -10.77 -0.45 -35.75
N GLY J 16 -11.84 0.09 -35.19
CA GLY J 16 -11.94 0.29 -33.75
C GLY J 16 -13.34 0.02 -33.24
N ASP J 17 -13.45 -0.39 -31.98
CA ASP J 17 -14.76 -0.54 -31.36
C ASP J 17 -15.37 0.80 -30.96
N GLY J 18 -16.41 0.77 -30.13
CA GLY J 18 -17.07 2.00 -29.73
C GLY J 18 -17.35 2.10 -28.24
N GLN J 19 -16.76 1.20 -27.46
CA GLN J 19 -17.08 1.14 -26.05
C GLN J 19 -16.29 2.14 -25.20
N ALA J 20 -17.01 2.86 -24.35
CA ALA J 20 -16.44 3.78 -23.36
C ALA J 20 -16.84 3.29 -21.99
N THR J 21 -15.85 2.90 -21.20
CA THR J 21 -16.14 2.25 -19.94
C THR J 21 -15.76 3.14 -18.76
N LEU J 22 -16.66 3.23 -17.79
CA LEU J 22 -16.40 3.95 -16.56
C LEU J 22 -16.65 3.02 -15.38
N GLY J 23 -15.56 2.52 -14.78
CA GLY J 23 -15.66 1.53 -13.73
C GLY J 23 -15.94 0.17 -14.31
N ASN J 24 -17.17 -0.30 -14.15
CA ASN J 24 -17.59 -1.56 -14.72
C ASN J 24 -18.82 -1.32 -15.58
N THR J 25 -19.12 -0.05 -15.83
CA THR J 25 -20.31 0.32 -16.55
C THR J 25 -19.98 0.91 -17.92
N VAL J 26 -20.88 0.70 -18.88
CA VAL J 26 -20.69 1.31 -20.19
C VAL J 26 -21.35 2.67 -20.27
N MET J 27 -20.53 3.70 -20.46
CA MET J 27 -21.00 5.06 -20.58
C MET J 27 -21.63 5.22 -21.97
N LYS J 28 -20.91 4.77 -22.98
CA LYS J 28 -21.29 4.97 -24.37
C LYS J 28 -20.82 3.76 -25.16
N GLY J 29 -21.57 3.37 -26.20
CA GLY J 29 -21.20 2.22 -27.00
C GLY J 29 -20.93 2.50 -28.47
N ASN J 30 -21.05 3.76 -28.88
CA ASN J 30 -20.89 4.13 -30.27
C ASN J 30 -19.83 5.21 -30.46
N VAL J 31 -18.76 5.12 -29.69
CA VAL J 31 -17.65 6.06 -29.84
C VAL J 31 -16.96 5.88 -31.21
N LYS J 32 -16.69 6.99 -31.87
CA LYS J 32 -15.95 6.96 -33.11
C LYS J 32 -14.46 7.05 -32.82
N LYS J 33 -13.76 5.93 -32.98
CA LYS J 33 -12.35 5.87 -32.60
C LYS J 33 -11.44 5.89 -33.82
N VAL J 34 -12.03 5.96 -35.01
CA VAL J 34 -11.27 5.96 -36.25
C VAL J 34 -11.73 7.10 -37.16
N ARG J 35 -10.77 7.89 -37.66
CA ARG J 35 -11.09 9.00 -38.57
C ARG J 35 -10.12 9.07 -39.73
N ARG J 36 -10.45 9.97 -40.66
CA ARG J 36 -9.57 10.31 -41.77
C ARG J 36 -8.95 11.67 -41.53
N LEU J 37 -7.76 11.88 -42.08
CA LEU J 37 -7.09 13.16 -41.96
C LEU J 37 -6.54 13.61 -43.31
N TYR J 38 -5.94 14.80 -43.30
CA TYR J 38 -5.17 15.34 -44.42
C TYR J 38 -5.76 15.05 -45.79
N ASN J 39 -6.90 15.67 -46.06
CA ASN J 39 -7.63 15.43 -47.30
C ASN J 39 -7.93 13.97 -47.56
N ASP J 40 -8.20 13.24 -46.47
CA ASP J 40 -8.69 11.86 -46.56
C ASP J 40 -7.74 10.91 -47.29
N LYS J 41 -6.45 11.07 -47.09
CA LYS J 41 -5.50 10.08 -47.57
C LYS J 41 -4.61 9.65 -46.42
N VAL J 42 -5.05 9.99 -45.22
CA VAL J 42 -4.43 9.51 -43.98
C VAL J 42 -5.53 9.06 -43.03
N ILE J 43 -5.37 7.86 -42.48
CA ILE J 43 -6.34 7.34 -41.52
C ILE J 43 -5.70 7.15 -40.15
N ALA J 44 -6.49 7.36 -39.11
CA ALA J 44 -5.98 7.25 -37.74
C ALA J 44 -7.01 6.67 -36.76
N GLY J 45 -6.51 5.92 -35.78
CA GLY J 45 -7.36 5.38 -34.73
C GLY J 45 -6.73 5.62 -33.38
N PHE J 46 -7.56 5.82 -32.35
CA PHE J 46 -7.01 6.12 -31.04
C PHE J 46 -7.56 5.22 -29.94
N ALA J 47 -6.79 5.10 -28.87
CA ALA J 47 -7.23 4.36 -27.69
C ALA J 47 -6.87 5.20 -26.46
N GLY J 48 -7.85 5.42 -25.58
CA GLY J 48 -7.64 6.21 -24.38
C GLY J 48 -8.74 7.22 -24.13
N GLY J 49 -8.41 8.27 -23.40
CA GLY J 49 -9.36 9.33 -23.12
C GLY J 49 -9.65 10.13 -24.38
N THR J 50 -10.91 10.52 -24.57
CA THR J 50 -11.32 11.21 -25.78
C THR J 50 -10.62 12.56 -25.93
N ALA J 51 -10.25 13.17 -24.81
CA ALA J 51 -9.59 14.47 -24.85
C ALA J 51 -8.13 14.37 -25.28
N ASP J 52 -7.34 13.65 -24.48
CA ASP J 52 -5.91 13.51 -24.72
C ASP J 52 -5.62 13.04 -26.14
N ALA J 53 -6.47 12.17 -26.66
CA ALA J 53 -6.30 11.63 -28.00
C ALA J 53 -6.68 12.67 -29.04
N PHE J 54 -7.67 13.50 -28.71
CA PHE J 54 -8.10 14.52 -29.64
C PHE J 54 -7.07 15.63 -29.70
N THR J 55 -6.36 15.83 -28.60
CA THR J 55 -5.21 16.71 -28.54
C THR J 55 -4.19 16.22 -29.55
N LEU J 56 -3.91 14.92 -29.48
CA LEU J 56 -2.94 14.28 -30.34
C LEU J 56 -3.29 14.41 -31.80
N PHE J 57 -4.58 14.38 -32.12
CA PHE J 57 -5.03 14.52 -33.50
C PHE J 57 -4.56 15.82 -34.11
N GLU J 58 -5.03 16.91 -33.52
CA GLU J 58 -4.69 18.26 -33.98
C GLU J 58 -3.19 18.43 -33.96
N LEU J 59 -2.57 17.97 -32.89
CA LEU J 59 -1.14 18.09 -32.70
C LEU J 59 -0.39 17.32 -33.78
N PHE J 60 -1.01 16.25 -34.25
CA PHE J 60 -0.44 15.43 -35.30
C PHE J 60 -0.85 15.96 -36.67
N GLU J 61 -2.12 16.32 -36.83
CA GLU J 61 -2.62 16.83 -38.10
C GLU J 61 -1.88 18.12 -38.45
N ARG J 62 -1.44 18.84 -37.42
CA ARG J 62 -0.66 20.05 -37.59
C ARG J 62 0.67 19.71 -38.25
N LYS J 63 1.41 18.80 -37.62
CA LYS J 63 2.72 18.37 -38.10
C LYS J 63 2.68 17.79 -39.52
N LEU J 64 1.52 17.30 -39.94
CA LEU J 64 1.34 16.77 -41.29
C LEU J 64 1.45 17.87 -42.33
N GLU J 65 0.71 18.95 -42.12
CA GLU J 65 0.79 20.12 -42.98
C GLU J 65 2.17 20.73 -42.83
N MET J 66 2.61 20.93 -41.59
CA MET J 66 3.91 21.50 -41.29
C MET J 66 5.05 20.71 -41.91
N HIS J 67 4.78 19.46 -42.26
CA HIS J 67 5.77 18.65 -42.93
C HIS J 67 5.20 17.96 -44.16
N GLN J 68 4.63 18.75 -45.05
CA GLN J 68 4.40 18.31 -46.42
C GLN J 68 3.30 17.25 -46.56
N GLY J 69 3.04 16.49 -45.50
CA GLY J 69 2.13 15.37 -45.56
C GLY J 69 2.94 14.10 -45.47
N HIS J 70 4.22 14.27 -45.13
CA HIS J 70 5.10 13.15 -44.89
C HIS J 70 4.74 12.53 -43.55
N LEU J 71 4.23 11.30 -43.60
CA LEU J 71 3.71 10.61 -42.43
C LEU J 71 4.76 10.41 -41.34
N VAL J 72 5.87 9.80 -41.73
CA VAL J 72 6.90 9.41 -40.77
C VAL J 72 7.52 10.61 -40.05
N LYS J 73 7.95 11.60 -40.84
CA LYS J 73 8.55 12.81 -40.27
C LYS J 73 7.61 13.55 -39.33
N ALA J 74 6.37 13.73 -39.76
CA ALA J 74 5.35 14.40 -38.96
C ALA J 74 5.19 13.72 -37.60
N ALA J 75 5.28 12.40 -37.59
CA ALA J 75 5.19 11.63 -36.36
C ALA J 75 6.45 11.79 -35.52
N VAL J 76 7.60 11.75 -36.17
CA VAL J 76 8.89 11.86 -35.48
C VAL J 76 9.06 13.22 -34.81
N GLU J 77 8.68 14.27 -35.53
CA GLU J 77 8.70 15.63 -35.00
C GLU J 77 7.83 15.71 -33.75
N LEU J 78 6.65 15.14 -33.84
CA LEU J 78 5.71 15.13 -32.72
C LEU J 78 6.28 14.43 -31.49
N ALA J 79 7.16 13.46 -31.72
CA ALA J 79 7.80 12.72 -30.65
C ALA J 79 8.65 13.62 -29.78
N LYS J 80 9.11 14.71 -30.36
CA LYS J 80 9.90 15.69 -29.62
C LYS J 80 8.99 16.64 -28.83
N ASP J 81 7.91 17.09 -29.47
CA ASP J 81 6.93 18.00 -28.86
C ASP J 81 6.18 17.41 -27.68
N TRP J 82 6.30 16.11 -27.50
CA TRP J 82 5.64 15.44 -26.40
C TRP J 82 6.70 14.92 -25.46
N ARG J 83 7.89 15.45 -25.64
CA ARG J 83 9.01 15.04 -24.85
C ARG J 83 9.73 16.28 -24.35
N ARG J 89 2.33 17.12 -21.76
CA ARG J 89 3.21 16.05 -21.32
C ARG J 89 2.40 15.16 -20.39
N LYS J 90 1.18 15.60 -20.10
CA LYS J 90 0.27 14.91 -19.20
C LYS J 90 -0.83 14.21 -19.98
N LEU J 91 -0.47 13.54 -21.06
CA LEU J 91 -1.46 12.84 -21.85
C LEU J 91 -1.26 11.35 -21.78
N GLU J 92 -2.38 10.63 -21.80
CA GLU J 92 -2.36 9.18 -21.83
C GLU J 92 -3.33 8.68 -22.87
N ALA J 93 -2.77 8.37 -24.04
CA ALA J 93 -3.55 7.86 -25.15
C ALA J 93 -2.59 7.20 -26.12
N LEU J 94 -3.13 6.36 -27.00
CA LEU J 94 -2.33 5.74 -28.03
C LEU J 94 -2.92 6.11 -29.37
N LEU J 95 -2.06 6.19 -30.37
CA LEU J 95 -2.49 6.64 -31.67
C LEU J 95 -2.01 5.68 -32.74
N ALA J 96 -2.93 5.18 -33.56
CA ALA J 96 -2.54 4.36 -34.69
C ALA J 96 -2.71 5.19 -35.96
N VAL J 97 -1.65 5.27 -36.74
CA VAL J 97 -1.62 6.16 -37.90
C VAL J 97 -1.10 5.42 -39.12
N ALA J 98 -1.76 5.58 -40.26
CA ALA J 98 -1.33 4.89 -41.46
C ALA J 98 -1.64 5.66 -42.73
N ASP J 99 -0.80 5.50 -43.74
CA ASP J 99 -1.09 6.01 -45.06
C ASP J 99 -0.67 5.02 -46.14
N GLU J 100 -0.50 5.54 -47.35
CA GLU J 100 -0.07 4.76 -48.50
C GLU J 100 1.33 4.16 -48.30
N THR J 101 2.16 4.84 -47.51
CA THR J 101 3.57 4.50 -47.41
C THR J 101 3.92 3.65 -46.19
N ALA J 102 3.49 4.09 -45.01
CA ALA J 102 3.84 3.41 -43.77
C ALA J 102 2.68 3.36 -42.80
N SER J 103 2.91 2.69 -41.66
CA SER J 103 1.93 2.59 -40.59
C SER J 103 2.69 2.65 -39.28
N LEU J 104 2.24 3.48 -38.35
CA LEU J 104 2.94 3.59 -37.07
C LEU J 104 2.02 3.77 -35.88
N ILE J 105 2.62 3.61 -34.71
CA ILE J 105 1.97 3.85 -33.45
C ILE J 105 2.66 5.01 -32.77
N ILE J 106 1.87 5.92 -32.23
CA ILE J 106 2.40 7.04 -31.47
C ILE J 106 1.89 6.96 -30.04
N THR J 107 2.79 6.80 -29.08
CA THR J 107 2.38 6.51 -27.71
C THR J 107 2.50 7.73 -26.79
N GLY J 108 2.12 7.51 -25.54
CA GLY J 108 2.09 8.55 -24.52
C GLY J 108 3.41 9.16 -24.14
N ASN J 109 4.44 8.32 -24.00
CA ASN J 109 5.75 8.81 -23.60
C ASN J 109 6.40 9.63 -24.73
N GLY J 110 5.85 9.50 -25.92
CA GLY J 110 6.38 10.20 -27.08
C GLY J 110 7.16 9.26 -27.98
N ASP J 111 6.93 7.95 -27.86
CA ASP J 111 7.61 7.00 -28.72
C ASP J 111 6.89 6.86 -30.05
N VAL J 112 7.65 6.49 -31.06
CA VAL J 112 7.08 6.17 -32.35
C VAL J 112 7.51 4.76 -32.69
N VAL J 113 6.54 3.88 -32.93
CA VAL J 113 6.83 2.47 -33.11
C VAL J 113 6.35 1.95 -34.47
N GLN J 114 7.25 1.28 -35.19
CA GLN J 114 6.91 0.63 -36.45
C GLN J 114 6.60 -0.82 -36.16
N PRO J 115 5.32 -1.21 -36.25
CA PRO J 115 4.89 -2.59 -35.99
C PRO J 115 5.58 -3.56 -36.95
N GLU J 116 5.64 -4.84 -36.57
CA GLU J 116 6.44 -5.82 -37.30
C GLU J 116 6.07 -5.96 -38.77
N ASN J 117 4.83 -6.34 -39.06
CA ASN J 117 4.41 -6.44 -40.46
C ASN J 117 3.34 -5.42 -40.76
N ASP J 118 3.53 -4.21 -40.24
CA ASP J 118 2.51 -3.16 -40.31
C ASP J 118 1.18 -3.61 -39.72
N LEU J 119 1.24 -4.61 -38.84
CA LEU J 119 0.08 -5.06 -38.11
C LEU J 119 0.04 -4.34 -36.78
N ILE J 120 -1.02 -3.55 -36.57
CA ILE J 120 -1.16 -2.80 -35.34
C ILE J 120 -2.36 -3.31 -34.56
N ALA J 121 -2.15 -3.57 -33.28
CA ALA J 121 -3.21 -3.97 -32.39
C ALA J 121 -2.95 -3.33 -31.04
N ILE J 122 -3.67 -2.26 -30.74
CA ILE J 122 -3.48 -1.55 -29.48
C ILE J 122 -4.80 -1.41 -28.74
N GLY J 123 -4.69 -1.13 -27.44
CA GLY J 123 -5.86 -1.10 -26.58
C GLY J 123 -5.89 -2.28 -25.62
N SER J 124 -6.93 -2.34 -24.80
CA SER J 124 -7.04 -3.41 -23.84
C SER J 124 -7.19 -4.73 -24.57
N GLY J 125 -7.97 -4.71 -25.65
CA GLY J 125 -8.21 -5.92 -26.42
C GLY J 125 -7.23 -6.13 -27.55
N GLY J 126 -6.22 -5.26 -27.61
CA GLY J 126 -5.17 -5.34 -28.60
C GLY J 126 -4.55 -6.70 -28.86
N PRO J 127 -4.05 -7.36 -27.80
CA PRO J 127 -3.33 -8.63 -28.01
C PRO J 127 -4.23 -9.72 -28.59
N TYR J 128 -5.51 -9.72 -28.23
CA TYR J 128 -6.40 -10.74 -28.74
C TYR J 128 -6.62 -10.55 -30.24
N ALA J 129 -6.77 -9.29 -30.65
CA ALA J 129 -6.94 -8.98 -32.06
C ALA J 129 -5.66 -9.31 -32.82
N GLN J 130 -4.51 -9.10 -32.19
CA GLN J 130 -3.23 -9.41 -32.81
C GLN J 130 -3.14 -10.88 -33.10
N ALA J 131 -3.60 -11.69 -32.16
CA ALA J 131 -3.56 -13.14 -32.30
C ALA J 131 -4.44 -13.61 -33.46
N ALA J 132 -5.66 -13.09 -33.53
CA ALA J 132 -6.60 -13.44 -34.58
C ALA J 132 -6.10 -12.96 -35.94
N ALA J 133 -5.57 -11.74 -35.98
CA ALA J 133 -5.10 -11.13 -37.23
C ALA J 133 -3.92 -11.91 -37.77
N ARG J 134 -2.93 -12.14 -36.90
CA ARG J 134 -1.74 -12.88 -37.26
C ARG J 134 -2.11 -14.23 -37.85
N ALA J 135 -3.12 -14.87 -37.26
CA ALA J 135 -3.57 -16.17 -37.70
C ALA J 135 -4.12 -16.09 -39.12
N LEU J 136 -5.06 -15.18 -39.31
CA LEU J 136 -5.71 -14.96 -40.61
C LEU J 136 -4.71 -14.58 -41.69
N LEU J 137 -3.78 -13.69 -41.34
CA LEU J 137 -2.73 -13.25 -42.24
C LEU J 137 -1.93 -14.41 -42.80
N GLU J 138 -1.49 -15.29 -41.90
CA GLU J 138 -0.54 -16.34 -42.25
C GLU J 138 -1.20 -17.61 -42.77
N ASN J 139 -2.53 -17.65 -42.80
CA ASN J 139 -3.25 -18.88 -43.15
C ASN J 139 -4.47 -18.68 -44.02
N THR J 140 -4.73 -17.44 -44.42
CA THR J 140 -5.81 -17.19 -45.37
C THR J 140 -5.37 -16.21 -46.44
N GLU J 141 -6.30 -15.93 -47.33
CA GLU J 141 -6.06 -15.03 -48.43
C GLU J 141 -7.08 -13.91 -48.29
N LEU J 142 -7.53 -13.70 -47.06
CA LEU J 142 -8.52 -12.66 -46.80
C LEU J 142 -7.96 -11.27 -47.04
N SER J 143 -8.87 -10.31 -47.24
CA SER J 143 -8.46 -8.94 -47.46
C SER J 143 -8.13 -8.27 -46.14
N ALA J 144 -7.35 -7.19 -46.21
CA ALA J 144 -6.97 -6.42 -45.04
C ALA J 144 -8.20 -5.92 -44.26
N ARG J 145 -9.30 -5.67 -44.97
CA ARG J 145 -10.52 -5.22 -44.33
C ARG J 145 -11.24 -6.37 -43.66
N GLU J 146 -11.27 -7.51 -44.33
CA GLU J 146 -11.91 -8.69 -43.76
C GLU J 146 -11.18 -9.14 -42.50
N ILE J 147 -9.85 -9.17 -42.56
CA ILE J 147 -9.04 -9.59 -41.42
C ILE J 147 -9.21 -8.67 -40.21
N ALA J 148 -9.12 -7.37 -40.43
CA ALA J 148 -9.24 -6.40 -39.35
C ALA J 148 -10.61 -6.45 -38.68
N GLU J 149 -11.65 -6.66 -39.49
CA GLU J 149 -13.01 -6.70 -38.99
C GLU J 149 -13.23 -7.94 -38.15
N LYS J 150 -12.73 -9.07 -38.65
CA LYS J 150 -12.91 -10.36 -38.00
C LYS J 150 -12.11 -10.43 -36.70
N ALA J 151 -10.95 -9.78 -36.70
CA ALA J 151 -10.07 -9.76 -35.54
C ALA J 151 -10.69 -8.89 -34.45
N LEU J 152 -11.36 -7.81 -34.87
CA LEU J 152 -12.03 -6.89 -33.94
C LEU J 152 -13.23 -7.56 -33.26
N ASP J 153 -13.95 -8.43 -33.97
CA ASP J 153 -15.10 -9.11 -33.38
C ASP J 153 -14.66 -10.08 -32.31
N ILE J 154 -13.59 -10.83 -32.59
CA ILE J 154 -13.03 -11.79 -31.66
C ILE J 154 -12.52 -11.07 -30.41
N ALA J 155 -11.89 -9.91 -30.61
CA ALA J 155 -11.39 -9.13 -29.49
C ALA J 155 -12.55 -8.64 -28.62
N GLY J 156 -13.65 -8.23 -29.26
CA GLY J 156 -14.81 -7.76 -28.54
C GLY J 156 -15.51 -8.90 -27.80
N ASP J 157 -15.40 -10.10 -28.37
CA ASP J 157 -15.95 -11.30 -27.76
C ASP J 157 -15.17 -11.69 -26.51
N ILE J 158 -13.87 -11.43 -26.54
CA ILE J 158 -12.99 -11.79 -25.44
C ILE J 158 -12.77 -10.65 -24.43
N CYS J 159 -12.45 -9.45 -24.92
CA CYS J 159 -12.23 -8.33 -24.00
C CYS J 159 -13.53 -7.76 -23.44
N ILE J 160 -13.54 -7.61 -22.12
CA ILE J 160 -14.66 -7.09 -21.38
C ILE J 160 -14.85 -5.62 -21.72
N TYR J 161 -13.74 -5.01 -22.14
CA TYR J 161 -13.68 -3.58 -22.40
C TYR J 161 -13.72 -3.24 -23.88
N THR J 162 -14.15 -4.21 -24.68
CA THR J 162 -14.28 -4.00 -26.11
C THR J 162 -15.65 -4.51 -26.58
N ASN J 163 -16.31 -3.75 -27.44
CA ASN J 163 -17.64 -4.14 -27.90
C ASN J 163 -17.69 -4.50 -29.38
N HIS J 164 -18.90 -4.45 -29.95
CA HIS J 164 -19.07 -4.92 -31.31
C HIS J 164 -19.55 -3.82 -32.25
N PHE J 165 -19.44 -2.58 -31.76
CA PHE J 165 -19.63 -1.42 -32.63
C PHE J 165 -18.34 -1.21 -33.43
N HIS J 166 -18.46 -0.99 -34.73
CA HIS J 166 -17.25 -0.86 -35.56
C HIS J 166 -17.19 0.48 -36.28
N THR J 167 -15.99 1.04 -36.37
CA THR J 167 -15.70 2.14 -37.27
C THR J 167 -14.51 1.69 -38.09
N ILE J 168 -14.67 1.61 -39.41
CA ILE J 168 -13.60 1.15 -40.27
C ILE J 168 -13.28 2.16 -41.37
N GLU J 169 -12.00 2.50 -41.49
CA GLU J 169 -11.56 3.36 -42.58
C GLU J 169 -10.51 2.64 -43.43
N GLU J 170 -10.78 2.55 -44.72
CA GLU J 170 -9.91 1.84 -45.65
C GLU J 170 -9.21 2.82 -46.57
N LEU J 171 -8.09 2.38 -47.15
CA LEU J 171 -7.29 3.24 -48.00
C LEU J 171 -6.76 2.43 -49.17
N SER J 172 -7.27 2.70 -50.37
CA SER J 172 -6.81 2.00 -51.56
C SER J 172 -5.67 2.76 -52.23
N TYR J 173 -4.63 2.04 -52.61
CA TYR J 173 -3.55 2.62 -53.36
C TYR J 173 -2.94 1.57 -54.26
N LYS J 174 -1.66 1.74 -54.56
CA LYS J 174 -0.97 0.87 -55.49
C LYS J 174 -0.35 -0.32 -54.77
N THR K 1 2.46 -19.96 -19.27
CA THR K 1 2.59 -21.19 -20.00
C THR K 1 1.36 -21.18 -20.84
N THR K 2 1.19 -22.15 -21.72
CA THR K 2 0.03 -22.16 -22.58
C THR K 2 -0.36 -23.56 -22.97
N ILE K 3 -1.59 -23.95 -22.68
CA ILE K 3 -2.10 -25.25 -23.12
C ILE K 3 -3.30 -25.08 -24.04
N VAL K 4 -3.21 -25.68 -25.23
CA VAL K 4 -4.29 -25.56 -26.22
C VAL K 4 -4.86 -26.94 -26.55
N SER K 5 -6.18 -27.01 -26.71
CA SER K 5 -6.82 -28.23 -27.19
C SER K 5 -7.84 -27.93 -28.29
N VAL K 6 -7.71 -28.63 -29.41
CA VAL K 6 -8.60 -28.44 -30.54
C VAL K 6 -9.15 -29.80 -30.95
N ARG K 7 -10.43 -29.82 -31.29
CA ARG K 7 -11.05 -31.05 -31.78
C ARG K 7 -11.69 -30.81 -33.14
N ARG K 8 -11.35 -31.64 -34.12
CA ARG K 8 -11.86 -31.47 -35.46
C ARG K 8 -11.71 -32.73 -36.31
N ASN K 9 -12.81 -33.20 -36.88
CA ASN K 9 -12.82 -34.34 -37.81
C ASN K 9 -12.33 -35.66 -37.23
N GLY K 10 -12.85 -36.04 -36.06
CA GLY K 10 -12.42 -37.28 -35.43
C GLY K 10 -11.00 -37.26 -34.91
N HIS K 11 -10.46 -36.06 -34.75
CA HIS K 11 -9.18 -35.86 -34.09
C HIS K 11 -9.32 -34.90 -32.93
N VAL K 12 -8.48 -35.10 -31.91
CA VAL K 12 -8.39 -34.14 -30.81
C VAL K 12 -6.95 -34.09 -30.33
N VAL K 13 -6.43 -32.88 -30.14
CA VAL K 13 -5.05 -32.72 -29.70
C VAL K 13 -4.94 -31.86 -28.47
N ILE K 14 -3.82 -32.00 -27.77
CA ILE K 14 -3.45 -31.06 -26.72
C ILE K 14 -2.00 -30.65 -26.94
N ALA K 15 -1.76 -29.34 -26.93
CA ALA K 15 -0.42 -28.81 -27.15
C ALA K 15 -0.06 -27.90 -25.98
N GLY K 16 1.20 -27.96 -25.55
CA GLY K 16 1.68 -27.08 -24.50
C GLY K 16 3.10 -26.61 -24.71
N ASP K 17 3.46 -25.46 -24.16
CA ASP K 17 4.84 -24.99 -24.25
C ASP K 17 5.73 -25.70 -23.26
N GLY K 18 6.94 -25.18 -23.05
CA GLY K 18 7.87 -25.81 -22.13
C GLY K 18 8.54 -24.86 -21.15
N GLN K 19 8.01 -23.64 -21.06
CA GLN K 19 8.66 -22.62 -20.22
C GLN K 19 8.27 -22.68 -18.75
N ALA K 20 9.28 -22.69 -17.88
CA ALA K 20 9.09 -22.60 -16.43
C ALA K 20 9.76 -21.30 -15.96
N THR K 21 8.95 -20.41 -15.40
CA THR K 21 9.46 -19.08 -15.09
C THR K 21 9.52 -18.85 -13.58
N LEU K 22 10.65 -18.31 -13.14
CA LEU K 22 10.83 -17.95 -11.74
C LEU K 22 11.20 -16.48 -11.63
N GLY K 23 10.22 -15.66 -11.25
CA GLY K 23 10.42 -14.22 -11.26
C GLY K 23 10.34 -13.67 -12.66
N ASN K 24 11.49 -13.29 -13.20
CA ASN K 24 11.55 -12.84 -14.57
C ASN K 24 12.54 -13.68 -15.35
N THR K 25 12.94 -14.80 -14.75
CA THR K 25 13.99 -15.65 -15.32
C THR K 25 13.43 -16.99 -15.72
N VAL K 26 14.02 -17.58 -16.76
CA VAL K 26 13.62 -18.91 -17.19
C VAL K 26 14.44 -19.99 -16.49
N MET K 27 13.75 -20.79 -15.69
CA MET K 27 14.36 -21.89 -14.97
C MET K 27 14.63 -23.04 -15.95
N LYS K 28 13.63 -23.34 -16.77
CA LYS K 28 13.68 -24.49 -17.65
C LYS K 28 12.83 -24.16 -18.89
N GLY K 29 13.24 -24.66 -20.05
CA GLY K 29 12.54 -24.36 -21.28
C GLY K 29 11.95 -25.56 -22.01
N ASN K 30 12.13 -26.75 -21.42
CA ASN K 30 11.69 -27.98 -22.07
C ASN K 30 10.81 -28.81 -21.15
N VAL K 31 9.94 -28.13 -20.41
CA VAL K 31 9.01 -28.84 -19.55
C VAL K 31 7.99 -29.59 -20.37
N LYS K 32 7.74 -30.84 -19.99
CA LYS K 32 6.72 -31.64 -20.64
C LYS K 32 5.38 -31.39 -19.96
N LYS K 33 4.51 -30.64 -20.63
CA LYS K 33 3.24 -30.26 -20.03
C LYS K 33 2.06 -31.08 -20.57
N VAL K 34 2.34 -32.02 -21.45
CA VAL K 34 1.29 -32.82 -22.07
C VAL K 34 1.68 -34.29 -22.04
N ARG K 35 0.75 -35.14 -21.59
CA ARG K 35 1.02 -36.58 -21.52
C ARG K 35 -0.19 -37.39 -21.98
N ARG K 36 0.05 -38.70 -22.09
CA ARG K 36 -1.02 -39.66 -22.36
C ARG K 36 -1.33 -40.44 -21.10
N LEU K 37 -2.57 -40.89 -20.97
CA LEU K 37 -2.99 -41.67 -19.82
C LEU K 37 -3.79 -42.90 -20.26
N TYR K 38 -4.17 -43.71 -19.27
CA TYR K 38 -5.12 -44.81 -19.44
C TYR K 38 -4.93 -45.60 -20.72
N ASN K 39 -3.81 -46.30 -20.80
CA ASN K 39 -3.45 -47.04 -22.01
C ASN K 39 -3.46 -46.20 -23.27
N ASP K 40 -3.05 -44.94 -23.11
CA ASP K 40 -2.82 -44.05 -24.24
C ASP K 40 -4.06 -43.83 -25.11
N LYS K 41 -5.22 -43.69 -24.49
CA LYS K 41 -6.40 -43.27 -25.23
C LYS K 41 -7.05 -42.10 -24.49
N VAL K 42 -6.27 -41.52 -23.59
CA VAL K 42 -6.63 -40.29 -22.91
C VAL K 42 -5.41 -39.38 -22.89
N ILE K 43 -5.61 -38.13 -23.30
CA ILE K 43 -4.52 -37.15 -23.30
C ILE K 43 -4.81 -36.02 -22.31
N ALA K 44 -3.75 -35.51 -21.68
CA ALA K 44 -3.91 -34.44 -20.71
C ALA K 44 -2.79 -33.41 -20.75
N GLY K 45 -3.15 -32.16 -20.45
CA GLY K 45 -2.18 -31.08 -20.36
C GLY K 45 -2.41 -30.30 -19.09
N PHE K 46 -1.34 -29.75 -18.51
CA PHE K 46 -1.46 -29.01 -17.26
C PHE K 46 -0.78 -27.63 -17.31
N ALA K 47 -1.25 -26.75 -16.45
CA ALA K 47 -0.67 -25.42 -16.29
C ALA K 47 -0.57 -25.13 -14.80
N GLY K 48 0.61 -24.75 -14.34
CA GLY K 48 0.81 -24.47 -12.93
C GLY K 48 2.08 -25.08 -12.38
N GLY K 49 2.12 -25.29 -11.06
CA GLY K 49 3.26 -25.92 -10.43
C GLY K 49 3.36 -27.39 -10.80
N THR K 50 4.57 -27.87 -11.03
CA THR K 50 4.80 -29.24 -11.47
C THR K 50 4.27 -30.25 -10.45
N ALA K 51 4.29 -29.88 -9.18
CA ALA K 51 3.86 -30.77 -8.11
C ALA K 51 2.35 -30.92 -8.07
N ASP K 52 1.66 -29.81 -7.82
CA ASP K 52 0.21 -29.80 -7.66
C ASP K 52 -0.49 -30.44 -8.85
N ALA K 53 0.06 -30.21 -10.04
CA ALA K 53 -0.52 -30.75 -11.26
C ALA K 53 -0.26 -32.25 -11.35
N PHE K 54 0.90 -32.68 -10.86
CA PHE K 54 1.25 -34.09 -10.89
C PHE K 54 0.41 -34.86 -9.89
N THR K 55 0.04 -34.17 -8.81
CA THR K 55 -0.91 -34.69 -7.84
C THR K 55 -2.21 -34.98 -8.57
N LEU K 56 -2.67 -33.98 -9.33
CA LEU K 56 -3.90 -34.07 -10.08
C LEU K 56 -3.91 -35.21 -11.08
N PHE K 57 -2.76 -35.51 -11.66
CA PHE K 57 -2.65 -36.59 -12.64
C PHE K 57 -3.05 -37.92 -12.01
N GLU K 58 -2.29 -38.32 -11.01
CA GLU K 58 -2.52 -39.56 -10.30
C GLU K 58 -3.91 -39.57 -9.73
N LEU K 59 -4.31 -38.45 -9.13
CA LEU K 59 -5.62 -38.33 -8.53
C LEU K 59 -6.72 -38.48 -9.57
N PHE K 60 -6.41 -38.10 -10.80
CA PHE K 60 -7.34 -38.21 -11.91
C PHE K 60 -7.23 -39.56 -12.59
N GLU K 61 -5.99 -40.02 -12.81
CA GLU K 61 -5.75 -41.29 -13.45
C GLU K 61 -6.34 -42.41 -12.60
N ARG K 62 -6.39 -42.18 -11.29
CA ARG K 62 -6.99 -43.10 -10.35
C ARG K 62 -8.48 -43.25 -10.64
N LYS K 63 -9.17 -42.11 -10.63
CA LYS K 63 -10.61 -42.06 -10.88
C LYS K 63 -11.01 -42.64 -12.23
N LEU K 64 -10.08 -42.62 -13.17
CA LEU K 64 -10.33 -43.19 -14.49
C LEU K 64 -10.53 -44.69 -14.41
N GLU K 65 -9.60 -45.37 -13.75
CA GLU K 65 -9.71 -46.79 -13.50
C GLU K 65 -10.90 -47.05 -12.59
N MET K 66 -10.97 -46.30 -11.49
CA MET K 66 -12.05 -46.40 -10.51
C MET K 66 -13.42 -46.19 -11.17
N HIS K 67 -13.44 -45.58 -12.34
CA HIS K 67 -14.70 -45.39 -13.05
C HIS K 67 -14.55 -45.79 -14.51
N GLN K 68 -14.10 -47.03 -14.74
CA GLN K 68 -14.30 -47.67 -16.03
C GLN K 68 -13.44 -47.08 -17.15
N GLY K 69 -13.06 -45.81 -17.04
CA GLY K 69 -12.37 -45.13 -18.12
C GLY K 69 -13.30 -44.10 -18.70
N HIS K 70 -14.42 -43.90 -17.99
CA HIS K 70 -15.39 -42.88 -18.33
C HIS K 70 -14.81 -41.52 -17.95
N LEU K 71 -14.52 -40.73 -18.98
CA LEU K 71 -13.84 -39.45 -18.82
C LEU K 71 -14.60 -38.49 -17.92
N VAL K 72 -15.86 -38.25 -18.28
CA VAL K 72 -16.66 -37.24 -17.60
C VAL K 72 -16.90 -37.56 -16.12
N LYS K 73 -17.33 -38.79 -15.84
CA LYS K 73 -17.58 -39.21 -14.46
C LYS K 73 -16.33 -39.14 -13.60
N ALA K 74 -15.22 -39.67 -14.12
CA ALA K 74 -13.96 -39.65 -13.40
C ALA K 74 -13.57 -38.23 -13.01
N ALA K 75 -13.86 -37.26 -13.88
CA ALA K 75 -13.59 -35.87 -13.60
C ALA K 75 -14.56 -35.30 -12.58
N VAL K 76 -15.84 -35.65 -12.71
CA VAL K 76 -16.88 -35.15 -11.80
C VAL K 76 -16.67 -35.65 -10.37
N GLU K 77 -16.29 -36.92 -10.25
CA GLU K 77 -15.98 -37.52 -8.96
C GLU K 77 -14.82 -36.77 -8.31
N LEU K 78 -13.81 -36.49 -9.10
CA LEU K 78 -12.63 -35.76 -8.63
C LEU K 78 -13.00 -34.37 -8.11
N ALA K 79 -14.04 -33.77 -8.69
CA ALA K 79 -14.51 -32.45 -8.27
C ALA K 79 -14.97 -32.44 -6.83
N LYS K 80 -15.38 -33.59 -6.34
CA LYS K 80 -15.78 -33.72 -4.95
C LYS K 80 -14.58 -33.91 -4.02
N ASP K 81 -13.63 -34.75 -4.45
CA ASP K 81 -12.40 -35.04 -3.71
C ASP K 81 -11.48 -33.84 -3.54
N TRP K 82 -11.76 -32.78 -4.27
CA TRP K 82 -10.96 -31.58 -4.17
C TRP K 82 -11.84 -30.49 -3.61
N ARG K 83 -12.92 -30.92 -3.01
CA ARG K 83 -13.87 -29.99 -2.46
C ARG K 83 -14.21 -30.48 -1.06
N ARG K 89 -6.39 -29.77 -0.85
CA ARG K 89 -7.27 -28.64 -1.05
C ARG K 89 -6.40 -27.40 -1.26
N LYS K 90 -5.10 -27.59 -1.10
CA LYS K 90 -4.10 -26.53 -1.23
C LYS K 90 -3.37 -26.65 -2.55
N LEU K 91 -4.09 -26.90 -3.63
CA LEU K 91 -3.45 -27.03 -4.93
C LEU K 91 -3.85 -25.89 -5.85
N GLU K 92 -2.90 -25.46 -6.67
CA GLU K 92 -3.16 -24.45 -7.67
C GLU K 92 -2.56 -24.88 -9.00
N ALA K 93 -3.42 -25.45 -9.82
CA ALA K 93 -3.03 -25.92 -11.15
C ALA K 93 -4.29 -26.06 -11.97
N LEU K 94 -4.12 -26.11 -13.29
CA LEU K 94 -5.23 -26.32 -14.20
C LEU K 94 -4.95 -27.55 -15.00
N LEU K 95 -6.01 -28.28 -15.33
CA LEU K 95 -5.85 -29.52 -16.04
C LEU K 95 -6.73 -29.57 -17.29
N ALA K 96 -6.11 -29.84 -18.42
CA ALA K 96 -6.87 -30.03 -19.65
C ALA K 96 -6.91 -31.51 -20.00
N VAL K 97 -8.11 -32.05 -20.14
CA VAL K 97 -8.29 -33.48 -20.32
C VAL K 97 -9.22 -33.77 -21.50
N ALA K 98 -8.85 -34.71 -22.35
CA ALA K 98 -9.67 -35.03 -23.51
C ALA K 98 -9.55 -36.50 -23.91
N ASP K 99 -10.64 -37.02 -24.45
CA ASP K 99 -10.62 -38.35 -25.08
C ASP K 99 -11.45 -38.35 -26.37
N GLU K 100 -11.83 -39.55 -26.79
CA GLU K 100 -12.65 -39.76 -27.96
C GLU K 100 -14.02 -39.10 -27.85
N THR K 101 -14.51 -38.98 -26.62
CA THR K 101 -15.89 -38.57 -26.37
C THR K 101 -16.05 -37.10 -26.03
N ALA K 102 -15.29 -36.62 -25.05
CA ALA K 102 -15.42 -35.25 -24.58
C ALA K 102 -14.07 -34.60 -24.29
N SER K 103 -14.12 -33.33 -23.93
CA SER K 103 -12.92 -32.57 -23.56
C SER K 103 -13.31 -31.65 -22.42
N LEU K 104 -12.52 -31.63 -21.35
CA LEU K 104 -12.85 -30.77 -20.21
C LEU K 104 -11.66 -30.13 -19.56
N ILE K 105 -11.97 -29.16 -18.71
CA ILE K 105 -10.99 -28.50 -17.88
C ILE K 105 -11.32 -28.78 -16.44
N ILE K 106 -10.28 -29.11 -15.68
CA ILE K 106 -10.42 -29.36 -14.24
C ILE K 106 -9.57 -28.34 -13.49
N THR K 107 -10.22 -27.49 -12.70
CA THR K 107 -9.54 -26.35 -12.08
C THR K 107 -9.23 -26.57 -10.61
N GLY K 108 -8.58 -25.57 -10.01
CA GLY K 108 -8.14 -25.62 -8.63
C GLY K 108 -9.22 -25.68 -7.58
N ASN K 109 -10.31 -24.93 -7.76
CA ASN K 109 -11.39 -24.91 -6.79
C ASN K 109 -12.17 -26.22 -6.81
N GLY K 110 -11.94 -27.01 -7.85
CA GLY K 110 -12.63 -28.27 -8.02
C GLY K 110 -13.77 -28.18 -9.02
N ASP K 111 -13.69 -27.20 -9.92
CA ASP K 111 -14.73 -27.05 -10.95
C ASP K 111 -14.39 -27.93 -12.14
N VAL K 112 -15.42 -28.33 -12.86
CA VAL K 112 -15.22 -29.03 -14.12
C VAL K 112 -15.95 -28.25 -15.19
N VAL K 113 -15.22 -27.86 -16.22
CA VAL K 113 -15.78 -26.95 -17.20
C VAL K 113 -15.74 -27.55 -18.61
N GLN K 114 -16.88 -27.53 -19.28
CA GLN K 114 -16.97 -27.94 -20.68
C GLN K 114 -16.80 -26.70 -21.55
N PRO K 115 -15.66 -26.58 -22.24
CA PRO K 115 -15.41 -25.47 -23.16
C PRO K 115 -16.45 -25.39 -24.27
N GLU K 116 -16.59 -24.22 -24.89
CA GLU K 116 -17.70 -23.96 -25.80
C GLU K 116 -17.74 -24.91 -26.99
N ASN K 117 -16.69 -24.94 -27.80
CA ASN K 117 -16.64 -25.86 -28.92
C ASN K 117 -15.53 -26.88 -28.75
N ASP K 118 -15.38 -27.35 -27.51
CA ASP K 118 -14.28 -28.24 -27.15
C ASP K 118 -12.94 -27.60 -27.44
N LEU K 119 -12.94 -26.26 -27.49
CA LEU K 119 -11.71 -25.50 -27.64
C LEU K 119 -11.22 -25.08 -26.27
N ILE K 120 -10.06 -25.59 -25.89
CA ILE K 120 -9.49 -25.28 -24.60
C ILE K 120 -8.22 -24.44 -24.75
N ALA K 121 -8.16 -23.34 -24.01
CA ALA K 121 -6.97 -22.49 -23.99
C ALA K 121 -6.76 -21.97 -22.58
N ILE K 122 -5.85 -22.59 -21.84
CA ILE K 122 -5.63 -22.21 -20.46
C ILE K 122 -4.16 -21.88 -20.24
N GLY K 123 -3.88 -21.16 -19.16
CA GLY K 123 -2.55 -20.68 -18.89
C GLY K 123 -2.47 -19.17 -19.04
N SER K 124 -1.29 -18.61 -18.80
CA SER K 124 -1.09 -17.17 -18.97
C SER K 124 -1.34 -16.74 -20.41
N GLY K 125 -0.85 -17.55 -21.35
CA GLY K 125 -1.00 -17.25 -22.77
C GLY K 125 -2.26 -17.84 -23.38
N GLY K 126 -3.09 -18.44 -22.53
CA GLY K 126 -4.36 -18.99 -22.96
C GLY K 126 -5.20 -18.16 -23.89
N PRO K 127 -5.54 -16.92 -23.49
CA PRO K 127 -6.47 -16.09 -24.28
C PRO K 127 -5.95 -15.80 -25.68
N TYR K 128 -4.64 -15.62 -25.82
CA TYR K 128 -4.06 -15.31 -27.11
C TYR K 128 -4.18 -16.53 -28.03
N ALA K 129 -3.97 -17.72 -27.47
CA ALA K 129 -4.11 -18.94 -28.25
C ALA K 129 -5.57 -19.14 -28.65
N GLN K 130 -6.48 -18.77 -27.75
CA GLN K 130 -7.91 -18.90 -28.00
C GLN K 130 -8.30 -18.05 -29.20
N ALA K 131 -7.76 -16.84 -29.26
CA ALA K 131 -8.07 -15.92 -30.33
C ALA K 131 -7.54 -16.44 -31.68
N ALA K 132 -6.32 -16.96 -31.70
CA ALA K 132 -5.74 -17.51 -32.90
C ALA K 132 -6.49 -18.76 -33.35
N ALA K 133 -6.83 -19.62 -32.38
CA ALA K 133 -7.50 -20.89 -32.67
C ALA K 133 -8.88 -20.63 -33.22
N ARG K 134 -9.64 -19.80 -32.51
CA ARG K 134 -10.98 -19.44 -32.93
C ARG K 134 -10.98 -18.88 -34.35
N ALA K 135 -9.96 -18.08 -34.68
CA ALA K 135 -9.85 -17.52 -36.01
C ALA K 135 -9.68 -18.63 -37.06
N LEU K 136 -8.67 -19.48 -36.85
CA LEU K 136 -8.35 -20.57 -37.77
C LEU K 136 -9.52 -21.53 -37.95
N LEU K 137 -10.19 -21.83 -36.84
CA LEU K 137 -11.32 -22.74 -36.82
C LEU K 137 -12.41 -22.23 -37.76
N GLU K 138 -12.74 -20.94 -37.61
CA GLU K 138 -13.89 -20.37 -38.30
C GLU K 138 -13.60 -19.86 -39.71
N ASN K 139 -12.34 -19.96 -40.14
CA ASN K 139 -11.93 -19.37 -41.42
C ASN K 139 -10.96 -20.20 -42.23
N THR K 140 -10.61 -21.38 -41.72
CA THR K 140 -9.78 -22.30 -42.49
C THR K 140 -10.32 -23.71 -42.40
N GLU K 141 -9.61 -24.60 -43.07
CA GLU K 141 -9.97 -26.00 -43.13
C GLU K 141 -8.80 -26.77 -42.57
N LEU K 142 -8.04 -26.11 -41.70
CA LEU K 142 -6.84 -26.71 -41.12
C LEU K 142 -7.23 -27.85 -40.19
N SER K 143 -6.27 -28.73 -39.95
CA SER K 143 -6.49 -29.84 -39.03
C SER K 143 -6.38 -29.37 -37.59
N ALA K 144 -6.96 -30.15 -36.68
CA ALA K 144 -6.93 -29.85 -35.25
C ALA K 144 -5.49 -29.73 -34.75
N ARG K 145 -4.58 -30.49 -35.35
CA ARG K 145 -3.18 -30.45 -34.95
C ARG K 145 -2.51 -29.19 -35.49
N GLU K 146 -2.82 -28.84 -36.73
CA GLU K 146 -2.24 -27.65 -37.35
C GLU K 146 -2.69 -26.40 -36.60
N ILE K 147 -3.98 -26.32 -36.29
CA ILE K 147 -4.54 -25.18 -35.58
C ILE K 147 -3.94 -25.01 -34.18
N ALA K 148 -3.89 -26.09 -33.41
CA ALA K 148 -3.33 -26.04 -32.07
C ALA K 148 -1.86 -25.63 -32.06
N GLU K 149 -1.09 -26.12 -33.02
CA GLU K 149 0.33 -25.83 -33.08
C GLU K 149 0.54 -24.35 -33.46
N LYS K 150 -0.23 -23.87 -34.42
CA LYS K 150 -0.09 -22.52 -34.92
C LYS K 150 -0.57 -21.50 -33.87
N ALA K 151 -1.59 -21.88 -33.10
CA ALA K 151 -2.11 -21.03 -32.04
C ALA K 151 -1.11 -20.94 -30.86
N LEU K 152 -0.39 -22.04 -30.61
CA LEU K 152 0.61 -22.11 -29.55
C LEU K 152 1.82 -21.23 -29.86
N ASP K 153 2.18 -21.13 -31.15
CA ASP K 153 3.32 -20.34 -31.57
C ASP K 153 3.02 -18.86 -31.38
N ILE K 154 1.81 -18.48 -31.76
CA ILE K 154 1.37 -17.10 -31.65
C ILE K 154 1.31 -16.70 -30.19
N ALA K 155 0.85 -17.60 -29.34
CA ALA K 155 0.78 -17.36 -27.92
C ALA K 155 2.19 -17.16 -27.32
N GLY K 156 3.14 -17.98 -27.78
CA GLY K 156 4.51 -17.89 -27.33
C GLY K 156 5.18 -16.61 -27.81
N ASP K 157 4.74 -16.13 -28.97
CA ASP K 157 5.25 -14.89 -29.53
C ASP K 157 4.76 -13.69 -28.74
N ILE K 158 3.55 -13.81 -28.20
CA ILE K 158 2.93 -12.71 -27.49
C ILE K 158 3.16 -12.81 -25.98
N CYS K 159 2.92 -14.00 -25.40
CA CYS K 159 3.09 -14.15 -23.95
C CYS K 159 4.57 -14.26 -23.57
N ILE K 160 4.93 -13.43 -22.59
CA ILE K 160 6.27 -13.35 -22.06
C ILE K 160 6.58 -14.65 -21.32
N TYR K 161 5.51 -15.32 -20.88
CA TYR K 161 5.60 -16.49 -20.03
C TYR K 161 5.32 -17.77 -20.80
N THR K 162 5.31 -17.68 -22.11
CA THR K 162 5.14 -18.84 -22.95
C THR K 162 6.25 -18.89 -24.02
N ASN K 163 6.79 -20.09 -24.24
CA ASN K 163 7.89 -20.23 -25.22
C ASN K 163 7.51 -21.04 -26.47
N HIS K 164 8.52 -21.50 -27.19
CA HIS K 164 8.27 -22.14 -28.47
C HIS K 164 8.67 -23.61 -28.47
N PHE K 165 8.89 -24.14 -27.27
CA PHE K 165 9.06 -25.57 -27.12
C PHE K 165 7.67 -26.21 -27.14
N HIS K 166 7.49 -27.27 -27.93
CA HIS K 166 6.15 -27.87 -28.02
C HIS K 166 6.13 -29.32 -27.57
N THR K 167 5.04 -29.69 -26.91
CA THR K 167 4.71 -31.09 -26.67
C THR K 167 3.29 -31.26 -27.18
N ILE K 168 3.11 -32.16 -28.16
CA ILE K 168 1.79 -32.35 -28.76
C ILE K 168 1.36 -33.81 -28.70
N GLU K 169 0.16 -34.05 -28.19
CA GLU K 169 -0.40 -35.40 -28.22
C GLU K 169 -1.72 -35.41 -28.98
N GLU K 170 -1.80 -36.28 -29.98
CA GLU K 170 -2.96 -36.36 -30.85
C GLU K 170 -3.71 -37.67 -30.60
N LEU K 171 -4.99 -37.68 -30.96
CA LEU K 171 -5.83 -38.83 -30.73
C LEU K 171 -6.76 -39.03 -31.92
N SER K 172 -6.51 -40.07 -32.69
CA SER K 172 -7.36 -40.37 -33.82
C SER K 172 -8.48 -41.30 -33.42
N TYR K 173 -9.69 -40.94 -33.82
CA TYR K 173 -10.77 -41.85 -33.65
C TYR K 173 -11.65 -41.63 -34.86
N LYS K 174 -12.90 -41.60 -34.58
CA LYS K 174 -13.83 -41.77 -35.57
C LYS K 174 -14.67 -40.47 -35.71
N THR L 1 -21.62 -11.30 -13.13
CA THR L 1 -22.78 -12.07 -13.59
C THR L 1 -24.08 -11.46 -13.09
N THR L 2 -25.21 -11.92 -13.62
CA THR L 2 -26.51 -11.42 -13.18
C THR L 2 -27.64 -12.48 -13.12
N ILE L 3 -28.29 -12.56 -11.96
CA ILE L 3 -29.45 -13.45 -11.81
C ILE L 3 -30.69 -12.64 -11.41
N VAL L 4 -31.76 -12.78 -12.19
CA VAL L 4 -33.00 -12.05 -11.91
C VAL L 4 -34.15 -13.01 -11.63
N SER L 5 -34.98 -12.67 -10.64
CA SER L 5 -36.19 -13.42 -10.40
C SER L 5 -37.40 -12.49 -10.25
N VAL L 6 -38.44 -12.77 -11.03
CA VAL L 6 -39.65 -11.97 -11.00
C VAL L 6 -40.84 -12.89 -10.78
N ARG L 7 -41.79 -12.44 -9.95
CA ARG L 7 -43.01 -13.21 -9.72
C ARG L 7 -44.23 -12.35 -10.03
N ARG L 8 -45.13 -12.87 -10.86
CA ARG L 8 -46.30 -12.11 -11.27
C ARG L 8 -47.38 -13.01 -11.90
N ASN L 9 -48.59 -12.93 -11.34
CA ASN L 9 -49.77 -13.63 -11.86
C ASN L 9 -49.67 -15.16 -11.89
N GLY L 10 -49.29 -15.76 -10.76
CA GLY L 10 -49.14 -17.21 -10.69
C GLY L 10 -47.99 -17.75 -11.51
N HIS L 11 -47.05 -16.87 -11.88
CA HIS L 11 -45.81 -17.28 -12.52
C HIS L 11 -44.62 -16.77 -11.72
N VAL L 12 -43.53 -17.52 -11.78
CA VAL L 12 -42.26 -17.06 -11.22
C VAL L 12 -41.13 -17.58 -12.10
N VAL L 13 -40.18 -16.70 -12.40
CA VAL L 13 -39.06 -17.09 -13.25
C VAL L 13 -37.72 -16.75 -12.63
N ILE L 14 -36.67 -17.42 -13.10
CA ILE L 14 -35.32 -17.03 -12.79
C ILE L 14 -34.52 -17.00 -14.07
N ALA L 15 -33.84 -15.88 -14.31
CA ALA L 15 -33.04 -15.70 -15.51
C ALA L 15 -31.59 -15.37 -15.14
N GLY L 16 -30.64 -15.93 -15.88
CA GLY L 16 -29.24 -15.66 -15.63
C GLY L 16 -28.43 -15.57 -16.90
N ASP L 17 -27.34 -14.81 -16.87
CA ASP L 17 -26.46 -14.74 -18.03
C ASP L 17 -25.55 -15.98 -18.12
N GLY L 18 -24.53 -15.92 -18.95
CA GLY L 18 -23.66 -17.08 -19.13
C GLY L 18 -22.19 -16.74 -19.12
N GLN L 19 -21.86 -15.52 -18.69
CA GLN L 19 -20.49 -15.06 -18.71
C GLN L 19 -19.65 -15.53 -17.53
N ALA L 20 -18.48 -16.09 -17.83
CA ALA L 20 -17.49 -16.45 -16.82
C ALA L 20 -16.24 -15.64 -17.09
N THR L 21 -15.86 -14.81 -16.12
CA THR L 21 -14.78 -13.87 -16.34
C THR L 21 -13.55 -14.20 -15.51
N LEU L 22 -12.38 -14.19 -16.15
CA LEU L 22 -11.13 -14.38 -15.45
C LEU L 22 -10.23 -13.18 -15.73
N GLY L 23 -10.10 -12.29 -14.76
CA GLY L 23 -9.34 -11.07 -14.95
C GLY L 23 -10.17 -10.08 -15.73
N ASN L 24 -9.80 -9.85 -16.98
CA ASN L 24 -10.55 -8.98 -17.86
C ASN L 24 -10.96 -9.76 -19.11
N THR L 25 -10.78 -11.07 -19.04
CA THR L 25 -11.02 -11.94 -20.18
C THR L 25 -12.21 -12.85 -19.96
N VAL L 26 -12.92 -13.17 -21.03
CA VAL L 26 -14.02 -14.13 -20.94
C VAL L 26 -13.54 -15.56 -21.17
N MET L 27 -13.65 -16.37 -20.13
CA MET L 27 -13.31 -17.77 -20.19
C MET L 27 -14.38 -18.51 -20.98
N LYS L 28 -15.63 -18.25 -20.64
CA LYS L 28 -16.76 -18.99 -21.19
C LYS L 28 -17.94 -18.03 -21.27
N GLY L 29 -18.79 -18.20 -22.29
CA GLY L 29 -19.93 -17.30 -22.47
C GLY L 29 -21.29 -18.00 -22.42
N ASN L 30 -21.30 -19.30 -22.16
CA ASN L 30 -22.54 -20.06 -22.19
C ASN L 30 -22.73 -20.87 -20.91
N VAL L 31 -22.31 -20.31 -19.78
CA VAL L 31 -22.51 -20.97 -18.50
C VAL L 31 -24.00 -21.08 -18.19
N LYS L 32 -24.40 -22.26 -17.74
CA LYS L 32 -25.76 -22.47 -17.28
C LYS L 32 -25.87 -22.10 -15.80
N LYS L 33 -26.51 -20.98 -15.51
CA LYS L 33 -26.56 -20.49 -14.14
C LYS L 33 -27.93 -20.71 -13.50
N VAL L 34 -28.85 -21.31 -14.25
CA VAL L 34 -30.21 -21.54 -13.75
C VAL L 34 -30.63 -22.98 -14.03
N ARG L 35 -31.16 -23.65 -13.01
CA ARG L 35 -31.62 -25.04 -13.14
C ARG L 35 -32.93 -25.28 -12.44
N ARG L 36 -33.47 -26.46 -12.67
CA ARG L 36 -34.64 -26.94 -11.96
C ARG L 36 -34.24 -27.99 -10.94
N LEU L 37 -35.01 -28.10 -9.87
CA LEU L 37 -34.74 -29.08 -8.83
C LEU L 37 -36.01 -29.80 -8.44
N TYR L 38 -35.86 -30.73 -7.50
CA TYR L 38 -36.97 -31.41 -6.83
C TYR L 38 -38.15 -31.74 -7.72
N ASN L 39 -37.93 -32.65 -8.66
CA ASN L 39 -38.94 -33.00 -9.63
C ASN L 39 -39.48 -31.80 -10.39
N ASP L 40 -38.59 -30.87 -10.70
CA ASP L 40 -38.90 -29.75 -11.56
C ASP L 40 -40.08 -28.90 -11.10
N LYS L 41 -40.20 -28.68 -9.80
CA LYS L 41 -41.18 -27.71 -9.31
C LYS L 41 -40.47 -26.74 -8.39
N VAL L 42 -39.15 -26.76 -8.47
CA VAL L 42 -38.31 -25.78 -7.80
C VAL L 42 -37.24 -25.29 -8.77
N ILE L 43 -37.10 -23.97 -8.88
CA ILE L 43 -36.08 -23.40 -9.76
C ILE L 43 -35.03 -22.63 -8.97
N ALA L 44 -33.79 -22.69 -9.43
CA ALA L 44 -32.68 -22.03 -8.74
C ALA L 44 -31.65 -21.38 -9.69
N GLY L 45 -31.09 -20.26 -9.26
CA GLY L 45 -30.04 -19.60 -10.02
C GLY L 45 -28.90 -19.24 -9.10
N PHE L 46 -27.67 -19.27 -9.62
CA PHE L 46 -26.51 -19.00 -8.76
C PHE L 46 -25.59 -17.94 -9.35
N ALA L 47 -24.82 -17.31 -8.46
CA ALA L 47 -23.82 -16.34 -8.84
C ALA L 47 -22.54 -16.61 -8.03
N GLY L 48 -21.41 -16.73 -8.71
CA GLY L 48 -20.15 -17.02 -8.05
C GLY L 48 -19.35 -18.11 -8.74
N GLY L 49 -18.48 -18.78 -7.97
CA GLY L 49 -17.70 -19.88 -8.49
C GLY L 49 -18.57 -21.10 -8.78
N THR L 50 -18.28 -21.80 -9.88
CA THR L 50 -19.10 -22.93 -10.28
C THR L 50 -19.09 -24.04 -9.24
N ALA L 51 -17.98 -24.14 -8.51
CA ALA L 51 -17.83 -25.18 -7.51
C ALA L 51 -18.66 -24.92 -6.27
N ASP L 52 -18.37 -23.82 -5.59
CA ASP L 52 -19.02 -23.46 -4.34
C ASP L 52 -20.53 -23.43 -4.47
N ALA L 53 -21.00 -22.99 -5.63
CA ALA L 53 -22.43 -22.89 -5.89
C ALA L 53 -23.02 -24.27 -6.13
N PHE L 54 -22.23 -25.15 -6.73
CA PHE L 54 -22.70 -26.50 -7.01
C PHE L 54 -22.75 -27.31 -5.73
N THR L 55 -21.87 -26.95 -4.80
CA THR L 55 -21.90 -27.48 -3.46
C THR L 55 -23.24 -27.15 -2.84
N LEU L 56 -23.60 -25.87 -2.95
CA LEU L 56 -24.84 -25.33 -2.40
C LEU L 56 -26.07 -26.01 -2.97
N PHE L 57 -26.02 -26.38 -4.24
CA PHE L 57 -27.13 -27.07 -4.88
C PHE L 57 -27.48 -28.36 -4.17
N GLU L 58 -26.52 -29.28 -4.16
CA GLU L 58 -26.67 -30.57 -3.53
C GLU L 58 -27.01 -30.40 -2.08
N LEU L 59 -26.30 -29.47 -1.44
CA LEU L 59 -26.49 -29.20 -0.03
C LEU L 59 -27.89 -28.68 0.24
N PHE L 60 -28.45 -28.00 -0.77
CA PHE L 60 -29.79 -27.46 -0.67
C PHE L 60 -30.82 -28.49 -1.15
N GLU L 61 -30.52 -29.16 -2.26
CA GLU L 61 -31.42 -30.16 -2.81
C GLU L 61 -31.61 -31.29 -1.80
N ARG L 62 -30.59 -31.51 -0.99
CA ARG L 62 -30.64 -32.51 0.07
C ARG L 62 -31.70 -32.13 1.09
N LYS L 63 -31.57 -30.93 1.64
CA LYS L 63 -32.48 -30.39 2.64
C LYS L 63 -33.93 -30.33 2.16
N LEU L 64 -34.12 -30.26 0.84
CA LEU L 64 -35.46 -30.25 0.26
C LEU L 64 -36.17 -31.57 0.49
N GLU L 65 -35.49 -32.67 0.16
CA GLU L 65 -35.99 -34.00 0.43
C GLU L 65 -36.08 -34.21 1.93
N MET L 66 -34.99 -33.89 2.62
CA MET L 66 -34.90 -34.02 4.08
C MET L 66 -36.00 -33.25 4.79
N HIS L 67 -36.59 -32.29 4.10
CA HIS L 67 -37.69 -31.51 4.65
C HIS L 67 -38.85 -31.42 3.71
N GLN L 68 -39.33 -32.57 3.23
CA GLN L 68 -40.64 -32.65 2.61
C GLN L 68 -40.71 -31.97 1.25
N GLY L 69 -39.82 -30.98 1.05
CA GLY L 69 -39.68 -30.13 -0.12
C GLY L 69 -40.28 -28.77 0.21
N HIS L 70 -40.42 -28.55 1.50
CA HIS L 70 -40.78 -27.25 2.04
C HIS L 70 -39.60 -26.31 1.76
N LEU L 71 -39.83 -25.34 0.89
CA LEU L 71 -38.78 -24.44 0.43
C LEU L 71 -38.13 -23.66 1.54
N VAL L 72 -38.94 -22.97 2.34
CA VAL L 72 -38.44 -22.07 3.37
C VAL L 72 -37.64 -22.82 4.45
N LYS L 73 -38.22 -23.89 5.00
CA LYS L 73 -37.54 -24.68 6.03
C LYS L 73 -36.22 -25.26 5.55
N ALA L 74 -36.23 -25.84 4.36
CA ALA L 74 -35.03 -26.43 3.76
C ALA L 74 -33.91 -25.40 3.68
N ALA L 75 -34.27 -24.16 3.35
CA ALA L 75 -33.32 -23.07 3.28
C ALA L 75 -32.85 -22.63 4.66
N VAL L 76 -33.77 -22.54 5.60
CA VAL L 76 -33.47 -22.14 6.97
C VAL L 76 -32.52 -23.13 7.67
N GLU L 77 -32.80 -24.41 7.49
CA GLU L 77 -31.95 -25.48 8.02
C GLU L 77 -30.53 -25.36 7.46
N LEU L 78 -30.44 -25.12 6.17
CA LEU L 78 -29.16 -24.95 5.49
C LEU L 78 -28.37 -23.79 6.07
N ALA L 79 -29.08 -22.77 6.55
CA ALA L 79 -28.45 -21.59 7.14
C ALA L 79 -27.65 -21.94 8.37
N LYS L 80 -28.03 -23.04 9.02
CA LYS L 80 -27.29 -23.51 10.17
C LYS L 80 -26.06 -24.33 9.76
N ASP L 81 -26.25 -25.20 8.76
CA ASP L 81 -25.18 -26.05 8.23
C ASP L 81 -24.04 -25.30 7.58
N TRP L 82 -24.25 -24.00 7.35
CA TRP L 82 -23.23 -23.19 6.74
C TRP L 82 -22.80 -22.16 7.75
N ARG L 83 -23.13 -22.46 9.00
CA ARG L 83 -22.82 -21.55 10.06
C ARG L 83 -22.21 -22.37 11.18
N ARG L 89 -18.52 -23.63 5.30
CA ARG L 89 -18.49 -22.60 6.31
C ARG L 89 -17.84 -21.36 5.70
N LYS L 90 -17.42 -21.50 4.45
CA LYS L 90 -16.62 -20.51 3.75
C LYS L 90 -17.25 -20.06 2.41
N LEU L 91 -17.46 -21.04 1.53
CA LEU L 91 -18.15 -20.89 0.26
C LEU L 91 -18.47 -19.49 -0.14
N GLU L 92 -18.04 -19.06 -1.33
CA GLU L 92 -18.46 -17.74 -1.74
C GLU L 92 -19.29 -17.82 -3.00
N ALA L 93 -20.60 -17.80 -2.81
CA ALA L 93 -21.55 -17.89 -3.89
C ALA L 93 -22.88 -17.39 -3.37
N LEU L 94 -23.77 -17.03 -4.29
CA LEU L 94 -25.10 -16.61 -3.93
C LEU L 94 -26.09 -17.53 -4.61
N LEU L 95 -27.23 -17.75 -3.96
CA LEU L 95 -28.20 -18.68 -4.50
C LEU L 95 -29.57 -18.04 -4.53
N ALA L 96 -30.20 -18.05 -5.70
CA ALA L 96 -31.57 -17.59 -5.81
C ALA L 96 -32.48 -18.80 -5.97
N VAL L 97 -33.48 -18.90 -5.10
CA VAL L 97 -34.32 -20.09 -5.03
C VAL L 97 -35.79 -19.67 -4.98
N ALA L 98 -36.62 -20.33 -5.80
CA ALA L 98 -38.04 -20.01 -5.82
C ALA L 98 -38.91 -21.21 -6.12
N ASP L 99 -40.12 -21.20 -5.57
CA ASP L 99 -41.14 -22.17 -5.93
C ASP L 99 -42.51 -21.52 -6.03
N GLU L 100 -43.55 -22.35 -5.96
CA GLU L 100 -44.92 -21.91 -6.00
C GLU L 100 -45.29 -20.98 -4.84
N THR L 101 -44.60 -21.15 -3.71
CA THR L 101 -44.97 -20.50 -2.47
C THR L 101 -44.16 -19.25 -2.16
N ALA L 102 -42.84 -19.38 -2.20
CA ALA L 102 -41.97 -18.27 -1.83
C ALA L 102 -40.76 -18.14 -2.76
N SER L 103 -39.98 -17.10 -2.53
CA SER L 103 -38.74 -16.86 -3.27
C SER L 103 -37.71 -16.32 -2.28
N LEU L 104 -36.50 -16.88 -2.29
CA LEU L 104 -35.48 -16.41 -1.37
C LEU L 104 -34.09 -16.38 -1.95
N ILE L 105 -33.21 -15.71 -1.21
CA ILE L 105 -31.80 -15.69 -1.52
C ILE L 105 -31.04 -16.36 -0.38
N ILE L 106 -30.10 -17.23 -0.74
CA ILE L 106 -29.23 -17.88 0.21
C ILE L 106 -27.79 -17.47 -0.02
N THR L 107 -27.19 -16.80 0.97
CA THR L 107 -25.89 -16.18 0.75
C THR L 107 -24.74 -16.97 1.39
N GLY L 108 -23.54 -16.44 1.23
CA GLY L 108 -22.32 -17.08 1.69
C GLY L 108 -22.16 -17.20 3.20
N ASN L 109 -22.52 -16.16 3.94
CA ASN L 109 -22.39 -16.19 5.37
C ASN L 109 -23.39 -17.15 6.01
N GLY L 110 -24.39 -17.54 5.23
CA GLY L 110 -25.42 -18.43 5.70
C GLY L 110 -26.70 -17.69 6.02
N ASP L 111 -26.90 -16.52 5.40
CA ASP L 111 -28.13 -15.77 5.62
C ASP L 111 -29.19 -16.25 4.65
N VAL L 112 -30.43 -16.08 5.03
CA VAL L 112 -31.55 -16.33 4.16
C VAL L 112 -32.36 -15.05 4.08
N VAL L 113 -32.54 -14.54 2.87
CA VAL L 113 -33.16 -13.23 2.70
C VAL L 113 -34.42 -13.32 1.86
N GLN L 114 -35.50 -12.72 2.36
CA GLN L 114 -36.74 -12.60 1.61
C GLN L 114 -36.75 -11.24 0.93
N PRO L 115 -36.61 -11.21 -0.40
CA PRO L 115 -36.65 -9.97 -1.17
C PRO L 115 -37.96 -9.23 -0.99
N GLU L 116 -37.98 -7.93 -1.27
CA GLU L 116 -39.11 -7.07 -0.93
C GLU L 116 -40.42 -7.50 -1.59
N ASN L 117 -40.45 -7.54 -2.91
CA ASN L 117 -41.65 -8.00 -3.62
C ASN L 117 -41.38 -9.29 -4.37
N ASP L 118 -40.62 -10.18 -3.73
CA ASP L 118 -40.13 -11.39 -4.38
C ASP L 118 -39.34 -11.06 -5.64
N LEU L 119 -38.80 -9.85 -5.69
CA LEU L 119 -37.93 -9.46 -6.80
C LEU L 119 -36.49 -9.69 -6.39
N ILE L 120 -35.82 -10.61 -7.09
CA ILE L 120 -34.43 -10.92 -6.77
C ILE L 120 -33.51 -10.47 -7.90
N ALA L 121 -32.46 -9.74 -7.51
CA ALA L 121 -31.45 -9.31 -8.47
C ALA L 121 -30.08 -9.38 -7.80
N ILE L 122 -29.34 -10.45 -8.06
CA ILE L 122 -28.05 -10.62 -7.43
C ILE L 122 -26.97 -10.78 -8.50
N GLY L 123 -25.72 -10.58 -8.09
CA GLY L 123 -24.61 -10.64 -9.01
C GLY L 123 -24.00 -9.27 -9.18
N SER L 124 -22.98 -9.18 -10.01
CA SER L 124 -22.35 -7.90 -10.29
C SER L 124 -23.33 -6.95 -10.96
N GLY L 125 -24.11 -7.48 -11.89
CA GLY L 125 -25.08 -6.68 -12.62
C GLY L 125 -26.45 -6.64 -11.97
N GLY L 126 -26.55 -7.26 -10.79
CA GLY L 126 -27.77 -7.25 -10.01
C GLY L 126 -28.53 -5.94 -9.92
N PRO L 127 -27.86 -4.87 -9.43
CA PRO L 127 -28.57 -3.62 -9.17
C PRO L 127 -29.20 -3.01 -10.44
N TYR L 128 -28.53 -3.17 -11.57
CA TYR L 128 -29.02 -2.60 -12.82
C TYR L 128 -30.27 -3.34 -13.26
N ALA L 129 -30.29 -4.65 -13.06
CA ALA L 129 -31.46 -5.46 -13.40
C ALA L 129 -32.60 -5.13 -12.45
N GLN L 130 -32.25 -4.80 -11.20
CA GLN L 130 -33.25 -4.44 -10.21
C GLN L 130 -33.96 -3.17 -10.61
N ALA L 131 -33.19 -2.22 -11.12
CA ALA L 131 -33.73 -0.94 -11.53
C ALA L 131 -34.67 -1.10 -12.73
N ALA L 132 -34.25 -1.88 -13.72
CA ALA L 132 -35.07 -2.13 -14.89
C ALA L 132 -36.34 -2.91 -14.53
N ALA L 133 -36.18 -3.92 -13.68
CA ALA L 133 -37.31 -4.77 -13.31
C ALA L 133 -38.34 -3.96 -12.55
N ARG L 134 -37.86 -3.23 -11.53
CA ARG L 134 -38.71 -2.40 -10.69
C ARG L 134 -39.49 -1.42 -11.54
N ALA L 135 -38.85 -0.88 -12.56
CA ALA L 135 -39.51 0.06 -13.44
C ALA L 135 -40.65 -0.64 -14.18
N LEU L 136 -40.32 -1.74 -14.86
CA LEU L 136 -41.28 -2.49 -15.64
C LEU L 136 -42.46 -2.95 -14.80
N LEU L 137 -42.15 -3.44 -13.61
CA LEU L 137 -43.15 -3.93 -12.67
C LEU L 137 -44.18 -2.87 -12.38
N GLU L 138 -43.71 -1.66 -12.08
CA GLU L 138 -44.57 -0.61 -11.54
C GLU L 138 -45.21 0.24 -12.63
N ASN L 139 -44.88 -0.08 -13.89
CA ASN L 139 -45.30 0.78 -15.00
C ASN L 139 -45.74 0.08 -16.27
N THR L 140 -45.71 -1.24 -16.23
CA THR L 140 -46.25 -2.04 -17.30
C THR L 140 -47.12 -3.18 -16.80
N GLU L 141 -47.62 -3.93 -17.77
CA GLU L 141 -48.47 -5.09 -17.49
C GLU L 141 -47.77 -6.30 -18.08
N LEU L 142 -46.44 -6.20 -18.18
CA LEU L 142 -45.65 -7.29 -18.76
C LEU L 142 -45.67 -8.53 -17.88
N SER L 143 -45.36 -9.66 -18.47
CA SER L 143 -45.31 -10.90 -17.73
C SER L 143 -44.00 -11.02 -16.97
N ALA L 144 -44.00 -11.84 -15.93
CA ALA L 144 -42.82 -12.08 -15.12
C ALA L 144 -41.64 -12.56 -15.97
N ARG L 145 -41.93 -13.28 -17.06
CA ARG L 145 -40.87 -13.78 -17.92
C ARG L 145 -40.35 -12.66 -18.82
N GLU L 146 -41.26 -11.83 -19.32
CA GLU L 146 -40.88 -10.71 -20.17
C GLU L 146 -40.02 -9.72 -19.38
N ILE L 147 -40.45 -9.41 -18.15
CA ILE L 147 -39.74 -8.48 -17.30
C ILE L 147 -38.32 -8.95 -16.95
N ALA L 148 -38.22 -10.19 -16.53
CA ALA L 148 -36.92 -10.75 -16.17
C ALA L 148 -35.95 -10.77 -17.35
N GLU L 149 -36.45 -11.11 -18.53
CA GLU L 149 -35.60 -11.21 -19.70
C GLU L 149 -35.11 -9.82 -20.12
N LYS L 150 -36.02 -8.85 -20.11
CA LYS L 150 -35.70 -7.49 -20.54
C LYS L 150 -34.76 -6.80 -19.56
N ALA L 151 -34.88 -7.16 -18.27
CA ALA L 151 -34.03 -6.59 -17.24
C ALA L 151 -32.61 -7.17 -17.34
N LEU L 152 -32.53 -8.45 -17.72
CA LEU L 152 -31.26 -9.16 -17.88
C LEU L 152 -30.47 -8.62 -19.07
N ASP L 153 -31.18 -8.21 -20.13
CA ASP L 153 -30.51 -7.63 -21.31
C ASP L 153 -29.87 -6.29 -20.97
N ILE L 154 -30.63 -5.45 -20.27
CA ILE L 154 -30.17 -4.14 -19.87
C ILE L 154 -28.96 -4.27 -18.95
N ALA L 155 -29.02 -5.25 -18.04
CA ALA L 155 -27.91 -5.51 -17.12
C ALA L 155 -26.66 -5.93 -17.91
N GLY L 156 -26.87 -6.76 -18.93
CA GLY L 156 -25.77 -7.23 -19.77
C GLY L 156 -25.19 -6.10 -20.59
N ASP L 157 -26.05 -5.14 -20.94
CA ASP L 157 -25.64 -3.97 -21.71
C ASP L 157 -24.78 -3.04 -20.86
N ILE L 158 -25.09 -2.97 -19.57
CA ILE L 158 -24.40 -2.06 -18.66
C ILE L 158 -23.24 -2.74 -17.93
N CYS L 159 -23.49 -3.92 -17.35
CA CYS L 159 -22.42 -4.61 -16.65
C CYS L 159 -21.40 -5.24 -17.60
N ILE L 160 -20.13 -4.92 -17.34
CA ILE L 160 -18.99 -5.44 -18.09
C ILE L 160 -18.86 -6.94 -17.85
N TYR L 161 -19.39 -7.39 -16.71
CA TYR L 161 -19.25 -8.76 -16.27
C TYR L 161 -20.53 -9.58 -16.50
N THR L 162 -21.42 -9.03 -17.32
CA THR L 162 -22.64 -9.73 -17.65
C THR L 162 -22.85 -9.72 -19.15
N ASN L 163 -23.24 -10.86 -19.71
CA ASN L 163 -23.44 -10.95 -21.15
C ASN L 163 -24.91 -11.14 -21.60
N HIS L 164 -25.10 -11.62 -22.83
CA HIS L 164 -26.44 -11.70 -23.39
C HIS L 164 -26.87 -13.12 -23.68
N PHE L 165 -26.14 -14.06 -23.12
CA PHE L 165 -26.56 -15.46 -23.12
C PHE L 165 -27.58 -15.64 -22.00
N HIS L 166 -28.71 -16.27 -22.30
CA HIS L 166 -29.76 -16.39 -21.29
C HIS L 166 -30.09 -17.84 -20.96
N THR L 167 -30.34 -18.09 -19.67
CA THR L 167 -30.97 -19.34 -19.26
C THR L 167 -32.18 -18.94 -18.42
N ILE L 168 -33.36 -19.32 -18.87
CA ILE L 168 -34.58 -18.95 -18.16
C ILE L 168 -35.41 -20.16 -17.77
N GLU L 169 -35.77 -20.23 -16.50
CA GLU L 169 -36.68 -21.28 -16.04
C GLU L 169 -37.95 -20.67 -15.44
N GLU L 170 -39.10 -21.11 -15.95
CA GLU L 170 -40.38 -20.54 -15.53
C GLU L 170 -41.15 -21.58 -14.76
N LEU L 171 -42.11 -21.11 -13.96
CA LEU L 171 -42.90 -22.00 -13.12
C LEU L 171 -44.35 -21.51 -13.09
N SER L 172 -45.24 -22.26 -13.72
CA SER L 172 -46.65 -21.89 -13.71
C SER L 172 -47.38 -22.55 -12.55
N TYR L 173 -48.20 -21.77 -11.87
CA TYR L 173 -49.04 -22.31 -10.83
C TYR L 173 -50.32 -21.50 -10.75
N LYS L 174 -50.91 -21.47 -9.56
CA LYS L 174 -52.18 -20.84 -9.34
C LYS L 174 -51.99 -19.37 -8.97
#